data_2KVO
#
_entry.id   2KVO
#
_entity_poly.entity_id   1
_entity_poly.type   'polypeptide(L)'
_entity_poly.pdbx_seq_one_letter_code
;MAEIQFSKGVAETVVPEVRLSKSKNGQSGMAKFYFLEPTILAKESTDDITGMYLIDDEGEIITREVKGKFINGRPTAIEA
TVILNSQPEWDRFMRFMERYGAENGLGFSKSELEHHHHHH
;
_entity_poly.pdbx_strand_id   A
#
# COMPACT_ATOMS: atom_id res chain seq x y z
N MET A 1 -4.80 -5.51 13.89
CA MET A 1 -4.77 -4.03 14.04
C MET A 1 -3.92 -3.45 12.92
N ALA A 2 -3.58 -4.26 11.95
CA ALA A 2 -2.74 -3.77 10.83
C ALA A 2 -3.52 -2.75 10.00
N GLU A 3 -2.88 -1.66 9.63
CA GLU A 3 -3.58 -0.62 8.82
C GLU A 3 -2.55 0.19 8.03
N ILE A 4 -2.99 0.90 7.03
CA ILE A 4 -2.07 1.73 6.20
C ILE A 4 -2.32 3.22 6.52
N GLN A 5 -1.28 3.96 6.79
CA GLN A 5 -1.44 5.41 7.11
C GLN A 5 -0.49 6.24 6.25
N PHE A 6 -0.98 7.32 5.69
CA PHE A 6 -0.12 8.20 4.83
C PHE A 6 0.43 9.35 5.68
N SER A 7 -0.07 9.51 6.88
CA SER A 7 0.42 10.60 7.76
C SER A 7 0.29 10.17 9.23
N LYS A 8 0.24 8.89 9.46
CA LYS A 8 0.12 8.37 10.86
C LYS A 8 -1.12 8.94 11.54
N GLY A 9 -2.02 8.08 11.96
CA GLY A 9 -3.26 8.54 12.65
C GLY A 9 -4.41 8.57 11.65
N VAL A 10 -4.12 8.54 10.38
CA VAL A 10 -5.20 8.57 9.36
C VAL A 10 -5.46 7.15 8.85
N ALA A 11 -6.46 6.50 9.39
CA ALA A 11 -6.78 5.11 8.97
C ALA A 11 -7.46 5.13 7.59
N GLU A 12 -7.00 4.30 6.68
CA GLU A 12 -7.61 4.25 5.32
C GLU A 12 -8.35 2.93 5.14
N THR A 13 -9.62 3.00 4.83
CA THR A 13 -10.43 1.77 4.63
C THR A 13 -10.40 1.41 3.14
N VAL A 14 -9.77 2.23 2.34
CA VAL A 14 -9.69 1.96 0.87
C VAL A 14 -9.18 0.53 0.63
N VAL A 15 -9.47 -0.03 -0.52
CA VAL A 15 -9.02 -1.42 -0.85
C VAL A 15 -8.04 -1.38 -2.03
N PRO A 16 -6.79 -1.08 -1.77
CA PRO A 16 -5.74 -1.03 -2.84
C PRO A 16 -5.26 -2.42 -3.26
N GLU A 17 -4.81 -2.56 -4.48
CA GLU A 17 -4.34 -3.89 -4.95
C GLU A 17 -2.86 -4.05 -4.60
N VAL A 18 -2.42 -5.28 -4.43
CA VAL A 18 -0.99 -5.54 -4.08
C VAL A 18 -0.35 -6.38 -5.19
N ARG A 19 0.78 -5.94 -5.68
CA ARG A 19 1.50 -6.70 -6.75
C ARG A 19 2.96 -6.83 -6.36
N LEU A 20 3.58 -7.93 -6.73
CA LEU A 20 5.01 -8.13 -6.38
C LEU A 20 5.88 -7.87 -7.61
N SER A 21 7.00 -7.24 -7.42
CA SER A 21 7.91 -6.95 -8.57
C SER A 21 9.35 -6.87 -8.08
N LYS A 22 10.29 -6.88 -9.00
CA LYS A 22 11.73 -6.82 -8.62
C LYS A 22 12.28 -5.42 -8.91
N SER A 23 13.44 -5.13 -8.40
CA SER A 23 14.05 -3.79 -8.62
C SER A 23 14.45 -3.61 -10.09
N LYS A 24 14.84 -2.42 -10.45
CA LYS A 24 15.24 -2.16 -11.86
C LYS A 24 16.47 -3.00 -12.20
N ASN A 25 17.39 -3.14 -11.29
CA ASN A 25 18.61 -3.96 -11.56
C ASN A 25 18.33 -5.41 -11.17
N GLY A 26 17.15 -5.68 -10.65
CA GLY A 26 16.81 -7.08 -10.26
C GLY A 26 17.59 -7.45 -8.99
N GLN A 27 18.10 -6.47 -8.30
CA GLN A 27 18.88 -6.76 -7.06
C GLN A 27 17.94 -7.01 -5.88
N SER A 28 17.60 -5.99 -5.14
CA SER A 28 16.72 -6.17 -3.96
C SER A 28 15.25 -6.30 -4.39
N GLY A 29 14.48 -7.04 -3.65
CA GLY A 29 13.05 -7.23 -4.00
C GLY A 29 12.21 -6.04 -3.52
N MET A 30 11.03 -5.89 -4.06
CA MET A 30 10.14 -4.77 -3.65
C MET A 30 8.70 -5.10 -4.02
N ALA A 31 7.77 -4.30 -3.58
CA ALA A 31 6.33 -4.55 -3.90
C ALA A 31 5.67 -3.23 -4.29
N LYS A 32 4.69 -3.29 -5.16
CA LYS A 32 3.97 -2.07 -5.62
C LYS A 32 2.56 -2.05 -5.05
N PHE A 33 2.04 -0.87 -4.78
CA PHE A 33 0.65 -0.76 -4.22
C PHE A 33 -0.17 0.19 -5.08
N TYR A 34 -1.39 -0.18 -5.38
CA TYR A 34 -2.27 0.68 -6.23
C TYR A 34 -3.43 1.22 -5.39
N PHE A 35 -3.57 2.52 -5.34
CA PHE A 35 -4.68 3.15 -4.56
C PHE A 35 -5.68 3.78 -5.53
N LEU A 36 -6.92 3.39 -5.45
CA LEU A 36 -7.96 3.95 -6.36
C LEU A 36 -8.83 4.96 -5.61
N GLU A 37 -8.91 6.16 -6.15
CA GLU A 37 -9.75 7.23 -5.53
C GLU A 37 -9.58 7.25 -4.01
N PRO A 38 -8.37 7.35 -3.54
CA PRO A 38 -8.10 7.41 -2.07
C PRO A 38 -8.63 8.69 -1.43
N THR A 39 -9.02 8.61 -0.19
CA THR A 39 -9.57 9.80 0.52
C THR A 39 -8.45 10.79 0.86
N ILE A 40 -7.23 10.34 0.88
CA ILE A 40 -6.10 11.26 1.23
C ILE A 40 -6.06 12.43 0.22
N LEU A 41 -6.95 12.44 -0.74
CA LEU A 41 -6.96 13.54 -1.75
C LEU A 41 -7.86 14.66 -1.26
N ALA A 42 -8.60 14.43 -0.20
CA ALA A 42 -9.51 15.49 0.33
C ALA A 42 -8.87 16.13 1.57
N LYS A 43 -8.00 15.41 2.25
CA LYS A 43 -7.35 15.97 3.46
C LYS A 43 -6.01 16.61 3.09
N GLU A 44 -5.02 15.81 2.79
CA GLU A 44 -3.68 16.35 2.44
C GLU A 44 -3.43 16.27 0.94
N SER A 45 -2.68 17.21 0.42
CA SER A 45 -2.40 17.22 -1.05
C SER A 45 -1.42 16.10 -1.40
N THR A 46 -1.45 15.68 -2.65
CA THR A 46 -0.54 14.60 -3.10
C THR A 46 0.92 15.08 -3.03
N ASP A 47 1.14 16.35 -3.25
CA ASP A 47 2.54 16.87 -3.20
C ASP A 47 3.00 16.98 -1.75
N ASP A 48 2.10 16.79 -0.81
CA ASP A 48 2.48 16.87 0.62
C ASP A 48 2.86 15.48 1.14
N ILE A 49 2.73 14.47 0.31
CA ILE A 49 3.08 13.09 0.74
C ILE A 49 4.52 12.75 0.32
N THR A 50 5.34 12.39 1.27
CA THR A 50 6.76 12.04 0.95
C THR A 50 7.03 10.62 1.43
N GLY A 51 6.08 9.98 2.05
CA GLY A 51 6.31 8.59 2.52
C GLY A 51 5.01 7.98 3.06
N MET A 52 5.03 6.70 3.33
CA MET A 52 3.82 6.00 3.87
C MET A 52 4.22 5.22 5.13
N TYR A 53 3.33 5.17 6.10
CA TYR A 53 3.65 4.42 7.37
C TYR A 53 2.81 3.15 7.43
N LEU A 54 3.45 2.02 7.28
CA LEU A 54 2.72 0.71 7.33
C LEU A 54 2.80 0.19 8.76
N ILE A 55 1.70 0.18 9.47
CA ILE A 55 1.71 -0.31 10.88
C ILE A 55 1.25 -1.75 10.94
N ASP A 56 2.14 -2.65 11.26
CA ASP A 56 1.77 -4.10 11.34
C ASP A 56 1.40 -4.46 12.78
N ASP A 57 1.00 -5.68 12.99
CA ASP A 57 0.63 -6.13 14.36
C ASP A 57 1.84 -6.06 15.29
N GLU A 58 3.00 -6.41 14.79
CA GLU A 58 4.22 -6.38 15.65
C GLU A 58 4.88 -4.99 15.57
N GLY A 59 5.57 -4.72 14.49
CA GLY A 59 6.28 -3.39 14.35
C GLY A 59 5.67 -2.57 13.21
N GLU A 60 6.46 -1.68 12.65
CA GLU A 60 5.97 -0.83 11.54
C GLU A 60 7.10 -0.62 10.53
N ILE A 61 6.77 -0.37 9.29
CA ILE A 61 7.81 -0.16 8.23
C ILE A 61 7.68 1.24 7.64
N ILE A 62 8.78 1.92 7.47
CA ILE A 62 8.74 3.30 6.89
C ILE A 62 9.11 3.24 5.41
N THR A 63 8.26 3.81 4.59
CA THR A 63 8.52 3.82 3.11
C THR A 63 8.56 5.26 2.62
N ARG A 64 9.63 5.64 1.97
CA ARG A 64 9.76 7.03 1.46
C ARG A 64 9.63 7.01 -0.07
N GLU A 65 9.55 5.85 -0.65
CA GLU A 65 9.41 5.74 -2.12
C GLU A 65 7.92 5.76 -2.48
N VAL A 66 7.32 6.92 -2.48
CA VAL A 66 5.87 7.03 -2.81
C VAL A 66 5.68 7.97 -4.01
N LYS A 67 4.88 7.55 -4.96
CA LYS A 67 4.64 8.41 -6.17
C LYS A 67 3.14 8.52 -6.42
N GLY A 68 2.71 9.67 -6.86
CA GLY A 68 1.26 9.90 -7.12
C GLY A 68 0.93 9.62 -8.59
N LYS A 69 -0.23 9.05 -8.85
CA LYS A 69 -0.65 8.76 -10.25
C LYS A 69 -1.72 9.75 -10.66
N PHE A 70 -1.36 10.68 -11.50
CA PHE A 70 -2.33 11.73 -11.94
C PHE A 70 -2.88 11.39 -13.33
N ILE A 71 -4.14 11.68 -13.55
CA ILE A 71 -4.77 11.41 -14.88
C ILE A 71 -5.11 12.75 -15.55
N ASN A 72 -4.39 13.09 -16.59
CA ASN A 72 -4.65 14.37 -17.32
C ASN A 72 -4.62 15.55 -16.33
N GLY A 73 -3.76 15.49 -15.35
CA GLY A 73 -3.67 16.60 -14.37
C GLY A 73 -4.83 16.52 -13.38
N ARG A 74 -5.46 15.37 -13.29
CA ARG A 74 -6.61 15.22 -12.35
C ARG A 74 -6.31 14.08 -11.36
N PRO A 75 -5.86 14.40 -10.16
CA PRO A 75 -5.54 13.36 -9.13
C PRO A 75 -6.68 12.35 -8.93
N THR A 76 -6.35 11.09 -8.96
CA THR A 76 -7.39 10.05 -8.76
C THR A 76 -6.75 8.78 -8.18
N ALA A 77 -5.49 8.53 -8.48
CA ALA A 77 -4.84 7.29 -7.96
C ALA A 77 -3.44 7.62 -7.42
N ILE A 78 -2.98 6.81 -6.49
CA ILE A 78 -1.63 7.01 -5.90
C ILE A 78 -0.89 5.67 -5.86
N GLU A 79 0.39 5.67 -6.10
CA GLU A 79 1.18 4.39 -6.09
C GLU A 79 2.27 4.46 -5.03
N ALA A 80 2.62 3.33 -4.47
CA ALA A 80 3.68 3.30 -3.42
C ALA A 80 4.58 2.08 -3.65
N THR A 81 5.85 2.21 -3.36
CA THR A 81 6.81 1.08 -3.56
C THR A 81 7.55 0.81 -2.25
N VAL A 82 7.62 -0.44 -1.86
CA VAL A 82 8.33 -0.81 -0.59
C VAL A 82 9.61 -1.58 -0.92
N ILE A 83 10.72 -1.17 -0.34
CA ILE A 83 12.01 -1.86 -0.61
C ILE A 83 12.24 -2.94 0.44
N LEU A 84 12.55 -4.14 0.00
CA LEU A 84 12.81 -5.26 0.96
C LEU A 84 14.30 -5.59 0.92
N ASN A 85 15.12 -4.61 1.17
CA ASN A 85 16.59 -4.83 1.17
C ASN A 85 16.96 -5.79 2.29
N SER A 86 16.34 -5.63 3.44
CA SER A 86 16.67 -6.53 4.58
C SER A 86 15.86 -7.83 4.50
N GLN A 87 16.36 -8.87 5.10
CA GLN A 87 15.66 -10.19 5.07
C GLN A 87 14.45 -10.18 6.03
N PRO A 88 14.66 -9.95 7.31
CA PRO A 88 13.53 -9.94 8.29
C PRO A 88 12.35 -9.09 7.79
N GLU A 89 12.60 -8.25 6.82
CA GLU A 89 11.51 -7.39 6.29
C GLU A 89 10.46 -8.28 5.61
N TRP A 90 10.90 -9.33 4.96
CA TRP A 90 9.94 -10.25 4.27
C TRP A 90 8.97 -10.86 5.30
N ASP A 91 9.45 -11.15 6.47
CA ASP A 91 8.58 -11.76 7.50
C ASP A 91 7.38 -10.84 7.77
N ARG A 92 7.63 -9.57 7.96
CA ARG A 92 6.53 -8.61 8.22
C ARG A 92 5.66 -8.47 6.97
N PHE A 93 6.28 -8.42 5.83
CA PHE A 93 5.52 -8.26 4.55
C PHE A 93 4.57 -9.45 4.35
N MET A 94 5.07 -10.65 4.50
CA MET A 94 4.21 -11.85 4.32
C MET A 94 3.10 -11.86 5.37
N ARG A 95 3.44 -11.55 6.59
CA ARG A 95 2.42 -11.54 7.68
C ARG A 95 1.39 -10.44 7.40
N PHE A 96 1.85 -9.28 7.02
CA PHE A 96 0.91 -8.15 6.75
C PHE A 96 -0.02 -8.55 5.60
N MET A 97 0.52 -9.06 4.54
CA MET A 97 -0.33 -9.46 3.38
C MET A 97 -1.25 -10.61 3.79
N GLU A 98 -0.73 -11.54 4.54
CA GLU A 98 -1.57 -12.70 4.95
C GLU A 98 -2.73 -12.22 5.83
N ARG A 99 -2.43 -11.48 6.86
CA ARG A 99 -3.51 -10.99 7.76
C ARG A 99 -4.37 -9.94 7.03
N TYR A 100 -3.73 -9.05 6.32
CA TYR A 100 -4.50 -7.99 5.60
C TYR A 100 -5.42 -8.63 4.55
N GLY A 101 -4.90 -9.55 3.79
CA GLY A 101 -5.73 -10.21 2.74
C GLY A 101 -6.89 -10.95 3.39
N ALA A 102 -6.67 -11.54 4.53
CA ALA A 102 -7.77 -12.29 5.20
C ALA A 102 -8.88 -11.33 5.61
N GLU A 103 -8.53 -10.17 6.11
CA GLU A 103 -9.56 -9.19 6.52
C GLU A 103 -10.25 -8.63 5.27
N ASN A 104 -9.50 -8.31 4.26
CA ASN A 104 -10.09 -7.76 3.00
C ASN A 104 -9.74 -8.67 1.83
N GLY A 105 -10.73 -9.09 1.08
CA GLY A 105 -10.48 -9.98 -0.09
C GLY A 105 -10.26 -9.14 -1.35
N LEU A 106 -9.44 -8.13 -1.25
CA LEU A 106 -9.15 -7.24 -2.42
C LEU A 106 -10.45 -6.61 -2.94
N GLY A 107 -11.55 -6.90 -2.31
CA GLY A 107 -12.86 -6.32 -2.74
C GLY A 107 -13.65 -5.82 -1.52
N PHE A 108 -13.36 -6.37 -0.37
CA PHE A 108 -14.08 -5.96 0.87
C PHE A 108 -13.35 -4.81 1.56
N SER A 109 -14.09 -3.84 2.04
CA SER A 109 -13.46 -2.67 2.72
C SER A 109 -13.00 -3.07 4.13
N LYS A 110 -11.92 -2.51 4.57
CA LYS A 110 -11.40 -2.81 5.94
C LYS A 110 -12.41 -2.31 6.98
N SER A 111 -13.05 -1.21 6.72
CA SER A 111 -14.02 -0.64 7.70
C SER A 111 -15.17 -1.62 7.91
N GLU A 112 -16.01 -1.32 8.86
CA GLU A 112 -17.18 -2.20 9.17
C GLU A 112 -16.69 -3.56 9.67
N LEU A 113 -15.97 -4.28 8.86
CA LEU A 113 -15.46 -5.61 9.28
C LEU A 113 -14.49 -5.44 10.44
N GLU A 114 -13.64 -4.44 10.38
CA GLU A 114 -12.66 -4.22 11.49
C GLU A 114 -13.22 -3.19 12.47
N HIS A 115 -13.33 -3.57 13.71
CA HIS A 115 -13.87 -2.64 14.73
C HIS A 115 -12.83 -1.56 15.09
N HIS A 116 -13.27 -0.35 15.28
CA HIS A 116 -12.33 0.75 15.62
C HIS A 116 -12.03 0.72 17.11
N HIS A 117 -10.90 1.27 17.51
CA HIS A 117 -10.54 1.30 18.95
C HIS A 117 -9.95 2.66 19.31
N HIS A 118 -10.16 3.10 20.52
CA HIS A 118 -9.63 4.43 20.95
C HIS A 118 -8.10 4.40 20.97
N HIS A 119 -7.53 3.33 21.43
CA HIS A 119 -6.05 3.23 21.50
C HIS A 119 -5.45 3.13 20.09
N HIS A 120 -4.48 3.95 19.79
CA HIS A 120 -3.83 3.94 18.45
C HIS A 120 -4.88 3.84 17.36
N MET A 1 -1.33 -4.96 3.94
CA MET A 1 -0.51 -4.40 5.04
C MET A 1 -1.44 -3.94 6.17
N ALA A 2 -2.08 -4.88 6.83
CA ALA A 2 -3.02 -4.57 7.96
C ALA A 2 -3.71 -3.22 7.72
N GLU A 3 -3.12 -2.14 8.18
CA GLU A 3 -3.73 -0.79 7.98
C GLU A 3 -2.72 0.11 7.29
N ILE A 4 -3.15 0.83 6.30
CA ILE A 4 -2.24 1.76 5.55
C ILE A 4 -2.63 3.20 5.87
N GLN A 5 -1.68 4.02 6.26
CA GLN A 5 -2.00 5.45 6.58
C GLN A 5 -0.88 6.34 6.08
N PHE A 6 -1.21 7.56 5.73
CA PHE A 6 -0.19 8.53 5.24
C PHE A 6 0.04 9.58 6.31
N SER A 7 -0.75 9.56 7.35
CA SER A 7 -0.59 10.54 8.46
C SER A 7 -1.16 9.96 9.75
N LYS A 8 -0.41 9.11 10.40
CA LYS A 8 -0.88 8.51 11.68
C LYS A 8 -2.34 8.07 11.58
N GLY A 9 -2.92 7.72 12.70
CA GLY A 9 -4.34 7.27 12.72
C GLY A 9 -5.27 8.41 12.29
N VAL A 10 -5.51 8.54 11.02
CA VAL A 10 -6.41 9.62 10.54
C VAL A 10 -7.87 9.21 10.79
N ALA A 11 -8.50 8.64 9.80
CA ALA A 11 -9.92 8.21 9.95
C ALA A 11 -10.42 7.68 8.61
N GLU A 12 -9.75 6.71 8.04
CA GLU A 12 -10.19 6.15 6.73
C GLU A 12 -9.50 4.80 6.50
N THR A 13 -10.27 3.74 6.33
CA THR A 13 -9.66 2.40 6.10
C THR A 13 -9.55 2.15 4.59
N VAL A 14 -8.45 2.55 4.02
CA VAL A 14 -8.25 2.36 2.55
C VAL A 14 -7.85 0.91 2.24
N VAL A 15 -8.44 0.32 1.22
CA VAL A 15 -8.10 -1.09 0.85
C VAL A 15 -7.51 -1.12 -0.57
N PRO A 16 -6.23 -0.82 -0.71
CA PRO A 16 -5.54 -0.81 -2.04
C PRO A 16 -5.15 -2.22 -2.49
N GLU A 17 -4.95 -2.40 -3.77
CA GLU A 17 -4.58 -3.76 -4.28
C GLU A 17 -3.10 -4.02 -4.00
N VAL A 18 -2.71 -5.27 -4.00
CA VAL A 18 -1.29 -5.63 -3.72
C VAL A 18 -0.63 -6.12 -5.00
N ARG A 19 0.50 -5.57 -5.34
CA ARG A 19 1.22 -5.99 -6.57
C ARG A 19 2.70 -6.16 -6.25
N LEU A 20 3.31 -7.22 -6.70
CA LEU A 20 4.75 -7.46 -6.41
C LEU A 20 5.59 -7.10 -7.64
N SER A 21 6.68 -6.41 -7.43
CA SER A 21 7.57 -6.02 -8.57
C SER A 21 9.02 -6.34 -8.20
N LYS A 22 9.77 -6.83 -9.16
CA LYS A 22 11.21 -7.15 -8.89
C LYS A 22 12.07 -6.50 -9.97
N SER A 23 13.08 -5.79 -9.57
CA SER A 23 13.95 -5.10 -10.57
C SER A 23 14.81 -6.13 -11.34
N LYS A 24 14.89 -5.98 -12.63
CA LYS A 24 15.69 -6.91 -13.47
C LYS A 24 15.45 -8.36 -13.03
N ASN A 25 14.42 -8.58 -12.25
CA ASN A 25 14.11 -9.96 -11.79
C ASN A 25 15.36 -10.59 -11.16
N GLY A 26 16.16 -9.80 -10.51
CA GLY A 26 17.39 -10.34 -9.87
C GLY A 26 18.30 -9.18 -9.48
N GLN A 27 17.81 -8.25 -8.71
CA GLN A 27 18.64 -7.09 -8.29
C GLN A 27 18.17 -6.59 -6.92
N SER A 28 16.91 -6.24 -6.81
CA SER A 28 16.39 -5.75 -5.50
C SER A 28 14.91 -6.08 -5.38
N GLY A 29 14.56 -6.85 -4.37
CA GLY A 29 13.13 -7.23 -4.18
C GLY A 29 12.33 -6.06 -3.62
N MET A 30 11.13 -5.88 -4.09
CA MET A 30 10.28 -4.77 -3.58
C MET A 30 8.83 -5.04 -3.95
N ALA A 31 7.90 -4.35 -3.35
CA ALA A 31 6.46 -4.56 -3.65
C ALA A 31 5.81 -3.21 -3.92
N LYS A 32 4.93 -3.15 -4.90
CA LYS A 32 4.25 -1.87 -5.23
C LYS A 32 2.79 -1.94 -4.76
N PHE A 33 2.25 -0.84 -4.32
CA PHE A 33 0.84 -0.81 -3.84
C PHE A 33 0.03 0.12 -4.73
N TYR A 34 -1.13 -0.30 -5.16
CA TYR A 34 -1.97 0.56 -6.06
C TYR A 34 -3.12 1.17 -5.26
N PHE A 35 -3.24 2.47 -5.30
CA PHE A 35 -4.33 3.16 -4.56
C PHE A 35 -5.33 3.70 -5.59
N LEU A 36 -6.53 3.19 -5.58
CA LEU A 36 -7.55 3.67 -6.56
C LEU A 36 -8.46 4.72 -5.90
N GLU A 37 -8.51 5.90 -6.46
CA GLU A 37 -9.36 6.98 -5.89
C GLU A 37 -9.31 6.96 -4.35
N PRO A 38 -8.13 7.11 -3.80
CA PRO A 38 -7.93 7.09 -2.32
C PRO A 38 -8.64 8.26 -1.62
N THR A 39 -9.15 8.03 -0.43
CA THR A 39 -9.85 9.11 0.31
C THR A 39 -8.82 10.01 0.99
N ILE A 40 -7.63 10.06 0.44
CA ILE A 40 -6.56 10.92 1.04
C ILE A 40 -6.42 12.20 0.21
N LEU A 41 -6.86 12.16 -1.01
CA LEU A 41 -6.76 13.37 -1.88
C LEU A 41 -7.63 14.49 -1.30
N ALA A 42 -8.79 14.14 -0.83
CA ALA A 42 -9.70 15.17 -0.24
C ALA A 42 -9.07 15.74 1.03
N LYS A 43 -8.36 14.94 1.76
CA LYS A 43 -7.72 15.43 3.02
C LYS A 43 -6.34 16.01 2.72
N GLU A 44 -5.41 15.19 2.28
CA GLU A 44 -4.03 15.69 1.98
C GLU A 44 -3.74 15.59 0.49
N SER A 45 -3.03 16.55 -0.03
CA SER A 45 -2.70 16.55 -1.49
C SER A 45 -1.52 15.61 -1.76
N THR A 46 -1.28 15.32 -3.01
CA THR A 46 -0.15 14.41 -3.36
C THR A 46 1.18 15.06 -2.99
N ASP A 47 1.28 16.35 -3.13
CA ASP A 47 2.55 17.05 -2.78
C ASP A 47 2.82 16.93 -1.28
N ASP A 48 1.79 17.03 -0.49
CA ASP A 48 1.97 16.92 1.00
C ASP A 48 2.45 15.52 1.37
N ILE A 49 2.01 14.51 0.67
CA ILE A 49 2.44 13.13 1.00
C ILE A 49 3.85 12.87 0.49
N THR A 50 4.74 12.44 1.35
CA THR A 50 6.15 12.17 0.95
C THR A 50 6.51 10.73 1.36
N GLY A 51 5.60 10.03 1.97
CA GLY A 51 5.91 8.64 2.40
C GLY A 51 4.61 7.91 2.79
N MET A 52 4.73 6.71 3.28
CA MET A 52 3.51 5.92 3.68
C MET A 52 3.76 5.26 5.04
N TYR A 53 2.79 5.31 5.92
CA TYR A 53 2.97 4.69 7.26
C TYR A 53 2.12 3.40 7.33
N LEU A 54 2.77 2.28 7.50
CA LEU A 54 2.03 0.99 7.58
C LEU A 54 1.83 0.62 9.05
N ILE A 55 0.60 0.60 9.49
CA ILE A 55 0.31 0.27 10.92
C ILE A 55 -0.32 -1.12 11.01
N ASP A 56 0.17 -1.93 11.91
CA ASP A 56 -0.38 -3.30 12.10
C ASP A 56 -0.77 -3.47 13.57
N ASP A 57 -1.41 -2.46 14.12
CA ASP A 57 -1.83 -2.53 15.55
C ASP A 57 -0.62 -2.83 16.43
N GLU A 58 0.55 -2.88 15.85
CA GLU A 58 1.79 -3.17 16.64
C GLU A 58 2.97 -2.41 16.05
N GLY A 59 3.85 -3.10 15.36
CA GLY A 59 5.03 -2.42 14.76
C GLY A 59 4.60 -1.67 13.49
N GLU A 60 5.44 -0.78 13.01
CA GLU A 60 5.08 -0.01 11.77
C GLU A 60 6.31 0.14 10.88
N ILE A 61 6.08 0.27 9.59
CA ILE A 61 7.21 0.42 8.62
C ILE A 61 7.10 1.79 7.95
N ILE A 62 8.20 2.49 7.82
CA ILE A 62 8.16 3.85 7.18
C ILE A 62 8.74 3.75 5.78
N THR A 63 7.99 4.20 4.80
CA THR A 63 8.47 4.14 3.38
C THR A 63 8.44 5.55 2.79
N ARG A 64 9.54 6.00 2.29
CA ARG A 64 9.62 7.37 1.70
C ARG A 64 9.53 7.26 0.18
N GLU A 65 9.62 6.07 -0.35
CA GLU A 65 9.56 5.90 -1.82
C GLU A 65 8.09 5.88 -2.26
N VAL A 66 7.45 7.02 -2.30
CA VAL A 66 6.02 7.09 -2.72
C VAL A 66 5.86 8.04 -3.91
N LYS A 67 5.13 7.63 -4.92
CA LYS A 67 4.92 8.50 -6.12
C LYS A 67 3.42 8.64 -6.37
N GLY A 68 2.98 9.82 -6.72
CA GLY A 68 1.53 10.04 -6.97
C GLY A 68 1.22 9.96 -8.47
N LYS A 69 0.16 9.28 -8.83
CA LYS A 69 -0.21 9.16 -10.28
C LYS A 69 -1.37 10.11 -10.58
N PHE A 70 -1.20 10.98 -11.56
CA PHE A 70 -2.28 11.95 -11.91
C PHE A 70 -2.91 11.57 -13.25
N ILE A 71 -4.19 11.77 -13.38
CA ILE A 71 -4.90 11.45 -14.66
C ILE A 71 -5.54 12.72 -15.23
N ASN A 72 -5.29 13.00 -16.48
CA ASN A 72 -5.86 14.23 -17.11
C ASN A 72 -5.39 15.47 -16.31
N GLY A 73 -4.21 15.39 -15.76
CA GLY A 73 -3.68 16.56 -14.99
C GLY A 73 -4.49 16.74 -13.70
N ARG A 74 -5.13 15.71 -13.23
CA ARG A 74 -5.94 15.82 -11.98
C ARG A 74 -5.69 14.58 -11.08
N PRO A 75 -5.34 14.77 -9.81
CA PRO A 75 -5.11 13.62 -8.88
C PRO A 75 -6.25 12.60 -8.92
N THR A 76 -5.91 11.33 -8.93
CA THR A 76 -6.96 10.28 -8.97
C THR A 76 -6.41 8.99 -8.36
N ALA A 77 -5.14 8.71 -8.56
CA ALA A 77 -4.57 7.44 -8.01
C ALA A 77 -3.15 7.68 -7.51
N ILE A 78 -2.73 6.91 -6.55
CA ILE A 78 -1.35 7.05 -5.99
C ILE A 78 -0.68 5.68 -5.94
N GLU A 79 0.61 5.64 -5.79
CA GLU A 79 1.34 4.34 -5.74
C GLU A 79 2.47 4.42 -4.73
N ALA A 80 2.82 3.31 -4.13
CA ALA A 80 3.92 3.29 -3.14
C ALA A 80 4.77 2.04 -3.34
N THR A 81 6.07 2.15 -3.21
CA THR A 81 6.97 0.97 -3.40
C THR A 81 7.73 0.69 -2.11
N VAL A 82 7.72 -0.54 -1.66
CA VAL A 82 8.44 -0.90 -0.40
C VAL A 82 9.64 -1.79 -0.74
N ILE A 83 10.79 -1.44 -0.22
CA ILE A 83 12.02 -2.22 -0.51
C ILE A 83 12.09 -3.44 0.41
N LEU A 84 12.27 -4.60 -0.17
CA LEU A 84 12.37 -5.86 0.63
C LEU A 84 13.74 -6.49 0.38
N ASN A 85 14.76 -5.67 0.32
CA ASN A 85 16.13 -6.21 0.07
C ASN A 85 16.53 -7.12 1.22
N SER A 86 16.21 -6.74 2.44
CA SER A 86 16.60 -7.58 3.61
C SER A 86 15.69 -8.81 3.69
N GLN A 87 16.25 -9.94 4.02
CA GLN A 87 15.44 -11.20 4.12
C GLN A 87 14.45 -11.10 5.30
N PRO A 88 14.86 -10.55 6.41
CA PRO A 88 13.97 -10.41 7.60
C PRO A 88 12.72 -9.60 7.26
N GLU A 89 12.89 -8.65 6.39
CA GLU A 89 11.74 -7.78 5.98
C GLU A 89 10.72 -8.62 5.22
N TRP A 90 11.18 -9.53 4.40
CA TRP A 90 10.24 -10.39 3.62
C TRP A 90 9.37 -11.20 4.59
N ASP A 91 9.95 -11.72 5.63
CA ASP A 91 9.15 -12.52 6.60
C ASP A 91 8.06 -11.64 7.21
N ARG A 92 8.42 -10.47 7.64
CA ARG A 92 7.41 -9.55 8.24
C ARG A 92 6.45 -9.05 7.15
N PHE A 93 6.98 -8.71 6.01
CA PHE A 93 6.13 -8.21 4.90
C PHE A 93 5.12 -9.29 4.49
N MET A 94 5.57 -10.50 4.33
CA MET A 94 4.65 -11.59 3.91
C MET A 94 3.60 -11.84 5.00
N ARG A 95 4.00 -11.83 6.24
CA ARG A 95 3.02 -12.06 7.35
C ARG A 95 2.00 -10.93 7.38
N PHE A 96 2.45 -9.72 7.19
CA PHE A 96 1.52 -8.55 7.21
C PHE A 96 0.47 -8.74 6.11
N MET A 97 0.88 -9.18 4.95
CA MET A 97 -0.07 -9.37 3.82
C MET A 97 -1.12 -10.41 4.19
N GLU A 98 -0.72 -11.46 4.87
CA GLU A 98 -1.69 -12.52 5.26
C GLU A 98 -2.79 -11.93 6.15
N ARG A 99 -2.41 -11.18 7.15
CA ARG A 99 -3.44 -10.57 8.05
C ARG A 99 -4.26 -9.55 7.24
N TYR A 100 -3.62 -8.83 6.37
CA TYR A 100 -4.35 -7.81 5.56
C TYR A 100 -5.43 -8.51 4.72
N GLY A 101 -5.09 -9.61 4.11
CA GLY A 101 -6.09 -10.35 3.27
C GLY A 101 -7.23 -10.84 4.16
N ALA A 102 -6.93 -11.24 5.36
CA ALA A 102 -7.99 -11.74 6.28
C ALA A 102 -8.97 -10.61 6.60
N GLU A 103 -8.46 -9.41 6.78
CA GLU A 103 -9.35 -8.26 7.11
C GLU A 103 -9.91 -7.67 5.81
N ASN A 104 -9.39 -8.09 4.68
CA ASN A 104 -9.88 -7.54 3.37
C ASN A 104 -10.03 -8.68 2.37
N GLY A 105 -9.86 -8.40 1.11
CA GLY A 105 -10.00 -9.46 0.06
C GLY A 105 -9.17 -9.05 -1.16
N LEU A 106 -7.92 -8.69 -0.95
CA LEU A 106 -7.04 -8.27 -2.08
C LEU A 106 -7.84 -7.43 -3.07
N GLY A 107 -8.87 -6.78 -2.61
CA GLY A 107 -9.69 -5.93 -3.52
C GLY A 107 -10.58 -5.01 -2.71
N PHE A 108 -11.75 -4.71 -3.23
CA PHE A 108 -12.69 -3.79 -2.51
C PHE A 108 -13.33 -4.50 -1.31
N SER A 109 -13.55 -3.79 -0.24
CA SER A 109 -14.18 -4.41 0.96
C SER A 109 -14.76 -3.33 1.88
N LYS A 110 -14.56 -3.48 3.16
CA LYS A 110 -15.10 -2.48 4.12
C LYS A 110 -14.41 -1.12 3.94
N SER A 111 -14.83 -0.34 2.98
CA SER A 111 -14.21 0.99 2.74
C SER A 111 -15.16 1.87 1.93
N GLU A 112 -15.27 1.61 0.66
CA GLU A 112 -16.18 2.42 -0.20
C GLU A 112 -17.59 1.86 -0.13
N LEU A 113 -17.75 0.65 0.32
CA LEU A 113 -19.11 0.04 0.44
C LEU A 113 -19.60 0.14 1.88
N GLU A 114 -18.91 -0.49 2.79
CA GLU A 114 -19.32 -0.46 4.22
C GLU A 114 -20.84 -0.58 4.34
N HIS A 115 -21.38 -1.70 3.92
CA HIS A 115 -22.85 -1.90 4.00
C HIS A 115 -23.27 -1.99 5.47
N HIS A 116 -22.47 -2.65 6.26
CA HIS A 116 -22.79 -2.80 7.72
C HIS A 116 -24.17 -3.42 7.89
N HIS A 117 -24.22 -4.73 7.97
CA HIS A 117 -25.53 -5.42 8.15
C HIS A 117 -26.11 -5.09 9.53
N HIS A 118 -25.28 -5.07 10.54
CA HIS A 118 -25.78 -4.74 11.91
C HIS A 118 -26.25 -3.28 11.96
N HIS A 119 -25.49 -2.40 11.35
CA HIS A 119 -25.86 -0.95 11.34
C HIS A 119 -26.37 -0.51 12.71
N HIS A 120 -26.97 0.65 12.78
CA HIS A 120 -27.48 1.16 14.08
C HIS A 120 -28.39 0.12 14.73
N MET A 1 -6.12 -2.37 13.97
CA MET A 1 -4.80 -3.04 13.86
C MET A 1 -4.54 -3.48 12.41
N ALA A 2 -3.30 -3.70 12.06
CA ALA A 2 -2.98 -4.13 10.67
C ALA A 2 -3.78 -3.30 9.66
N GLU A 3 -3.24 -2.20 9.23
CA GLU A 3 -3.96 -1.34 8.25
C GLU A 3 -2.94 -0.51 7.46
N ILE A 4 -3.34 0.01 6.33
CA ILE A 4 -2.41 0.83 5.49
C ILE A 4 -2.89 2.28 5.46
N GLN A 5 -2.02 3.22 5.77
CA GLN A 5 -2.44 4.65 5.75
C GLN A 5 -1.22 5.53 5.51
N PHE A 6 -1.41 6.69 4.97
CA PHE A 6 -0.26 7.61 4.71
C PHE A 6 0.02 8.42 5.98
N SER A 7 -0.80 8.27 6.97
CA SER A 7 -0.59 9.03 8.25
C SER A 7 -1.50 8.45 9.34
N LYS A 8 -1.04 8.46 10.56
CA LYS A 8 -1.86 7.91 11.67
C LYS A 8 -3.14 8.72 11.87
N GLY A 9 -4.24 8.06 12.11
CA GLY A 9 -5.54 8.78 12.32
C GLY A 9 -6.33 8.80 11.01
N VAL A 10 -5.70 8.44 9.92
CA VAL A 10 -6.41 8.44 8.60
C VAL A 10 -6.56 7.00 8.09
N ALA A 11 -7.75 6.61 7.75
CA ALA A 11 -7.99 5.23 7.23
C ALA A 11 -9.50 4.96 7.19
N GLU A 12 -10.11 5.14 6.04
CA GLU A 12 -11.57 4.89 5.94
C GLU A 12 -11.98 4.90 4.46
N THR A 13 -12.69 3.89 4.04
CA THR A 13 -13.12 3.81 2.61
C THR A 13 -11.91 3.53 1.73
N VAL A 14 -10.73 3.59 2.29
CA VAL A 14 -9.51 3.34 1.48
C VAL A 14 -9.29 1.83 1.35
N VAL A 15 -9.06 1.36 0.14
CA VAL A 15 -8.84 -0.10 -0.08
C VAL A 15 -7.78 -0.28 -1.17
N PRO A 16 -6.52 -0.22 -0.80
CA PRO A 16 -5.41 -0.35 -1.79
C PRO A 16 -5.12 -1.81 -2.17
N GLU A 17 -4.72 -2.04 -3.39
CA GLU A 17 -4.41 -3.43 -3.84
C GLU A 17 -2.94 -3.72 -3.58
N VAL A 18 -2.58 -4.97 -3.48
CA VAL A 18 -1.16 -5.34 -3.21
C VAL A 18 -0.57 -6.04 -4.45
N ARG A 19 0.58 -5.61 -4.89
CA ARG A 19 1.22 -6.23 -6.09
C ARG A 19 2.69 -6.53 -5.77
N LEU A 20 3.20 -7.63 -6.27
CA LEU A 20 4.62 -7.99 -6.02
C LEU A 20 5.45 -7.68 -7.27
N SER A 21 6.57 -7.03 -7.10
CA SER A 21 7.43 -6.68 -8.27
C SER A 21 8.88 -7.10 -8.00
N LYS A 22 9.63 -7.38 -9.03
CA LYS A 22 11.05 -7.81 -8.83
C LYS A 22 11.98 -6.67 -9.29
N SER A 23 13.09 -6.50 -8.61
CA SER A 23 14.03 -5.41 -8.96
C SER A 23 14.78 -5.74 -10.26
N LYS A 24 15.23 -4.72 -10.94
CA LYS A 24 15.97 -4.89 -12.22
C LYS A 24 16.92 -6.09 -12.15
N ASN A 25 16.84 -6.98 -13.12
CA ASN A 25 17.72 -8.18 -13.16
C ASN A 25 17.49 -9.02 -11.90
N GLY A 26 16.33 -8.94 -11.31
CA GLY A 26 16.02 -9.75 -10.09
C GLY A 26 17.22 -9.77 -9.15
N GLN A 27 17.73 -8.64 -8.77
CA GLN A 27 18.90 -8.59 -7.85
C GLN A 27 18.44 -8.20 -6.44
N SER A 28 17.21 -7.77 -6.32
CA SER A 28 16.69 -7.38 -4.97
C SER A 28 15.17 -7.56 -4.93
N GLY A 29 14.60 -7.63 -3.76
CA GLY A 29 13.13 -7.82 -3.64
C GLY A 29 12.43 -6.46 -3.67
N MET A 30 11.24 -6.40 -4.23
CA MET A 30 10.50 -5.10 -4.28
C MET A 30 8.99 -5.38 -4.30
N ALA A 31 8.21 -4.41 -3.93
CA ALA A 31 6.72 -4.60 -3.94
C ALA A 31 6.07 -3.28 -4.32
N LYS A 32 4.92 -3.31 -4.95
CA LYS A 32 4.23 -2.05 -5.37
C LYS A 32 2.86 -1.97 -4.70
N PHE A 33 2.44 -0.78 -4.37
CA PHE A 33 1.10 -0.59 -3.73
C PHE A 33 0.27 0.34 -4.59
N TYR A 34 -1.00 0.02 -4.78
CA TYR A 34 -1.89 0.88 -5.62
C TYR A 34 -3.04 1.40 -4.75
N PHE A 35 -3.26 2.68 -4.74
CA PHE A 35 -4.36 3.27 -3.92
C PHE A 35 -5.46 3.77 -4.86
N LEU A 36 -6.66 3.28 -4.71
CA LEU A 36 -7.78 3.71 -5.60
C LEU A 36 -8.55 4.86 -4.95
N GLU A 37 -8.68 5.96 -5.66
CA GLU A 37 -9.42 7.14 -5.12
C GLU A 37 -9.09 7.34 -3.64
N PRO A 38 -7.91 7.80 -3.35
CA PRO A 38 -7.44 8.04 -1.95
C PRO A 38 -8.31 9.11 -1.24
N THR A 39 -8.56 8.93 0.03
CA THR A 39 -9.39 9.91 0.78
C THR A 39 -8.50 11.04 1.31
N ILE A 40 -7.22 10.83 1.35
CA ILE A 40 -6.30 11.89 1.87
C ILE A 40 -6.24 13.06 0.89
N LEU A 41 -6.97 12.99 -0.19
CA LEU A 41 -6.95 14.10 -1.18
C LEU A 41 -7.88 15.22 -0.70
N ALA A 42 -8.61 14.98 0.35
CA ALA A 42 -9.54 16.03 0.88
C ALA A 42 -8.85 16.78 2.02
N LYS A 43 -7.88 16.15 2.66
CA LYS A 43 -7.17 16.81 3.78
C LYS A 43 -5.83 17.37 3.29
N GLU A 44 -4.87 16.52 3.03
CA GLU A 44 -3.53 16.98 2.55
C GLU A 44 -3.38 16.70 1.05
N SER A 45 -2.48 17.40 0.41
CA SER A 45 -2.28 17.20 -1.05
C SER A 45 -1.40 15.98 -1.32
N THR A 46 -1.32 15.56 -2.55
CA THR A 46 -0.48 14.37 -2.89
C THR A 46 1.00 14.70 -2.67
N ASP A 47 1.40 15.90 -2.97
CA ASP A 47 2.82 16.30 -2.78
C ASP A 47 3.12 16.38 -1.28
N ASP A 48 2.11 16.61 -0.50
CA ASP A 48 2.32 16.72 0.97
C ASP A 48 2.52 15.33 1.57
N ILE A 49 2.37 14.30 0.78
CA ILE A 49 2.56 12.92 1.32
C ILE A 49 4.03 12.52 1.20
N THR A 50 4.41 11.98 0.08
CA THR A 50 5.83 11.54 -0.11
C THR A 50 6.13 10.36 0.82
N GLY A 51 5.66 10.41 2.04
CA GLY A 51 5.92 9.30 3.01
C GLY A 51 4.67 8.43 3.15
N MET A 52 4.87 7.14 3.32
CA MET A 52 3.72 6.20 3.49
C MET A 52 3.94 5.41 4.78
N TYR A 53 2.94 5.34 5.62
CA TYR A 53 3.09 4.61 6.91
C TYR A 53 2.38 3.25 6.82
N LEU A 54 3.11 2.19 6.99
CA LEU A 54 2.52 0.83 6.93
C LEU A 54 2.36 0.30 8.36
N ILE A 55 1.15 0.12 8.80
CA ILE A 55 0.92 -0.39 10.18
C ILE A 55 0.65 -1.89 10.11
N ASP A 56 1.63 -2.69 10.45
CA ASP A 56 1.47 -4.16 10.39
C ASP A 56 1.05 -4.71 11.77
N ASP A 57 0.80 -5.99 11.83
CA ASP A 57 0.39 -6.62 13.11
C ASP A 57 1.53 -6.53 14.13
N GLU A 58 2.75 -6.66 13.68
CA GLU A 58 3.91 -6.61 14.61
C GLU A 58 4.36 -5.15 14.80
N GLY A 59 5.06 -4.61 13.84
CA GLY A 59 5.56 -3.20 13.94
C GLY A 59 5.06 -2.41 12.73
N GLU A 60 5.85 -1.49 12.25
CA GLU A 60 5.43 -0.68 11.07
C GLU A 60 6.64 -0.40 10.17
N ILE A 61 6.40 -0.20 8.90
CA ILE A 61 7.51 0.09 7.94
C ILE A 61 7.27 1.46 7.31
N ILE A 62 8.28 2.28 7.25
CA ILE A 62 8.12 3.64 6.66
C ILE A 62 8.81 3.70 5.30
N THR A 63 8.10 4.16 4.30
CA THR A 63 8.69 4.24 2.93
C THR A 63 8.58 5.67 2.41
N ARG A 64 9.67 6.23 1.96
CA ARG A 64 9.64 7.62 1.43
C ARG A 64 9.50 7.57 -0.09
N GLU A 65 9.50 6.38 -0.64
CA GLU A 65 9.36 6.22 -2.12
C GLU A 65 7.87 6.20 -2.49
N VAL A 66 7.27 7.34 -2.62
CA VAL A 66 5.81 7.42 -2.97
C VAL A 66 5.65 8.27 -4.22
N LYS A 67 4.88 7.82 -5.18
CA LYS A 67 4.66 8.60 -6.44
C LYS A 67 3.16 8.74 -6.69
N GLY A 68 2.73 9.91 -7.08
CA GLY A 68 1.28 10.14 -7.34
C GLY A 68 0.96 9.88 -8.81
N LYS A 69 -0.13 9.21 -9.08
CA LYS A 69 -0.52 8.93 -10.50
C LYS A 69 -1.69 9.85 -10.87
N PHE A 70 -1.41 10.85 -11.66
CA PHE A 70 -2.47 11.82 -12.09
C PHE A 70 -2.97 11.45 -13.47
N ILE A 71 -4.23 11.70 -13.73
CA ILE A 71 -4.82 11.39 -15.08
C ILE A 71 -5.47 12.65 -15.64
N ASN A 72 -5.24 12.92 -16.90
CA ASN A 72 -5.82 14.15 -17.53
C ASN A 72 -7.23 14.41 -17.02
N GLY A 73 -7.35 15.20 -15.99
CA GLY A 73 -8.70 15.52 -15.41
C GLY A 73 -8.54 15.74 -13.91
N ARG A 74 -8.10 14.74 -13.20
CA ARG A 74 -7.92 14.90 -11.72
C ARG A 74 -7.27 13.63 -11.14
N PRO A 75 -6.59 13.75 -10.02
CA PRO A 75 -5.94 12.57 -9.39
C PRO A 75 -6.86 11.33 -9.37
N THR A 76 -6.36 10.21 -9.82
CA THR A 76 -7.19 8.96 -9.85
C THR A 76 -6.60 7.95 -8.87
N ALA A 77 -5.30 7.91 -8.72
CA ALA A 77 -4.71 6.91 -7.77
C ALA A 77 -3.29 7.30 -7.41
N ILE A 78 -2.73 6.64 -6.43
CA ILE A 78 -1.33 6.95 -5.98
C ILE A 78 -0.56 5.63 -5.87
N GLU A 79 0.60 5.55 -6.48
CA GLU A 79 1.42 4.30 -6.43
C GLU A 79 2.68 4.55 -5.60
N ALA A 80 3.17 3.53 -4.95
CA ALA A 80 4.40 3.68 -4.12
C ALA A 80 5.23 2.40 -4.23
N THR A 81 6.53 2.52 -4.09
CA THR A 81 7.41 1.31 -4.19
C THR A 81 8.04 1.06 -2.82
N VAL A 82 7.96 -0.16 -2.32
CA VAL A 82 8.54 -0.47 -0.98
C VAL A 82 9.70 -1.45 -1.16
N ILE A 83 10.82 -1.17 -0.53
CA ILE A 83 12.01 -2.07 -0.67
C ILE A 83 12.01 -3.10 0.45
N LEU A 84 12.11 -4.36 0.09
CA LEU A 84 12.13 -5.45 1.11
C LEU A 84 13.51 -6.11 1.10
N ASN A 85 14.54 -5.31 0.97
CA ASN A 85 15.92 -5.86 0.94
C ASN A 85 16.23 -6.56 2.27
N SER A 86 15.79 -6.00 3.35
CA SER A 86 16.07 -6.62 4.68
C SER A 86 15.34 -7.96 4.80
N GLN A 87 15.92 -8.86 5.56
CA GLN A 87 15.31 -10.20 5.78
C GLN A 87 14.09 -10.08 6.71
N PRO A 88 14.25 -9.56 7.90
CA PRO A 88 13.10 -9.43 8.87
C PRO A 88 11.93 -8.67 8.22
N GLU A 89 12.21 -7.72 7.39
CA GLU A 89 11.13 -6.96 6.73
C GLU A 89 10.37 -7.90 5.78
N TRP A 90 11.08 -8.76 5.09
CA TRP A 90 10.42 -9.70 4.16
C TRP A 90 9.48 -10.62 4.95
N ASP A 91 9.94 -11.13 6.06
CA ASP A 91 9.09 -12.04 6.88
C ASP A 91 7.85 -11.26 7.35
N ARG A 92 8.04 -10.05 7.79
CA ARG A 92 6.88 -9.24 8.26
C ARG A 92 5.94 -8.98 7.08
N PHE A 93 6.49 -8.66 5.94
CA PHE A 93 5.65 -8.38 4.75
C PHE A 93 4.81 -9.62 4.42
N MET A 94 5.42 -10.77 4.40
CA MET A 94 4.66 -12.01 4.07
C MET A 94 3.55 -12.20 5.11
N ARG A 95 3.87 -12.06 6.37
CA ARG A 95 2.84 -12.24 7.42
C ARG A 95 1.78 -11.14 7.28
N PHE A 96 2.21 -9.94 7.05
CA PHE A 96 1.24 -8.81 6.89
C PHE A 96 0.34 -9.07 5.68
N MET A 97 0.91 -9.51 4.60
CA MET A 97 0.09 -9.77 3.38
C MET A 97 -0.98 -10.81 3.69
N GLU A 98 -0.64 -11.84 4.40
CA GLU A 98 -1.65 -12.89 4.73
C GLU A 98 -2.74 -12.31 5.63
N ARG A 99 -2.36 -11.61 6.67
CA ARG A 99 -3.37 -11.03 7.60
C ARG A 99 -4.17 -9.94 6.88
N TYR A 100 -3.50 -9.10 6.14
CA TYR A 100 -4.19 -7.99 5.42
C TYR A 100 -5.19 -8.56 4.41
N GLY A 101 -4.80 -9.54 3.64
CA GLY A 101 -5.73 -10.12 2.63
C GLY A 101 -6.93 -10.75 3.33
N ALA A 102 -6.75 -11.35 4.47
CA ALA A 102 -7.90 -11.97 5.18
C ALA A 102 -8.93 -10.89 5.50
N GLU A 103 -8.49 -9.78 6.01
CA GLU A 103 -9.45 -8.68 6.34
C GLU A 103 -9.99 -8.08 5.03
N ASN A 104 -9.10 -7.73 4.13
CA ASN A 104 -9.55 -7.15 2.83
C ASN A 104 -8.35 -7.00 1.89
N GLY A 105 -8.58 -6.59 0.67
CA GLY A 105 -7.47 -6.41 -0.31
C GLY A 105 -7.77 -7.18 -1.61
N LEU A 106 -6.74 -7.65 -2.27
CA LEU A 106 -6.91 -8.41 -3.53
C LEU A 106 -7.68 -7.59 -4.56
N GLY A 107 -8.25 -8.26 -5.53
CA GLY A 107 -9.01 -7.54 -6.60
C GLY A 107 -10.35 -7.04 -6.06
N PHE A 108 -10.52 -5.74 -6.01
CA PHE A 108 -11.80 -5.15 -5.51
C PHE A 108 -12.32 -5.95 -4.30
N SER A 109 -11.98 -5.51 -3.12
CA SER A 109 -12.42 -6.23 -1.89
C SER A 109 -13.93 -6.04 -1.68
N LYS A 110 -14.50 -6.86 -0.84
CA LYS A 110 -15.97 -6.76 -0.56
C LYS A 110 -16.20 -5.94 0.71
N SER A 111 -15.25 -5.96 1.61
CA SER A 111 -15.40 -5.20 2.89
C SER A 111 -15.25 -3.70 2.64
N GLU A 112 -16.08 -2.90 3.25
CA GLU A 112 -16.01 -1.42 3.08
C GLU A 112 -16.32 -1.03 1.63
N LEU A 113 -16.01 -1.89 0.69
CA LEU A 113 -16.28 -1.57 -0.74
C LEU A 113 -17.80 -1.42 -0.97
N GLU A 114 -18.59 -2.31 -0.42
CA GLU A 114 -20.07 -2.24 -0.62
C GLU A 114 -20.69 -1.29 0.42
N HIS A 115 -21.72 -0.59 0.04
CA HIS A 115 -22.40 0.37 0.97
C HIS A 115 -23.79 -0.15 1.32
N HIS A 116 -24.57 0.67 1.99
CA HIS A 116 -25.96 0.26 2.37
C HIS A 116 -25.95 -1.05 3.15
N HIS A 117 -27.10 -1.55 3.50
CA HIS A 117 -27.18 -2.81 4.27
C HIS A 117 -26.92 -4.01 3.37
N HIS A 118 -26.24 -5.00 3.89
CA HIS A 118 -25.95 -6.23 3.09
C HIS A 118 -27.25 -6.98 2.78
N HIS A 119 -28.13 -7.02 3.75
CA HIS A 119 -29.43 -7.74 3.55
C HIS A 119 -29.20 -9.10 2.88
N HIS A 120 -29.05 -10.12 3.67
CA HIS A 120 -28.83 -11.50 3.11
C HIS A 120 -29.24 -12.53 4.16
N MET A 1 -3.54 -4.94 14.06
CA MET A 1 -4.78 -4.61 13.29
C MET A 1 -4.41 -4.54 11.80
N ALA A 2 -3.14 -4.53 11.50
CA ALA A 2 -2.68 -4.46 10.09
C ALA A 2 -3.53 -3.46 9.30
N GLU A 3 -3.08 -2.24 9.22
CA GLU A 3 -3.84 -1.20 8.46
C GLU A 3 -2.88 -0.32 7.67
N ILE A 4 -3.30 0.12 6.51
CA ILE A 4 -2.43 0.99 5.66
C ILE A 4 -2.96 2.42 5.66
N GLN A 5 -2.11 3.37 5.97
CA GLN A 5 -2.56 4.80 5.98
C GLN A 5 -1.37 5.71 5.67
N PHE A 6 -1.64 6.91 5.23
CA PHE A 6 -0.54 7.88 4.90
C PHE A 6 -0.45 8.92 6.02
N SER A 7 -1.57 9.30 6.58
CA SER A 7 -1.58 10.32 7.67
C SER A 7 -2.39 9.80 8.87
N LYS A 8 -2.04 10.25 10.04
CA LYS A 8 -2.76 9.79 11.27
C LYS A 8 -4.20 10.31 11.27
N GLY A 9 -5.12 9.48 11.68
CA GLY A 9 -6.56 9.88 11.72
C GLY A 9 -7.20 9.65 10.35
N VAL A 10 -6.71 8.67 9.62
CA VAL A 10 -7.27 8.38 8.27
C VAL A 10 -7.99 7.03 8.29
N ALA A 11 -9.17 7.00 7.73
CA ALA A 11 -9.98 5.73 7.71
C ALA A 11 -9.22 4.63 6.97
N GLU A 12 -9.34 3.43 7.46
CA GLU A 12 -8.64 2.27 6.82
C GLU A 12 -9.67 1.49 5.97
N THR A 13 -10.49 2.20 5.24
CA THR A 13 -11.53 1.53 4.38
C THR A 13 -10.97 1.37 2.97
N VAL A 14 -9.85 1.98 2.69
CA VAL A 14 -9.25 1.89 1.33
C VAL A 14 -8.69 0.48 1.09
N VAL A 15 -8.96 -0.09 -0.06
CA VAL A 15 -8.47 -1.46 -0.37
C VAL A 15 -7.51 -1.41 -1.57
N PRO A 16 -6.26 -1.08 -1.33
CA PRO A 16 -5.21 -0.99 -2.40
C PRO A 16 -4.68 -2.36 -2.80
N GLU A 17 -4.25 -2.50 -4.02
CA GLU A 17 -3.72 -3.81 -4.49
C GLU A 17 -2.21 -3.86 -4.28
N VAL A 18 -1.67 -5.05 -4.13
CA VAL A 18 -0.21 -5.19 -3.89
C VAL A 18 0.42 -5.97 -5.05
N ARG A 19 1.52 -5.48 -5.56
CA ARG A 19 2.21 -6.16 -6.70
C ARG A 19 3.63 -6.51 -6.29
N LEU A 20 4.09 -7.67 -6.70
CA LEU A 20 5.48 -8.11 -6.34
C LEU A 20 6.37 -7.99 -7.57
N SER A 21 7.29 -7.06 -7.53
CA SER A 21 8.20 -6.85 -8.68
C SER A 21 9.38 -7.83 -8.59
N LYS A 22 10.16 -7.94 -9.64
CA LYS A 22 11.33 -8.87 -9.64
C LYS A 22 12.62 -8.07 -9.65
N SER A 23 13.46 -8.28 -8.68
CA SER A 23 14.75 -7.56 -8.60
C SER A 23 15.51 -8.06 -7.37
N LYS A 24 14.94 -9.01 -6.67
CA LYS A 24 15.61 -9.57 -5.47
C LYS A 24 16.92 -10.24 -5.90
N ASN A 25 16.89 -10.88 -7.03
CA ASN A 25 18.12 -11.56 -7.55
C ASN A 25 18.69 -10.73 -8.70
N GLY A 26 18.13 -9.56 -8.92
CA GLY A 26 18.62 -8.67 -10.01
C GLY A 26 19.45 -7.52 -9.42
N GLN A 27 18.84 -6.74 -8.57
CA GLN A 27 19.57 -5.59 -7.95
C GLN A 27 18.94 -5.25 -6.59
N SER A 28 17.64 -5.37 -6.48
CA SER A 28 16.98 -5.05 -5.19
C SER A 28 15.51 -5.48 -5.23
N GLY A 29 15.17 -6.50 -4.49
CA GLY A 29 13.76 -6.99 -4.48
C GLY A 29 12.82 -5.94 -3.88
N MET A 30 11.65 -5.80 -4.45
CA MET A 30 10.70 -4.79 -3.90
C MET A 30 9.28 -5.09 -4.40
N ALA A 31 8.31 -4.43 -3.84
CA ALA A 31 6.89 -4.64 -4.26
C ALA A 31 6.19 -3.28 -4.37
N LYS A 32 5.27 -3.14 -5.28
CA LYS A 32 4.56 -1.84 -5.46
C LYS A 32 3.15 -1.93 -4.88
N PHE A 33 2.65 -0.83 -4.39
CA PHE A 33 1.27 -0.80 -3.80
C PHE A 33 0.42 0.17 -4.63
N TYR A 34 -0.74 -0.28 -5.03
CA TYR A 34 -1.64 0.58 -5.85
C TYR A 34 -2.71 1.21 -4.97
N PHE A 35 -2.78 2.51 -4.98
CA PHE A 35 -3.78 3.25 -4.16
C PHE A 35 -4.76 3.95 -5.08
N LEU A 36 -6.04 3.72 -4.90
CA LEU A 36 -7.06 4.36 -5.76
C LEU A 36 -7.97 5.28 -4.94
N GLU A 37 -7.95 6.55 -5.26
CA GLU A 37 -8.80 7.55 -4.54
C GLU A 37 -9.00 7.17 -3.07
N PRO A 38 -7.97 7.25 -2.27
CA PRO A 38 -8.02 6.92 -0.81
C PRO A 38 -8.94 7.90 -0.07
N THR A 39 -9.69 8.68 -0.80
CA THR A 39 -10.60 9.67 -0.16
C THR A 39 -9.77 10.76 0.52
N ILE A 40 -8.48 10.63 0.51
CA ILE A 40 -7.61 11.65 1.14
C ILE A 40 -7.33 12.79 0.15
N LEU A 41 -7.85 12.69 -1.05
CA LEU A 41 -7.63 13.76 -2.06
C LEU A 41 -8.61 14.90 -1.80
N ALA A 42 -9.56 14.69 -0.94
CA ALA A 42 -10.55 15.78 -0.62
C ALA A 42 -10.06 16.56 0.60
N LYS A 43 -9.17 15.99 1.36
CA LYS A 43 -8.63 16.69 2.57
C LYS A 43 -7.20 17.13 2.32
N GLU A 44 -6.40 16.29 1.70
CA GLU A 44 -4.97 16.67 1.44
C GLU A 44 -4.58 16.28 0.01
N SER A 45 -3.86 17.15 -0.65
CA SER A 45 -3.43 16.88 -2.05
C SER A 45 -2.26 15.90 -2.08
N THR A 46 -1.94 15.40 -3.24
CA THR A 46 -0.81 14.44 -3.37
C THR A 46 0.51 15.14 -3.00
N ASP A 47 0.61 16.40 -3.28
CA ASP A 47 1.86 17.15 -2.94
C ASP A 47 2.05 17.19 -1.42
N ASP A 48 0.97 17.31 -0.70
CA ASP A 48 1.07 17.35 0.79
C ASP A 48 1.61 16.01 1.29
N ILE A 49 1.22 14.94 0.66
CA ILE A 49 1.69 13.61 1.09
C ILE A 49 3.12 13.38 0.64
N THR A 50 3.97 12.98 1.55
CA THR A 50 5.39 12.72 1.20
C THR A 50 5.91 11.54 2.04
N GLY A 51 5.16 10.47 2.05
CA GLY A 51 5.59 9.27 2.84
C GLY A 51 4.41 8.32 3.05
N MET A 52 4.70 7.09 3.41
CA MET A 52 3.62 6.09 3.63
C MET A 52 3.85 5.42 4.99
N TYR A 53 2.81 5.34 5.80
CA TYR A 53 2.93 4.74 7.16
C TYR A 53 2.21 3.39 7.19
N LEU A 54 2.97 2.33 7.27
CA LEU A 54 2.37 0.97 7.33
C LEU A 54 2.38 0.50 8.78
N ILE A 55 1.22 0.18 9.32
CA ILE A 55 1.14 -0.28 10.74
C ILE A 55 0.90 -1.79 10.77
N ASP A 56 1.87 -2.52 11.27
CA ASP A 56 1.75 -4.01 11.34
C ASP A 56 1.18 -4.42 12.70
N ASP A 57 0.87 -5.68 12.85
CA ASP A 57 0.32 -6.18 14.15
C ASP A 57 1.46 -6.36 15.15
N GLU A 58 2.68 -6.17 14.73
CA GLU A 58 3.85 -6.34 15.64
C GLU A 58 4.66 -5.04 15.63
N GLY A 59 4.46 -4.22 14.63
CA GLY A 59 5.23 -2.95 14.55
C GLY A 59 4.72 -2.11 13.39
N GLU A 60 5.57 -1.29 12.81
CA GLU A 60 5.15 -0.43 11.68
C GLU A 60 6.36 -0.14 10.79
N ILE A 61 6.15 -0.06 9.49
CA ILE A 61 7.27 0.23 8.55
C ILE A 61 7.05 1.58 7.89
N ILE A 62 8.05 2.42 7.92
CA ILE A 62 7.91 3.79 7.32
C ILE A 62 8.82 3.90 6.10
N THR A 63 8.27 4.38 5.01
CA THR A 63 9.08 4.52 3.77
C THR A 63 8.73 5.84 3.08
N ARG A 64 9.71 6.46 2.46
CA ARG A 64 9.46 7.75 1.75
C ARG A 64 9.34 7.47 0.24
N GLU A 65 9.38 6.22 -0.14
CA GLU A 65 9.26 5.89 -1.58
C GLU A 65 7.80 5.93 -2.01
N VAL A 66 7.26 7.12 -2.14
CA VAL A 66 5.83 7.28 -2.56
C VAL A 66 5.76 8.14 -3.82
N LYS A 67 4.98 7.71 -4.78
CA LYS A 67 4.85 8.49 -6.06
C LYS A 67 3.37 8.72 -6.34
N GLY A 68 3.02 9.95 -6.61
CA GLY A 68 1.60 10.29 -6.89
C GLY A 68 1.30 10.15 -8.38
N LYS A 69 0.24 9.46 -8.71
CA LYS A 69 -0.15 9.28 -10.13
C LYS A 69 -1.38 10.15 -10.42
N PHE A 70 -1.32 10.91 -11.49
CA PHE A 70 -2.46 11.82 -11.83
C PHE A 70 -3.24 11.25 -13.02
N ILE A 71 -4.53 11.45 -13.01
CA ILE A 71 -5.40 10.94 -14.12
C ILE A 71 -6.15 12.11 -14.74
N ASN A 72 -6.41 12.01 -16.03
CA ASN A 72 -7.13 13.10 -16.75
C ASN A 72 -6.43 14.45 -16.46
N GLY A 73 -5.25 14.39 -15.91
CA GLY A 73 -4.51 15.65 -15.61
C GLY A 73 -4.88 16.13 -14.21
N ARG A 74 -5.23 15.22 -13.34
CA ARG A 74 -5.59 15.64 -11.95
C ARG A 74 -5.33 14.47 -10.98
N PRO A 75 -5.28 14.74 -9.70
CA PRO A 75 -5.07 13.67 -8.66
C PRO A 75 -6.17 12.59 -8.71
N THR A 76 -5.80 11.36 -8.50
CA THR A 76 -6.81 10.27 -8.53
C THR A 76 -6.22 9.00 -7.91
N ALA A 77 -4.94 8.77 -8.07
CA ALA A 77 -4.34 7.52 -7.49
C ALA A 77 -2.88 7.75 -7.10
N ILE A 78 -2.41 6.99 -6.14
CA ILE A 78 -0.99 7.12 -5.67
C ILE A 78 -0.34 5.74 -5.68
N GLU A 79 0.98 5.71 -5.61
CA GLU A 79 1.70 4.40 -5.62
C GLU A 79 2.88 4.45 -4.64
N ALA A 80 3.24 3.32 -4.11
CA ALA A 80 4.39 3.28 -3.14
C ALA A 80 5.17 1.99 -3.34
N THR A 81 6.47 2.04 -3.15
CA THR A 81 7.32 0.83 -3.31
C THR A 81 8.08 0.55 -2.02
N VAL A 82 8.08 -0.68 -1.57
CA VAL A 82 8.80 -1.05 -0.32
C VAL A 82 9.97 -1.97 -0.65
N ILE A 83 11.12 -1.66 -0.10
CA ILE A 83 12.33 -2.49 -0.37
C ILE A 83 12.26 -3.80 0.42
N LEU A 84 12.49 -4.91 -0.24
CA LEU A 84 12.45 -6.23 0.45
C LEU A 84 13.80 -6.93 0.24
N ASN A 85 14.86 -6.16 0.23
CA ASN A 85 16.21 -6.75 0.05
C ASN A 85 16.55 -7.66 1.23
N SER A 86 16.17 -7.27 2.41
CA SER A 86 16.49 -8.10 3.61
C SER A 86 15.61 -9.37 3.61
N GLN A 87 16.08 -10.39 4.28
CA GLN A 87 15.31 -11.67 4.37
C GLN A 87 14.20 -11.56 5.43
N PRO A 88 14.48 -10.97 6.59
CA PRO A 88 13.47 -10.85 7.68
C PRO A 88 12.30 -9.96 7.26
N GLU A 89 12.54 -9.07 6.35
CA GLU A 89 11.46 -8.15 5.87
C GLU A 89 10.45 -8.96 5.05
N TRP A 90 10.91 -9.90 4.29
CA TRP A 90 9.99 -10.72 3.46
C TRP A 90 9.02 -11.48 4.37
N ASP A 91 9.52 -12.03 5.43
CA ASP A 91 8.64 -12.81 6.36
C ASP A 91 7.54 -11.89 6.92
N ARG A 92 7.92 -10.74 7.42
CA ARG A 92 6.92 -9.80 7.98
C ARG A 92 6.08 -9.22 6.83
N PHE A 93 6.71 -8.91 5.74
CA PHE A 93 5.96 -8.35 4.58
C PHE A 93 4.90 -9.35 4.10
N MET A 94 5.28 -10.60 3.96
CA MET A 94 4.31 -11.63 3.51
C MET A 94 3.18 -11.76 4.54
N ARG A 95 3.54 -11.81 5.79
CA ARG A 95 2.51 -11.93 6.87
C ARG A 95 1.62 -10.68 6.89
N PHE A 96 2.20 -9.54 6.66
CA PHE A 96 1.40 -8.28 6.66
C PHE A 96 0.31 -8.35 5.60
N MET A 97 0.66 -8.80 4.43
CA MET A 97 -0.35 -8.90 3.33
C MET A 97 -1.40 -9.94 3.72
N GLU A 98 -0.98 -11.02 4.32
CA GLU A 98 -1.95 -12.08 4.73
C GLU A 98 -2.83 -11.54 5.87
N ARG A 99 -2.23 -10.90 6.84
CA ARG A 99 -3.01 -10.35 7.98
C ARG A 99 -3.91 -9.21 7.49
N TYR A 100 -3.40 -8.41 6.59
CA TYR A 100 -4.20 -7.28 6.05
C TYR A 100 -5.46 -7.82 5.36
N GLY A 101 -5.28 -8.83 4.55
CA GLY A 101 -6.43 -9.44 3.83
C GLY A 101 -7.40 -10.08 4.84
N ALA A 102 -6.86 -10.64 5.89
CA ALA A 102 -7.73 -11.29 6.92
C ALA A 102 -8.60 -10.22 7.59
N GLU A 103 -8.05 -9.08 7.84
CA GLU A 103 -8.83 -7.99 8.50
C GLU A 103 -9.89 -7.47 7.53
N ASN A 104 -9.57 -7.38 6.27
CA ASN A 104 -10.56 -6.88 5.27
C ASN A 104 -11.49 -8.03 4.87
N GLY A 105 -11.00 -8.94 4.08
CA GLY A 105 -11.84 -10.09 3.64
C GLY A 105 -11.42 -10.52 2.23
N LEU A 106 -10.14 -10.61 1.99
CA LEU A 106 -9.65 -11.02 0.65
C LEU A 106 -8.16 -11.33 0.71
N GLY A 107 -7.78 -12.48 0.22
CA GLY A 107 -6.34 -12.87 0.23
C GLY A 107 -5.71 -12.58 -1.12
N PHE A 108 -6.14 -13.28 -2.15
CA PHE A 108 -5.56 -13.06 -3.51
C PHE A 108 -6.16 -11.80 -4.15
N SER A 109 -5.36 -11.07 -4.88
CA SER A 109 -5.85 -9.82 -5.55
C SER A 109 -5.75 -9.99 -7.08
N LYS A 110 -4.62 -9.64 -7.64
CA LYS A 110 -4.45 -9.77 -9.13
C LYS A 110 -3.03 -10.22 -9.46
N SER A 111 -2.05 -9.48 -9.02
CA SER A 111 -0.63 -9.86 -9.31
C SER A 111 -0.30 -11.16 -8.58
N GLU A 112 -1.12 -11.54 -7.63
CA GLU A 112 -0.86 -12.80 -6.88
C GLU A 112 -1.06 -14.00 -7.82
N LEU A 113 -2.07 -13.96 -8.63
CA LEU A 113 -2.31 -15.08 -9.58
C LEU A 113 -1.21 -15.11 -10.63
N GLU A 114 -0.84 -13.95 -11.14
CA GLU A 114 0.23 -13.84 -12.18
C GLU A 114 0.32 -15.13 -13.01
N HIS A 115 -0.77 -15.51 -13.64
CA HIS A 115 -0.79 -16.75 -14.46
C HIS A 115 -1.39 -16.45 -15.83
N HIS A 116 -0.81 -17.01 -16.85
CA HIS A 116 -1.32 -16.78 -18.23
C HIS A 116 -1.01 -18.02 -19.08
N HIS A 117 -1.35 -19.18 -18.58
CA HIS A 117 -1.09 -20.44 -19.33
C HIS A 117 -1.96 -20.46 -20.59
N HIS A 118 -3.17 -19.99 -20.49
CA HIS A 118 -4.09 -19.97 -21.66
C HIS A 118 -4.17 -21.36 -22.29
N HIS A 119 -3.52 -21.55 -23.42
CA HIS A 119 -3.55 -22.87 -24.09
C HIS A 119 -2.24 -23.09 -24.85
N HIS A 120 -1.23 -22.31 -24.53
CA HIS A 120 0.08 -22.46 -25.21
C HIS A 120 1.19 -21.93 -24.31
N MET A 1 -4.25 -5.60 12.86
CA MET A 1 -3.34 -4.46 13.16
C MET A 1 -2.71 -3.98 11.86
N ALA A 2 -2.93 -4.71 10.80
CA ALA A 2 -2.34 -4.32 9.48
C ALA A 2 -3.22 -3.27 8.81
N GLU A 3 -2.66 -2.10 8.56
CA GLU A 3 -3.45 -1.02 7.91
C GLU A 3 -2.50 -0.05 7.21
N ILE A 4 -3.02 0.70 6.26
CA ILE A 4 -2.17 1.67 5.51
C ILE A 4 -2.51 3.09 5.96
N GLN A 5 -1.50 3.84 6.32
CA GLN A 5 -1.73 5.23 6.78
C GLN A 5 -0.64 6.13 6.20
N PHE A 6 -1.02 7.29 5.72
CA PHE A 6 -0.03 8.25 5.14
C PHE A 6 0.24 9.36 6.15
N SER A 7 -0.59 9.46 7.16
CA SER A 7 -0.38 10.54 8.18
C SER A 7 -1.27 10.28 9.39
N LYS A 8 -1.04 11.02 10.45
CA LYS A 8 -1.84 10.84 11.70
C LYS A 8 -3.23 11.46 11.54
N GLY A 9 -4.23 10.82 12.09
CA GLY A 9 -5.62 11.35 12.00
C GLY A 9 -6.24 10.94 10.66
N VAL A 10 -5.75 9.87 10.07
CA VAL A 10 -6.30 9.38 8.77
C VAL A 10 -7.05 8.08 9.00
N ALA A 11 -6.58 7.29 9.93
CA ALA A 11 -7.25 5.99 10.24
C ALA A 11 -7.35 5.13 8.97
N GLU A 12 -7.71 3.88 9.14
CA GLU A 12 -7.81 2.96 7.98
C GLU A 12 -9.15 3.17 7.26
N THR A 13 -9.12 3.15 5.96
CA THR A 13 -10.35 3.34 5.16
C THR A 13 -10.06 2.98 3.70
N VAL A 14 -8.86 3.28 3.26
CA VAL A 14 -8.47 2.98 1.85
C VAL A 14 -8.06 1.52 1.71
N VAL A 15 -8.52 0.86 0.67
CA VAL A 15 -8.18 -0.58 0.45
C VAL A 15 -7.39 -0.70 -0.86
N PRO A 16 -6.10 -0.46 -0.82
CA PRO A 16 -5.23 -0.53 -2.03
C PRO A 16 -4.83 -1.96 -2.40
N GLU A 17 -4.49 -2.18 -3.64
CA GLU A 17 -4.10 -3.54 -4.09
C GLU A 17 -2.62 -3.77 -3.81
N VAL A 18 -2.25 -5.00 -3.54
CA VAL A 18 -0.83 -5.34 -3.25
C VAL A 18 -0.23 -6.10 -4.43
N ARG A 19 0.93 -5.69 -4.86
CA ARG A 19 1.61 -6.37 -6.01
C ARG A 19 3.05 -6.70 -5.64
N LEU A 20 3.54 -7.80 -6.11
CA LEU A 20 4.94 -8.22 -5.80
C LEU A 20 5.80 -8.14 -7.04
N SER A 21 6.97 -7.58 -6.91
CA SER A 21 7.89 -7.45 -8.07
C SER A 21 9.33 -7.29 -7.57
N LYS A 22 10.28 -7.41 -8.46
CA LYS A 22 11.73 -7.27 -8.06
C LYS A 22 12.34 -6.08 -8.79
N SER A 23 13.20 -5.36 -8.12
CA SER A 23 13.84 -4.17 -8.75
C SER A 23 14.71 -4.60 -9.93
N LYS A 24 14.52 -3.96 -11.05
CA LYS A 24 15.32 -4.30 -12.26
C LYS A 24 16.78 -3.93 -12.02
N ASN A 25 17.03 -2.83 -11.39
CA ASN A 25 18.44 -2.40 -11.13
C ASN A 25 19.06 -3.31 -10.06
N GLY A 26 18.30 -4.26 -9.57
CA GLY A 26 18.83 -5.20 -8.54
C GLY A 26 18.70 -4.56 -7.15
N GLN A 27 17.84 -3.59 -7.01
CA GLN A 27 17.66 -2.92 -5.70
C GLN A 27 16.90 -3.86 -4.74
N SER A 28 17.31 -5.09 -4.69
CA SER A 28 16.64 -6.07 -3.79
C SER A 28 15.17 -6.25 -4.13
N GLY A 29 14.50 -7.10 -3.41
CA GLY A 29 13.05 -7.35 -3.65
C GLY A 29 12.23 -6.10 -3.35
N MET A 30 11.06 -6.00 -3.94
CA MET A 30 10.20 -4.81 -3.70
C MET A 30 8.73 -5.16 -3.93
N ALA A 31 7.87 -4.24 -3.60
CA ALA A 31 6.41 -4.47 -3.81
C ALA A 31 5.74 -3.14 -4.14
N LYS A 32 4.80 -3.16 -5.06
CA LYS A 32 4.10 -1.90 -5.46
C LYS A 32 2.67 -1.91 -4.91
N PHE A 33 2.21 -0.77 -4.46
CA PHE A 33 0.84 -0.67 -3.90
C PHE A 33 0.02 0.29 -4.77
N TYR A 34 -1.11 -0.16 -5.23
CA TYR A 34 -1.97 0.69 -6.10
C TYR A 34 -3.10 1.28 -5.27
N PHE A 35 -3.28 2.57 -5.34
CA PHE A 35 -4.36 3.25 -4.57
C PHE A 35 -5.42 3.78 -5.53
N LEU A 36 -6.62 3.28 -5.42
CA LEU A 36 -7.72 3.71 -6.32
C LEU A 36 -8.55 4.82 -5.66
N GLU A 37 -8.72 5.91 -6.37
CA GLU A 37 -9.52 7.06 -5.84
C GLU A 37 -9.27 7.26 -4.34
N PRO A 38 -8.11 7.72 -3.98
CA PRO A 38 -7.74 7.96 -2.56
C PRO A 38 -8.66 9.01 -1.91
N THR A 39 -9.00 8.79 -0.67
CA THR A 39 -9.90 9.75 0.06
C THR A 39 -9.08 10.86 0.72
N ILE A 40 -7.81 10.64 0.90
CA ILE A 40 -6.96 11.69 1.55
C ILE A 40 -6.88 12.91 0.64
N LEU A 41 -7.57 12.89 -0.48
CA LEU A 41 -7.54 14.06 -1.40
C LEU A 41 -8.53 15.11 -0.88
N ALA A 42 -9.30 14.76 0.11
CA ALA A 42 -10.28 15.73 0.69
C ALA A 42 -9.65 16.43 1.88
N LYS A 43 -8.58 15.88 2.41
CA LYS A 43 -7.89 16.50 3.58
C LYS A 43 -6.58 17.16 3.11
N GLU A 44 -5.78 16.44 2.38
CA GLU A 44 -4.48 17.00 1.89
C GLU A 44 -4.23 16.57 0.45
N SER A 45 -3.43 17.31 -0.27
CA SER A 45 -3.14 16.97 -1.69
C SER A 45 -2.15 15.81 -1.77
N THR A 46 -2.04 15.21 -2.93
CA THR A 46 -1.10 14.08 -3.12
C THR A 46 0.35 14.56 -2.95
N ASP A 47 0.65 15.74 -3.42
CA ASP A 47 2.03 16.28 -3.30
C ASP A 47 2.35 16.58 -1.84
N ASP A 48 1.34 16.65 -1.00
CA ASP A 48 1.58 16.93 0.44
C ASP A 48 1.85 15.62 1.18
N ILE A 49 1.83 14.51 0.47
CA ILE A 49 2.08 13.20 1.14
C ILE A 49 3.55 12.83 1.01
N THR A 50 4.22 12.70 2.14
CA THR A 50 5.67 12.34 2.13
C THR A 50 5.84 10.96 2.76
N GLY A 51 6.40 10.04 2.02
CA GLY A 51 6.64 8.66 2.54
C GLY A 51 5.32 7.97 2.89
N MET A 52 5.41 6.73 3.31
CA MET A 52 4.20 5.95 3.68
C MET A 52 4.44 5.27 5.03
N TYR A 53 3.45 5.30 5.89
CA TYR A 53 3.59 4.66 7.24
C TYR A 53 2.77 3.37 7.30
N LEU A 54 3.45 2.25 7.37
CA LEU A 54 2.75 0.93 7.44
C LEU A 54 2.71 0.45 8.88
N ILE A 55 1.53 0.14 9.39
CA ILE A 55 1.42 -0.34 10.81
C ILE A 55 1.25 -1.86 10.81
N ASP A 56 2.33 -2.57 11.08
CA ASP A 56 2.27 -4.06 11.11
C ASP A 56 1.98 -4.53 12.53
N ASP A 57 1.82 -5.82 12.70
CA ASP A 57 1.54 -6.38 14.05
C ASP A 57 2.75 -6.22 14.97
N GLU A 58 2.59 -5.39 15.97
CA GLU A 58 3.70 -5.14 16.94
C GLU A 58 4.93 -4.63 16.19
N GLY A 59 4.70 -3.92 15.12
CA GLY A 59 5.84 -3.37 14.33
C GLY A 59 5.32 -2.48 13.21
N GLU A 60 6.19 -1.75 12.57
CA GLU A 60 5.74 -0.85 11.47
C GLU A 60 6.90 -0.65 10.48
N ILE A 61 6.57 -0.43 9.23
CA ILE A 61 7.59 -0.21 8.18
C ILE A 61 7.34 1.13 7.51
N ILE A 62 8.36 1.94 7.42
CA ILE A 62 8.21 3.29 6.80
C ILE A 62 9.16 3.42 5.61
N THR A 63 8.65 3.87 4.49
CA THR A 63 9.50 4.04 3.27
C THR A 63 9.32 5.44 2.70
N ARG A 64 10.38 6.02 2.21
CA ARG A 64 10.31 7.39 1.65
C ARG A 64 10.14 7.31 0.13
N GLU A 65 8.94 7.06 -0.32
CA GLU A 65 8.66 6.97 -1.78
C GLU A 65 7.32 7.60 -2.10
N VAL A 66 6.32 6.79 -2.35
CA VAL A 66 4.97 7.32 -2.68
C VAL A 66 5.03 8.23 -3.90
N LYS A 67 4.42 7.82 -4.98
CA LYS A 67 4.41 8.64 -6.23
C LYS A 67 2.98 8.83 -6.69
N GLY A 68 2.52 10.05 -6.71
CA GLY A 68 1.13 10.35 -7.13
C GLY A 68 0.96 10.14 -8.63
N LYS A 69 -0.13 9.52 -9.02
CA LYS A 69 -0.41 9.28 -10.46
C LYS A 69 -1.54 10.21 -10.92
N PHE A 70 -1.27 10.99 -11.94
CA PHE A 70 -2.28 11.97 -12.44
C PHE A 70 -2.97 11.41 -13.69
N ILE A 71 -4.27 11.31 -13.66
CA ILE A 71 -5.04 10.79 -14.82
C ILE A 71 -5.79 11.93 -15.49
N ASN A 72 -5.49 12.16 -16.74
CA ASN A 72 -6.14 13.25 -17.51
C ASN A 72 -5.89 14.62 -16.85
N GLY A 73 -4.74 14.78 -16.25
CA GLY A 73 -4.41 16.08 -15.59
C GLY A 73 -5.13 16.17 -14.26
N ARG A 74 -5.29 15.07 -13.58
CA ARG A 74 -5.98 15.11 -12.26
C ARG A 74 -5.48 13.95 -11.38
N PRO A 75 -5.15 14.22 -10.12
CA PRO A 75 -4.67 13.16 -9.18
C PRO A 75 -5.81 12.24 -8.76
N THR A 76 -6.03 11.19 -9.50
CA THR A 76 -7.14 10.24 -9.18
C THR A 76 -6.56 8.96 -8.57
N ALA A 77 -5.27 8.75 -8.71
CA ALA A 77 -4.68 7.50 -8.14
C ALA A 77 -3.27 7.77 -7.63
N ILE A 78 -2.83 6.97 -6.69
CA ILE A 78 -1.46 7.14 -6.11
C ILE A 78 -0.78 5.78 -6.03
N GLU A 79 0.53 5.76 -5.97
CA GLU A 79 1.26 4.47 -5.90
C GLU A 79 2.42 4.58 -4.92
N ALA A 80 2.86 3.46 -4.40
CA ALA A 80 3.99 3.47 -3.43
C ALA A 80 4.82 2.20 -3.60
N THR A 81 6.11 2.29 -3.35
CA THR A 81 7.00 1.10 -3.49
C THR A 81 7.70 0.82 -2.17
N VAL A 82 7.70 -0.41 -1.74
CA VAL A 82 8.35 -0.78 -0.45
C VAL A 82 9.61 -1.61 -0.73
N ILE A 83 10.71 -1.22 -0.13
CA ILE A 83 11.99 -1.95 -0.32
C ILE A 83 12.22 -2.91 0.83
N LEU A 84 12.35 -4.18 0.53
CA LEU A 84 12.59 -5.20 1.60
C LEU A 84 14.04 -5.68 1.49
N ASN A 85 14.97 -4.80 1.77
CA ASN A 85 16.40 -5.17 1.71
C ASN A 85 16.72 -6.20 2.78
N SER A 86 16.14 -6.05 3.95
CA SER A 86 16.41 -7.00 5.06
C SER A 86 15.74 -8.35 4.78
N GLN A 87 16.31 -9.40 5.31
CA GLN A 87 15.74 -10.76 5.12
C GLN A 87 14.50 -10.97 6.01
N PRO A 88 14.63 -10.83 7.31
CA PRO A 88 13.49 -11.04 8.25
C PRO A 88 12.29 -10.15 7.90
N GLU A 89 12.56 -9.01 7.33
CA GLU A 89 11.45 -8.09 6.94
C GLU A 89 10.62 -8.73 5.82
N TRP A 90 11.28 -9.45 4.95
CA TRP A 90 10.53 -10.10 3.82
C TRP A 90 9.49 -11.07 4.38
N ASP A 91 9.87 -11.87 5.32
CA ASP A 91 8.92 -12.85 5.90
C ASP A 91 7.79 -12.10 6.60
N ARG A 92 8.13 -11.06 7.33
CA ARG A 92 7.10 -10.26 8.04
C ARG A 92 6.19 -9.58 7.01
N PHE A 93 6.79 -9.08 5.96
CA PHE A 93 6.00 -8.39 4.90
C PHE A 93 5.00 -9.38 4.29
N MET A 94 5.43 -10.58 4.06
CA MET A 94 4.53 -11.61 3.46
C MET A 94 3.35 -11.86 4.40
N ARG A 95 3.61 -11.93 5.68
CA ARG A 95 2.53 -12.16 6.66
C ARG A 95 1.56 -10.98 6.65
N PHE A 96 2.10 -9.80 6.53
CA PHE A 96 1.23 -8.58 6.50
C PHE A 96 0.26 -8.66 5.33
N MET A 97 0.73 -9.07 4.18
CA MET A 97 -0.18 -9.17 3.00
C MET A 97 -1.29 -10.19 3.27
N GLU A 98 -0.94 -11.31 3.85
CA GLU A 98 -1.97 -12.35 4.14
C GLU A 98 -2.88 -11.86 5.27
N ARG A 99 -2.31 -11.29 6.29
CA ARG A 99 -3.13 -10.79 7.43
C ARG A 99 -4.01 -9.63 6.96
N TYR A 100 -3.46 -8.75 6.17
CA TYR A 100 -4.25 -7.59 5.67
C TYR A 100 -5.44 -8.09 4.85
N GLY A 101 -5.21 -9.05 3.99
CA GLY A 101 -6.31 -9.59 3.14
C GLY A 101 -7.40 -10.20 4.03
N ALA A 102 -7.03 -10.83 5.10
CA ALA A 102 -8.03 -11.45 6.00
C ALA A 102 -8.93 -10.37 6.61
N GLU A 103 -8.35 -9.27 7.00
CA GLU A 103 -9.16 -8.17 7.61
C GLU A 103 -10.01 -7.50 6.53
N ASN A 104 -9.49 -7.37 5.33
CA ASN A 104 -10.25 -6.72 4.23
C ASN A 104 -10.45 -7.71 3.07
N GLY A 105 -10.14 -7.29 1.86
CA GLY A 105 -10.33 -8.20 0.70
C GLY A 105 -9.60 -7.61 -0.52
N LEU A 106 -8.74 -8.39 -1.12
CA LEU A 106 -7.97 -7.90 -2.30
C LEU A 106 -8.78 -8.14 -3.58
N GLY A 107 -8.79 -7.16 -4.45
CA GLY A 107 -9.54 -7.29 -5.72
C GLY A 107 -11.01 -6.95 -5.47
N PHE A 108 -11.34 -6.58 -4.26
CA PHE A 108 -12.76 -6.23 -3.93
C PHE A 108 -12.92 -4.71 -3.86
N SER A 109 -14.02 -4.21 -4.36
CA SER A 109 -14.26 -2.74 -4.34
C SER A 109 -14.73 -2.29 -2.96
N LYS A 110 -14.71 -1.00 -2.73
CA LYS A 110 -15.13 -0.46 -1.41
C LYS A 110 -16.59 -0.84 -1.12
N SER A 111 -16.83 -1.38 0.05
CA SER A 111 -18.21 -1.79 0.43
C SER A 111 -18.24 -2.23 1.90
N GLU A 112 -18.24 -3.52 2.13
CA GLU A 112 -18.28 -4.03 3.54
C GLU A 112 -16.88 -3.90 4.15
N LEU A 113 -15.90 -3.59 3.34
CA LEU A 113 -14.51 -3.44 3.86
C LEU A 113 -14.47 -2.25 4.82
N GLU A 114 -15.16 -1.20 4.51
CA GLU A 114 -15.17 0.01 5.38
C GLU A 114 -15.61 -0.37 6.79
N HIS A 115 -16.78 0.07 7.20
CA HIS A 115 -17.26 -0.24 8.57
C HIS A 115 -18.79 -0.18 8.61
N HIS A 116 -19.39 -0.93 9.49
CA HIS A 116 -20.88 -0.94 9.60
C HIS A 116 -21.30 -1.04 11.06
N HIS A 117 -22.46 -0.50 11.38
CA HIS A 117 -22.96 -0.55 12.78
C HIS A 117 -23.46 -1.97 13.11
N HIS A 118 -23.50 -2.82 12.13
CA HIS A 118 -23.97 -4.23 12.35
C HIS A 118 -25.18 -4.25 13.29
N HIS A 119 -25.02 -4.86 14.44
CA HIS A 119 -26.16 -4.94 15.40
C HIS A 119 -25.61 -5.37 16.77
N HIS A 120 -25.44 -4.43 17.66
CA HIS A 120 -24.92 -4.73 19.03
C HIS A 120 -23.83 -5.81 18.96
N MET A 1 2.19 -2.41 10.48
CA MET A 1 2.42 -3.50 9.50
C MET A 1 1.11 -4.21 9.21
N ALA A 2 0.07 -3.46 8.92
CA ALA A 2 -1.25 -4.07 8.62
C ALA A 2 -2.15 -3.03 7.95
N GLU A 3 -2.15 -1.81 8.45
CA GLU A 3 -3.00 -0.73 7.84
C GLU A 3 -2.13 0.38 7.30
N ILE A 4 -2.63 1.12 6.35
CA ILE A 4 -1.82 2.22 5.74
C ILE A 4 -2.31 3.56 6.28
N GLN A 5 -1.40 4.36 6.78
CA GLN A 5 -1.79 5.69 7.34
C GLN A 5 -0.89 6.77 6.74
N PHE A 6 -1.49 7.77 6.14
CA PHE A 6 -0.70 8.88 5.52
C PHE A 6 -0.84 10.12 6.40
N SER A 7 -1.76 10.08 7.33
CA SER A 7 -1.97 11.26 8.23
C SER A 7 -2.87 10.88 9.40
N LYS A 8 -3.56 11.84 9.96
CA LYS A 8 -4.46 11.57 11.11
C LYS A 8 -5.68 10.74 10.66
N GLY A 9 -6.01 9.72 11.42
CA GLY A 9 -7.19 8.89 11.08
C GLY A 9 -6.98 8.20 9.72
N VAL A 10 -7.37 8.86 8.66
CA VAL A 10 -7.23 8.27 7.30
C VAL A 10 -7.89 6.89 7.26
N ALA A 11 -9.13 6.83 6.83
CA ALA A 11 -9.85 5.53 6.77
C ALA A 11 -9.23 4.61 5.71
N GLU A 12 -9.17 3.34 6.00
CA GLU A 12 -8.59 2.35 5.04
C GLU A 12 -9.73 1.64 4.31
N THR A 13 -10.82 2.33 4.10
CA THR A 13 -11.97 1.70 3.39
C THR A 13 -11.58 1.48 1.93
N VAL A 14 -10.59 2.19 1.47
CA VAL A 14 -10.15 2.04 0.06
C VAL A 14 -9.46 0.69 -0.14
N VAL A 15 -9.00 0.07 0.92
CA VAL A 15 -8.30 -1.24 0.84
C VAL A 15 -7.46 -1.32 -0.46
N PRO A 16 -6.18 -1.00 -0.41
CA PRO A 16 -5.31 -1.01 -1.61
C PRO A 16 -4.88 -2.42 -2.02
N GLU A 17 -4.51 -2.59 -3.27
CA GLU A 17 -4.08 -3.93 -3.74
C GLU A 17 -2.56 -4.05 -3.58
N VAL A 18 -2.06 -5.26 -3.41
CA VAL A 18 -0.59 -5.47 -3.26
C VAL A 18 -0.07 -6.28 -4.44
N ARG A 19 1.02 -5.85 -5.02
CA ARG A 19 1.62 -6.58 -6.18
C ARG A 19 3.10 -6.84 -5.91
N LEU A 20 3.60 -7.97 -6.35
CA LEU A 20 5.03 -8.31 -6.13
C LEU A 20 5.77 -8.28 -7.46
N SER A 21 6.91 -7.64 -7.50
CA SER A 21 7.69 -7.57 -8.77
C SER A 21 9.17 -7.36 -8.45
N LYS A 22 10.01 -7.58 -9.41
CA LYS A 22 11.48 -7.40 -9.18
C LYS A 22 11.88 -5.96 -9.51
N SER A 23 12.78 -5.41 -8.73
CA SER A 23 13.22 -4.01 -8.97
C SER A 23 13.87 -3.87 -10.34
N LYS A 24 13.60 -2.79 -11.02
CA LYS A 24 14.20 -2.56 -12.36
C LYS A 24 15.59 -1.96 -12.21
N ASN A 25 15.91 -1.45 -11.04
CA ASN A 25 17.26 -0.86 -10.81
C ASN A 25 18.15 -1.91 -10.16
N GLY A 26 17.67 -3.11 -10.03
CA GLY A 26 18.48 -4.19 -9.40
C GLY A 26 18.45 -4.03 -7.88
N GLN A 27 17.53 -3.23 -7.37
CA GLN A 27 17.46 -3.02 -5.91
C GLN A 27 16.76 -4.21 -5.24
N SER A 28 17.12 -5.40 -5.61
CA SER A 28 16.50 -6.62 -5.02
C SER A 28 15.00 -6.67 -5.31
N GLY A 29 14.31 -7.57 -4.66
CA GLY A 29 12.85 -7.72 -4.88
C GLY A 29 12.11 -6.53 -4.30
N MET A 30 10.89 -6.31 -4.74
CA MET A 30 10.11 -5.16 -4.21
C MET A 30 8.62 -5.42 -4.43
N ALA A 31 7.80 -4.53 -3.94
CA ALA A 31 6.33 -4.70 -4.12
C ALA A 31 5.69 -3.33 -4.35
N LYS A 32 4.66 -3.27 -5.14
CA LYS A 32 3.99 -1.97 -5.43
C LYS A 32 2.61 -1.93 -4.78
N PHE A 33 2.22 -0.76 -4.32
CA PHE A 33 0.88 -0.62 -3.67
C PHE A 33 0.01 0.25 -4.58
N TYR A 34 -1.11 -0.28 -5.01
CA TYR A 34 -2.03 0.48 -5.90
C TYR A 34 -3.12 1.13 -5.05
N PHE A 35 -3.27 2.43 -5.15
CA PHE A 35 -4.32 3.16 -4.36
C PHE A 35 -5.35 3.75 -5.31
N LEU A 36 -6.61 3.45 -5.08
CA LEU A 36 -7.70 3.98 -5.94
C LEU A 36 -8.54 4.99 -5.17
N GLU A 37 -8.52 6.23 -5.62
CA GLU A 37 -9.31 7.32 -4.97
C GLU A 37 -9.44 7.10 -3.45
N PRO A 38 -8.35 7.16 -2.73
CA PRO A 38 -8.35 6.98 -1.24
C PRO A 38 -9.11 8.12 -0.54
N THR A 39 -9.89 8.84 -1.28
CA THR A 39 -10.66 9.97 -0.70
C THR A 39 -9.73 10.87 0.12
N ILE A 40 -8.44 10.70 -0.06
CA ILE A 40 -7.47 11.55 0.70
C ILE A 40 -7.15 12.80 -0.12
N LEU A 41 -7.49 12.79 -1.38
CA LEU A 41 -7.22 13.98 -2.24
C LEU A 41 -8.03 15.18 -1.75
N ALA A 42 -9.26 14.96 -1.38
CA ALA A 42 -10.12 16.07 -0.89
C ALA A 42 -9.61 16.57 0.46
N LYS A 43 -9.11 15.68 1.27
CA LYS A 43 -8.60 16.10 2.61
C LYS A 43 -7.18 16.63 2.49
N GLU A 44 -6.26 15.78 2.10
CA GLU A 44 -4.82 16.21 1.97
C GLU A 44 -4.37 16.08 0.52
N SER A 45 -3.56 17.00 0.07
CA SER A 45 -3.08 16.96 -1.34
C SER A 45 -2.04 15.85 -1.52
N THR A 46 -1.80 15.46 -2.74
CA THR A 46 -0.79 14.39 -3.01
C THR A 46 0.60 14.91 -2.62
N ASP A 47 0.85 16.17 -2.82
CA ASP A 47 2.18 16.73 -2.47
C ASP A 47 2.37 16.72 -0.95
N ASP A 48 1.31 16.74 -0.20
CA ASP A 48 1.44 16.73 1.28
C ASP A 48 1.63 15.29 1.76
N ILE A 49 1.46 14.33 0.89
CA ILE A 49 1.65 12.90 1.30
C ILE A 49 3.06 12.47 0.93
N THR A 50 3.89 12.24 1.92
CA THR A 50 5.29 11.81 1.65
C THR A 50 5.61 10.54 2.43
N GLY A 51 6.07 9.53 1.74
CA GLY A 51 6.43 8.24 2.41
C GLY A 51 5.16 7.53 2.90
N MET A 52 5.24 6.22 3.04
CA MET A 52 4.06 5.43 3.52
C MET A 52 4.42 4.75 4.85
N TYR A 53 3.53 4.86 5.81
CA TYR A 53 3.78 4.23 7.15
C TYR A 53 2.88 3.02 7.32
N LEU A 54 3.45 1.86 7.51
CA LEU A 54 2.64 0.63 7.70
C LEU A 54 2.56 0.33 9.19
N ILE A 55 1.42 0.54 9.80
CA ILE A 55 1.28 0.29 11.28
C ILE A 55 0.28 -0.84 11.51
N ASP A 56 0.24 -1.39 12.70
CA ASP A 56 -0.71 -2.49 13.00
C ASP A 56 -1.06 -2.48 14.49
N ASP A 57 -0.73 -3.54 15.19
CA ASP A 57 -1.05 -3.62 16.64
C ASP A 57 -0.02 -2.82 17.45
N GLU A 58 1.14 -2.58 16.89
CA GLU A 58 2.18 -1.81 17.60
C GLU A 58 3.37 -1.59 16.67
N GLY A 59 3.77 -2.62 15.97
CA GLY A 59 4.92 -2.52 15.04
C GLY A 59 4.64 -1.47 13.96
N GLU A 60 5.66 -0.78 13.51
CA GLU A 60 5.46 0.26 12.45
C GLU A 60 6.67 0.26 11.52
N ILE A 61 6.44 0.56 10.26
CA ILE A 61 7.56 0.60 9.26
C ILE A 61 7.49 1.92 8.51
N ILE A 62 8.62 2.55 8.29
CA ILE A 62 8.65 3.85 7.58
C ILE A 62 9.14 3.66 6.15
N THR A 63 8.42 4.18 5.19
CA THR A 63 8.83 4.04 3.76
C THR A 63 8.97 5.43 3.15
N ARG A 64 10.09 5.68 2.50
CA ARG A 64 10.32 7.02 1.87
C ARG A 64 10.33 6.84 0.35
N GLU A 65 9.38 6.12 -0.17
CA GLU A 65 9.32 5.90 -1.64
C GLU A 65 7.85 5.89 -2.07
N VAL A 66 7.26 7.05 -2.23
CA VAL A 66 5.83 7.12 -2.63
C VAL A 66 5.69 8.04 -3.85
N LYS A 67 4.92 7.61 -4.81
CA LYS A 67 4.71 8.43 -6.05
C LYS A 67 3.22 8.59 -6.30
N GLY A 68 2.80 9.74 -6.73
CA GLY A 68 1.35 9.99 -6.99
C GLY A 68 1.01 9.78 -8.46
N LYS A 69 -0.11 9.17 -8.73
CA LYS A 69 -0.51 8.95 -10.15
C LYS A 69 -1.34 10.15 -10.61
N PHE A 70 -0.77 11.00 -11.42
CA PHE A 70 -1.49 12.21 -11.90
C PHE A 70 -2.14 11.93 -13.26
N ILE A 71 -3.37 12.34 -13.42
CA ILE A 71 -4.10 12.11 -14.71
C ILE A 71 -4.40 13.46 -15.36
N ASN A 72 -4.11 13.58 -16.62
CA ASN A 72 -4.35 14.85 -17.36
C ASN A 72 -3.90 16.06 -16.52
N GLY A 73 -3.10 15.82 -15.51
CA GLY A 73 -2.60 16.93 -14.66
C GLY A 73 -3.25 16.88 -13.28
N ARG A 74 -4.41 16.28 -13.16
CA ARG A 74 -5.10 16.22 -11.84
C ARG A 74 -4.89 14.84 -11.19
N PRO A 75 -4.80 14.77 -9.88
CA PRO A 75 -4.60 13.48 -9.14
C PRO A 75 -5.80 12.54 -9.27
N THR A 76 -5.55 11.26 -9.35
CA THR A 76 -6.64 10.26 -9.46
C THR A 76 -6.28 9.03 -8.63
N ALA A 77 -5.01 8.75 -8.49
CA ALA A 77 -4.61 7.55 -7.69
C ALA A 77 -3.18 7.73 -7.18
N ILE A 78 -2.73 6.85 -6.33
CA ILE A 78 -1.35 6.95 -5.78
C ILE A 78 -0.64 5.60 -5.87
N GLU A 79 0.64 5.62 -6.13
CA GLU A 79 1.43 4.36 -6.24
C GLU A 79 2.65 4.45 -5.33
N ALA A 80 3.03 3.36 -4.70
CA ALA A 80 4.21 3.39 -3.81
C ALA A 80 4.97 2.07 -3.96
N THR A 81 6.28 2.12 -3.90
CA THR A 81 7.10 0.88 -4.04
C THR A 81 8.00 0.70 -2.81
N VAL A 82 8.05 -0.50 -2.28
CA VAL A 82 8.90 -0.77 -1.09
C VAL A 82 10.03 -1.73 -1.50
N ILE A 83 11.24 -1.39 -1.15
CA ILE A 83 12.40 -2.25 -1.52
C ILE A 83 12.62 -3.31 -0.44
N LEU A 84 12.62 -4.56 -0.82
CA LEU A 84 12.84 -5.67 0.15
C LEU A 84 14.29 -6.11 0.07
N ASN A 85 15.20 -5.19 0.27
CA ASN A 85 16.64 -5.54 0.21
C ASN A 85 16.98 -6.51 1.34
N SER A 86 16.43 -6.31 2.50
CA SER A 86 16.73 -7.20 3.64
C SER A 86 15.86 -8.46 3.57
N GLN A 87 16.38 -9.58 3.99
CA GLN A 87 15.60 -10.85 3.95
C GLN A 87 14.49 -10.83 5.02
N PRO A 88 14.81 -10.44 6.23
CA PRO A 88 13.82 -10.39 7.34
C PRO A 88 12.60 -9.54 6.96
N GLU A 89 12.80 -8.58 6.11
CA GLU A 89 11.66 -7.70 5.70
C GLU A 89 10.57 -8.56 5.05
N TRP A 90 10.94 -9.56 4.30
CA TRP A 90 9.91 -10.43 3.66
C TRP A 90 9.01 -11.03 4.73
N ASP A 91 9.56 -11.38 5.85
CA ASP A 91 8.73 -11.99 6.94
C ASP A 91 7.63 -11.02 7.35
N ARG A 92 7.96 -9.77 7.51
CA ARG A 92 6.94 -8.76 7.91
C ARG A 92 5.91 -8.61 6.80
N PHE A 93 6.34 -8.61 5.57
CA PHE A 93 5.38 -8.47 4.43
C PHE A 93 4.47 -9.69 4.36
N MET A 94 5.01 -10.85 4.60
CA MET A 94 4.18 -12.09 4.52
C MET A 94 3.02 -12.02 5.53
N ARG A 95 3.30 -11.61 6.73
CA ARG A 95 2.22 -11.52 7.76
C ARG A 95 1.21 -10.45 7.33
N PHE A 96 1.68 -9.37 6.76
CA PHE A 96 0.75 -8.29 6.32
C PHE A 96 -0.24 -8.83 5.30
N MET A 97 0.24 -9.55 4.33
CA MET A 97 -0.68 -10.10 3.29
C MET A 97 -1.63 -11.11 3.93
N GLU A 98 -1.13 -11.91 4.84
CA GLU A 98 -2.01 -12.92 5.50
C GLU A 98 -3.00 -12.21 6.42
N ARG A 99 -2.51 -11.37 7.29
CA ARG A 99 -3.42 -10.65 8.22
C ARG A 99 -4.32 -9.69 7.44
N TYR A 100 -3.74 -8.84 6.65
CA TYR A 100 -4.56 -7.88 5.86
C TYR A 100 -5.44 -8.64 4.87
N GLY A 101 -4.88 -9.60 4.18
CA GLY A 101 -5.66 -10.38 3.18
C GLY A 101 -6.75 -11.19 3.90
N ALA A 102 -6.48 -11.64 5.09
CA ALA A 102 -7.50 -12.43 5.83
C ALA A 102 -8.74 -11.56 6.08
N GLU A 103 -8.54 -10.32 6.41
CA GLU A 103 -9.70 -9.41 6.66
C GLU A 103 -10.43 -9.15 5.34
N ASN A 104 -9.70 -9.01 4.27
CA ASN A 104 -10.36 -8.76 2.95
C ASN A 104 -9.38 -9.11 1.82
N GLY A 105 -9.71 -10.08 1.02
CA GLY A 105 -8.82 -10.50 -0.10
C GLY A 105 -8.64 -9.35 -1.10
N LEU A 106 -7.47 -9.24 -1.65
CA LEU A 106 -7.20 -8.16 -2.65
C LEU A 106 -7.26 -8.77 -4.05
N GLY A 107 -7.22 -10.07 -4.13
CA GLY A 107 -7.29 -10.74 -5.45
C GLY A 107 -6.27 -10.14 -6.42
N PHE A 108 -6.31 -10.58 -7.65
CA PHE A 108 -5.35 -10.06 -8.67
C PHE A 108 -6.00 -8.93 -9.48
N SER A 109 -5.34 -7.81 -9.58
CA SER A 109 -5.89 -6.67 -10.34
C SER A 109 -7.06 -6.05 -9.56
N LYS A 110 -7.92 -6.88 -9.01
CA LYS A 110 -9.07 -6.36 -8.24
C LYS A 110 -9.85 -5.34 -9.08
N SER A 111 -9.48 -5.19 -10.32
CA SER A 111 -10.19 -4.23 -11.21
C SER A 111 -11.35 -4.95 -11.90
N GLU A 112 -11.33 -6.26 -11.90
CA GLU A 112 -12.41 -7.06 -12.55
C GLU A 112 -12.78 -8.26 -11.68
N LEU A 113 -12.00 -8.50 -10.66
CA LEU A 113 -12.28 -9.67 -9.76
C LEU A 113 -13.31 -9.25 -8.70
N GLU A 114 -13.66 -7.98 -8.66
CA GLU A 114 -14.65 -7.50 -7.65
C GLU A 114 -15.89 -6.95 -8.37
N HIS A 115 -16.68 -7.82 -8.94
CA HIS A 115 -17.90 -7.38 -9.65
C HIS A 115 -18.89 -6.81 -8.64
N HIS A 116 -19.02 -7.44 -7.50
CA HIS A 116 -19.96 -6.96 -6.45
C HIS A 116 -19.24 -6.93 -5.11
N HIS A 117 -19.21 -5.79 -4.47
CA HIS A 117 -18.52 -5.67 -3.16
C HIS A 117 -19.20 -4.56 -2.36
N HIS A 118 -20.47 -4.32 -2.62
CA HIS A 118 -21.20 -3.26 -1.89
C HIS A 118 -21.32 -3.65 -0.41
N HIS A 119 -21.54 -4.90 -0.15
CA HIS A 119 -21.69 -5.36 1.26
C HIS A 119 -20.34 -5.33 1.97
N HIS A 120 -20.31 -4.85 3.18
CA HIS A 120 -19.04 -4.79 3.95
C HIS A 120 -18.57 -6.20 4.31
N MET A 1 -3.30 -3.24 15.43
CA MET A 1 -4.18 -3.65 14.29
C MET A 1 -3.50 -3.31 12.97
N ALA A 2 -3.60 -4.17 11.99
CA ALA A 2 -2.95 -3.92 10.68
C ALA A 2 -3.76 -2.88 9.89
N GLU A 3 -3.14 -1.79 9.53
CA GLU A 3 -3.85 -0.75 8.73
C GLU A 3 -2.84 0.08 7.95
N ILE A 4 -3.25 0.64 6.85
CA ILE A 4 -2.32 1.48 6.01
C ILE A 4 -2.76 2.94 6.09
N GLN A 5 -1.86 3.83 6.41
CA GLN A 5 -2.24 5.27 6.48
C GLN A 5 -1.02 6.14 6.18
N PHE A 6 -1.25 7.39 5.84
CA PHE A 6 -0.13 8.31 5.53
C PHE A 6 0.06 9.28 6.70
N SER A 7 -1.02 9.60 7.38
CA SER A 7 -0.94 10.55 8.54
C SER A 7 -1.26 9.80 9.84
N LYS A 8 -0.45 9.98 10.84
CA LYS A 8 -0.67 9.29 12.14
C LYS A 8 -1.95 9.81 12.81
N GLY A 9 -2.75 8.91 13.31
CA GLY A 9 -4.03 9.33 13.99
C GLY A 9 -5.18 9.26 13.00
N VAL A 10 -4.88 9.14 11.73
CA VAL A 10 -5.97 9.07 10.70
C VAL A 10 -6.18 7.62 10.27
N ALA A 11 -7.35 7.08 10.53
CA ALA A 11 -7.63 5.66 10.15
C ALA A 11 -8.15 5.61 8.71
N GLU A 12 -7.27 5.47 7.76
CA GLU A 12 -7.70 5.42 6.33
C GLU A 12 -8.39 4.09 6.05
N THR A 13 -9.48 4.12 5.33
CA THR A 13 -10.23 2.87 4.99
C THR A 13 -9.87 2.43 3.57
N VAL A 14 -8.95 3.12 2.95
CA VAL A 14 -8.56 2.75 1.55
C VAL A 14 -8.12 1.29 1.50
N VAL A 15 -8.47 0.60 0.42
CA VAL A 15 -8.09 -0.84 0.28
C VAL A 15 -7.14 -1.00 -0.92
N PRO A 16 -5.86 -0.78 -0.73
CA PRO A 16 -4.84 -0.87 -1.82
C PRO A 16 -4.45 -2.32 -2.14
N GLU A 17 -4.06 -2.59 -3.35
CA GLU A 17 -3.67 -3.98 -3.74
C GLU A 17 -2.15 -4.13 -3.59
N VAL A 18 -1.72 -5.27 -3.08
CA VAL A 18 -0.25 -5.50 -2.89
C VAL A 18 0.30 -6.33 -4.04
N ARG A 19 1.38 -5.88 -4.65
CA ARG A 19 1.99 -6.64 -5.79
C ARG A 19 3.49 -6.76 -5.56
N LEU A 20 4.08 -7.85 -5.96
CA LEU A 20 5.55 -8.03 -5.76
C LEU A 20 6.29 -7.63 -7.03
N SER A 21 7.18 -6.67 -6.93
CA SER A 21 7.94 -6.20 -8.12
C SER A 21 9.40 -6.64 -8.00
N LYS A 22 10.14 -6.53 -9.07
CA LYS A 22 11.59 -6.95 -9.05
C LYS A 22 12.47 -5.80 -9.54
N SER A 23 13.59 -5.61 -8.89
CA SER A 23 14.51 -4.50 -9.28
C SER A 23 14.97 -4.67 -10.73
N LYS A 24 15.70 -3.71 -11.23
CA LYS A 24 16.19 -3.78 -12.64
C LYS A 24 17.14 -4.97 -12.81
N ASN A 25 18.04 -5.17 -11.88
CA ASN A 25 19.00 -6.32 -11.98
C ASN A 25 18.61 -7.37 -10.92
N GLY A 26 17.64 -7.08 -10.10
CA GLY A 26 17.21 -8.06 -9.06
C GLY A 26 18.29 -8.14 -7.97
N GLN A 27 18.98 -7.06 -7.71
CA GLN A 27 20.03 -7.09 -6.66
C GLN A 27 19.39 -6.96 -5.28
N SER A 28 18.11 -6.68 -5.24
CA SER A 28 17.43 -6.55 -3.90
C SER A 28 15.92 -6.72 -4.08
N GLY A 29 15.24 -7.02 -3.00
CA GLY A 29 13.77 -7.22 -3.06
C GLY A 29 13.05 -5.89 -3.28
N MET A 30 11.93 -5.91 -3.94
CA MET A 30 11.16 -4.66 -4.17
C MET A 30 9.68 -4.99 -4.30
N ALA A 31 8.82 -4.13 -3.82
CA ALA A 31 7.35 -4.39 -3.92
C ALA A 31 6.65 -3.06 -4.17
N LYS A 32 5.56 -3.09 -4.90
CA LYS A 32 4.81 -1.84 -5.20
C LYS A 32 3.39 -1.93 -4.65
N PHE A 33 2.87 -0.82 -4.19
CA PHE A 33 1.48 -0.80 -3.62
C PHE A 33 0.62 0.11 -4.49
N TYR A 34 -0.54 -0.36 -4.87
CA TYR A 34 -1.44 0.47 -5.72
C TYR A 34 -2.59 1.00 -4.87
N PHE A 35 -2.82 2.28 -4.91
CA PHE A 35 -3.91 2.90 -4.11
C PHE A 35 -5.01 3.40 -5.06
N LEU A 36 -6.19 2.83 -4.95
CA LEU A 36 -7.31 3.25 -5.85
C LEU A 36 -8.14 4.36 -5.20
N GLU A 37 -8.36 5.43 -5.91
CA GLU A 37 -9.18 6.57 -5.39
C GLU A 37 -8.95 6.78 -3.88
N PRO A 38 -7.80 7.27 -3.53
CA PRO A 38 -7.44 7.53 -2.10
C PRO A 38 -8.41 8.55 -1.44
N THR A 39 -8.75 8.31 -0.20
CA THR A 39 -9.66 9.24 0.51
C THR A 39 -8.87 10.41 1.08
N ILE A 40 -7.58 10.26 1.20
CA ILE A 40 -6.75 11.37 1.77
C ILE A 40 -6.77 12.57 0.83
N LEU A 41 -7.49 12.47 -0.27
CA LEU A 41 -7.55 13.62 -1.23
C LEU A 41 -8.62 14.60 -0.76
N ALA A 42 -9.39 14.22 0.23
CA ALA A 42 -10.46 15.14 0.73
C ALA A 42 -9.90 15.95 1.90
N LYS A 43 -8.81 15.50 2.47
CA LYS A 43 -8.19 16.23 3.62
C LYS A 43 -6.93 16.94 3.15
N GLU A 44 -6.07 16.26 2.43
CA GLU A 44 -4.82 16.90 1.94
C GLU A 44 -4.53 16.48 0.50
N SER A 45 -3.84 17.31 -0.22
CA SER A 45 -3.52 16.99 -1.63
C SER A 45 -2.46 15.88 -1.71
N THR A 46 -2.40 15.19 -2.82
CA THR A 46 -1.40 14.10 -2.98
C THR A 46 0.01 14.69 -2.92
N ASP A 47 0.16 15.94 -3.29
CA ASP A 47 1.50 16.58 -3.27
C ASP A 47 1.98 16.72 -1.82
N ASP A 48 1.08 16.66 -0.88
CA ASP A 48 1.47 16.80 0.55
C ASP A 48 2.03 15.48 1.06
N ILE A 49 1.99 14.44 0.26
CA ILE A 49 2.51 13.12 0.71
C ILE A 49 3.93 12.93 0.20
N THR A 50 4.88 12.80 1.10
CA THR A 50 6.30 12.61 0.71
C THR A 50 6.74 11.21 1.12
N GLY A 51 5.85 10.45 1.72
CA GLY A 51 6.22 9.07 2.14
C GLY A 51 4.97 8.33 2.58
N MET A 52 5.10 7.09 2.99
CA MET A 52 3.92 6.29 3.43
C MET A 52 4.22 5.60 4.75
N TYR A 53 3.26 5.53 5.63
CA TYR A 53 3.48 4.87 6.95
C TYR A 53 2.65 3.58 7.02
N LEU A 54 3.31 2.46 7.17
CA LEU A 54 2.59 1.16 7.24
C LEU A 54 2.52 0.72 8.71
N ILE A 55 1.33 0.51 9.21
CA ILE A 55 1.17 0.08 10.64
C ILE A 55 0.79 -1.40 10.68
N ASP A 56 1.60 -2.20 11.33
CA ASP A 56 1.33 -3.66 11.40
C ASP A 56 0.74 -4.00 12.77
N ASP A 57 0.91 -5.22 13.22
CA ASP A 57 0.36 -5.64 14.54
C ASP A 57 1.19 -5.00 15.66
N GLU A 58 2.26 -4.34 15.32
CA GLU A 58 3.11 -3.68 16.36
C GLU A 58 4.19 -2.87 15.65
N GLY A 59 4.94 -3.50 14.80
CA GLY A 59 6.04 -2.78 14.08
C GLY A 59 5.46 -1.90 12.97
N GLU A 60 6.26 -1.01 12.44
CA GLU A 60 5.78 -0.12 11.34
C GLU A 60 6.94 0.15 10.37
N ILE A 61 6.64 0.32 9.11
CA ILE A 61 7.69 0.60 8.09
C ILE A 61 7.44 1.95 7.45
N ILE A 62 8.46 2.77 7.37
CA ILE A 62 8.31 4.12 6.75
C ILE A 62 9.14 4.18 5.47
N THR A 63 8.54 4.61 4.39
CA THR A 63 9.28 4.69 3.10
C THR A 63 9.07 6.06 2.47
N ARG A 64 10.13 6.67 2.01
CA ARG A 64 10.03 8.02 1.38
C ARG A 64 9.91 7.83 -0.13
N GLU A 65 9.99 6.61 -0.59
CA GLU A 65 9.87 6.35 -2.06
C GLU A 65 8.41 6.26 -2.43
N VAL A 66 7.73 7.38 -2.50
CA VAL A 66 6.28 7.39 -2.86
C VAL A 66 6.05 8.31 -4.05
N LYS A 67 5.32 7.84 -5.03
CA LYS A 67 5.03 8.67 -6.24
C LYS A 67 3.52 8.72 -6.46
N GLY A 68 3.02 9.85 -6.86
CA GLY A 68 1.55 9.99 -7.08
C GLY A 68 1.20 9.66 -8.53
N LYS A 69 0.08 9.01 -8.74
CA LYS A 69 -0.34 8.66 -10.13
C LYS A 69 -1.47 9.60 -10.55
N PHE A 70 -1.19 10.45 -11.49
CA PHE A 70 -2.20 11.44 -11.96
C PHE A 70 -2.78 10.97 -13.28
N ILE A 71 -4.08 10.87 -13.35
CA ILE A 71 -4.75 10.43 -14.62
C ILE A 71 -5.53 11.62 -15.20
N ASN A 72 -5.20 12.00 -16.40
CA ASN A 72 -5.90 13.15 -17.05
C ASN A 72 -5.75 14.39 -16.16
N GLY A 73 -4.64 14.51 -15.48
CA GLY A 73 -4.42 15.71 -14.61
C GLY A 73 -5.38 15.66 -13.42
N ARG A 74 -5.83 14.49 -13.04
CA ARG A 74 -6.77 14.38 -11.89
C ARG A 74 -6.28 13.31 -10.90
N PRO A 75 -5.64 13.70 -9.81
CA PRO A 75 -5.11 12.73 -8.81
C PRO A 75 -6.16 11.67 -8.43
N THR A 76 -6.12 10.54 -9.09
CA THR A 76 -7.12 9.45 -8.80
C THR A 76 -6.40 8.25 -8.17
N ALA A 77 -5.09 8.18 -8.27
CA ALA A 77 -4.38 7.01 -7.67
C ALA A 77 -2.99 7.41 -7.19
N ILE A 78 -2.45 6.64 -6.27
CA ILE A 78 -1.09 6.92 -5.74
C ILE A 78 -0.30 5.62 -5.70
N GLU A 79 0.96 5.65 -6.09
CA GLU A 79 1.78 4.40 -6.09
C GLU A 79 2.95 4.55 -5.13
N ALA A 80 3.35 3.47 -4.52
CA ALA A 80 4.50 3.51 -3.56
C ALA A 80 5.35 2.26 -3.77
N THR A 81 6.66 2.39 -3.66
CA THR A 81 7.56 1.22 -3.85
C THR A 81 8.47 1.08 -2.64
N VAL A 82 8.56 -0.12 -2.09
CA VAL A 82 9.43 -0.36 -0.91
C VAL A 82 10.57 -1.31 -1.28
N ILE A 83 11.78 -0.95 -0.97
CA ILE A 83 12.94 -1.82 -1.30
C ILE A 83 13.28 -2.72 -0.11
N LEU A 84 13.28 -4.01 -0.30
CA LEU A 84 13.61 -4.94 0.81
C LEU A 84 15.02 -5.48 0.61
N ASN A 85 15.93 -5.07 1.46
CA ASN A 85 17.33 -5.53 1.33
C ASN A 85 17.56 -6.72 2.26
N SER A 86 16.55 -7.13 3.00
CA SER A 86 16.70 -8.29 3.94
C SER A 86 15.58 -9.31 3.71
N GLN A 87 15.84 -10.55 4.01
CA GLN A 87 14.82 -11.62 3.81
C GLN A 87 13.75 -11.57 4.92
N PRO A 88 14.14 -11.34 6.16
CA PRO A 88 13.18 -11.28 7.30
C PRO A 88 12.07 -10.27 7.04
N GLU A 89 12.36 -9.23 6.31
CA GLU A 89 11.32 -8.21 6.02
C GLU A 89 10.20 -8.83 5.17
N TRP A 90 10.56 -9.64 4.21
CA TRP A 90 9.52 -10.28 3.35
C TRP A 90 8.52 -11.05 4.24
N ASP A 91 8.99 -11.66 5.28
CA ASP A 91 8.07 -12.42 6.18
C ASP A 91 7.05 -11.47 6.79
N ARG A 92 7.48 -10.29 7.20
CA ARG A 92 6.54 -9.32 7.82
C ARG A 92 5.51 -8.89 6.77
N PHE A 93 5.94 -8.60 5.58
CA PHE A 93 4.99 -8.19 4.50
C PHE A 93 4.04 -9.36 4.18
N MET A 94 4.57 -10.54 4.10
CA MET A 94 3.71 -11.72 3.78
C MET A 94 2.65 -11.89 4.86
N ARG A 95 3.04 -11.81 6.11
CA ARG A 95 2.06 -11.96 7.22
C ARG A 95 1.13 -10.75 7.24
N PHE A 96 1.68 -9.57 7.07
CA PHE A 96 0.84 -8.33 7.07
C PHE A 96 -0.15 -8.40 5.91
N MET A 97 0.31 -8.76 4.74
CA MET A 97 -0.59 -8.84 3.56
C MET A 97 -1.65 -9.92 3.80
N GLU A 98 -1.27 -11.03 4.37
CA GLU A 98 -2.25 -12.11 4.61
C GLU A 98 -3.31 -11.64 5.62
N ARG A 99 -2.89 -11.09 6.72
CA ARG A 99 -3.87 -10.61 7.74
C ARG A 99 -4.67 -9.44 7.16
N TYR A 100 -4.00 -8.55 6.48
CA TYR A 100 -4.69 -7.37 5.88
C TYR A 100 -5.68 -7.86 4.83
N GLY A 101 -5.29 -8.82 4.04
CA GLY A 101 -6.20 -9.34 2.98
C GLY A 101 -7.45 -9.92 3.63
N ALA A 102 -7.30 -10.56 4.76
CA ALA A 102 -8.48 -11.14 5.46
C ALA A 102 -9.43 -10.03 5.89
N GLU A 103 -8.90 -8.93 6.35
CA GLU A 103 -9.77 -7.81 6.79
C GLU A 103 -10.43 -7.16 5.58
N ASN A 104 -9.73 -7.07 4.47
CA ASN A 104 -10.30 -6.43 3.24
C ASN A 104 -10.43 -7.48 2.13
N GLY A 105 -10.12 -7.09 0.91
CA GLY A 105 -10.23 -8.05 -0.23
C GLY A 105 -9.31 -7.58 -1.35
N LEU A 106 -8.12 -7.17 -1.02
CA LEU A 106 -7.15 -6.70 -2.05
C LEU A 106 -7.85 -5.88 -3.13
N GLY A 107 -7.90 -4.59 -2.95
CA GLY A 107 -8.55 -3.71 -3.96
C GLY A 107 -10.05 -3.66 -3.73
N PHE A 108 -10.79 -3.10 -4.67
CA PHE A 108 -12.26 -3.00 -4.51
C PHE A 108 -12.92 -4.26 -5.09
N SER A 109 -13.04 -5.28 -4.29
CA SER A 109 -13.67 -6.54 -4.77
C SER A 109 -12.85 -7.13 -5.92
N LYS A 110 -11.82 -6.42 -6.37
CA LYS A 110 -10.95 -6.90 -7.49
C LYS A 110 -11.78 -7.71 -8.49
N SER A 111 -13.04 -7.38 -8.63
CA SER A 111 -13.92 -8.13 -9.57
C SER A 111 -13.85 -7.45 -10.95
N GLU A 112 -13.24 -6.31 -11.03
CA GLU A 112 -13.14 -5.57 -12.34
C GLU A 112 -11.67 -5.18 -12.56
N LEU A 113 -10.95 -4.97 -11.50
CA LEU A 113 -9.53 -4.56 -11.64
C LEU A 113 -8.75 -5.71 -12.31
N GLU A 114 -9.03 -6.93 -11.92
CA GLU A 114 -8.30 -8.09 -12.51
C GLU A 114 -8.81 -8.39 -13.92
N HIS A 115 -7.92 -8.73 -14.82
CA HIS A 115 -8.34 -9.03 -16.23
C HIS A 115 -8.74 -10.51 -16.36
N HIS A 116 -9.79 -10.77 -17.09
CA HIS A 116 -10.26 -12.17 -17.27
C HIS A 116 -10.23 -12.92 -15.95
N HIS A 117 -11.23 -12.75 -15.13
CA HIS A 117 -11.26 -13.43 -13.81
C HIS A 117 -11.97 -14.79 -13.92
N HIS A 118 -11.36 -15.82 -13.42
CA HIS A 118 -11.96 -17.18 -13.49
C HIS A 118 -13.15 -17.30 -12.53
N HIS A 119 -14.16 -18.02 -12.92
CA HIS A 119 -15.37 -18.19 -12.05
C HIS A 119 -15.38 -19.57 -11.41
N HIS A 120 -15.52 -19.62 -10.11
CA HIS A 120 -15.56 -20.92 -9.38
C HIS A 120 -14.49 -21.87 -9.95
N MET A 1 -3.89 -6.11 13.96
CA MET A 1 -4.78 -4.99 13.51
C MET A 1 -4.44 -4.66 12.05
N ALA A 2 -3.17 -4.51 11.76
CA ALA A 2 -2.74 -4.20 10.37
C ALA A 2 -3.42 -2.92 9.88
N GLU A 3 -2.66 -1.88 9.68
CA GLU A 3 -3.25 -0.59 9.19
C GLU A 3 -2.24 0.14 8.31
N ILE A 4 -2.74 0.90 7.37
CA ILE A 4 -1.86 1.66 6.45
C ILE A 4 -1.96 3.15 6.77
N GLN A 5 -0.83 3.80 6.92
CA GLN A 5 -0.83 5.26 7.24
C GLN A 5 0.07 6.01 6.25
N PHE A 6 -0.42 7.10 5.72
CA PHE A 6 0.38 7.90 4.75
C PHE A 6 1.11 9.01 5.52
N SER A 7 0.36 9.95 6.04
CA SER A 7 0.96 11.08 6.81
C SER A 7 0.56 10.94 8.28
N LYS A 8 0.07 9.78 8.64
CA LYS A 8 -0.35 9.50 10.05
C LYS A 8 -1.46 10.47 10.49
N GLY A 9 -2.54 9.92 10.98
CA GLY A 9 -3.68 10.76 11.44
C GLY A 9 -4.63 11.02 10.27
N VAL A 10 -4.41 10.37 9.15
CA VAL A 10 -5.28 10.56 7.96
C VAL A 10 -6.11 9.30 7.70
N ALA A 11 -7.34 9.48 7.29
CA ALA A 11 -8.24 8.32 7.03
C ALA A 11 -7.67 7.44 5.91
N GLU A 12 -7.79 6.14 6.04
CA GLU A 12 -7.27 5.21 5.00
C GLU A 12 -8.43 4.77 4.09
N THR A 13 -9.37 4.06 4.63
CA THR A 13 -10.53 3.58 3.82
C THR A 13 -10.05 2.90 2.54
N VAL A 14 -10.98 2.39 1.77
CA VAL A 14 -10.64 1.70 0.50
C VAL A 14 -9.68 0.53 0.75
N VAL A 15 -9.78 -0.51 -0.05
CA VAL A 15 -8.89 -1.68 0.12
C VAL A 15 -7.82 -1.66 -0.99
N PRO A 16 -6.59 -1.30 -0.67
CA PRO A 16 -5.49 -1.22 -1.67
C PRO A 16 -4.98 -2.61 -2.10
N GLU A 17 -4.61 -2.74 -3.35
CA GLU A 17 -4.13 -4.06 -3.84
C GLU A 17 -2.60 -4.07 -3.83
N VAL A 18 -2.02 -5.19 -3.50
CA VAL A 18 -0.52 -5.30 -3.46
C VAL A 18 -0.05 -6.11 -4.67
N ARG A 19 0.86 -5.56 -5.43
CA ARG A 19 1.40 -6.27 -6.63
C ARG A 19 2.85 -6.68 -6.39
N LEU A 20 3.24 -7.81 -6.92
CA LEU A 20 4.63 -8.29 -6.72
C LEU A 20 5.50 -7.88 -7.91
N SER A 21 6.71 -7.47 -7.65
CA SER A 21 7.60 -7.04 -8.76
C SER A 21 9.06 -7.24 -8.34
N LYS A 22 9.96 -7.15 -9.30
CA LYS A 22 11.42 -7.34 -9.01
C LYS A 22 12.13 -5.99 -9.05
N SER A 23 13.19 -5.87 -8.31
CA SER A 23 13.95 -4.58 -8.27
C SER A 23 14.73 -4.36 -9.57
N LYS A 24 15.20 -3.17 -9.78
CA LYS A 24 15.99 -2.85 -11.01
C LYS A 24 17.27 -3.68 -11.03
N ASN A 25 17.86 -3.92 -9.89
CA ASN A 25 19.12 -4.73 -9.84
C ASN A 25 18.76 -6.21 -9.79
N GLY A 26 17.48 -6.51 -9.78
CA GLY A 26 17.04 -7.93 -9.74
C GLY A 26 17.70 -8.67 -8.58
N GLN A 27 17.43 -8.24 -7.37
CA GLN A 27 18.03 -8.92 -6.19
C GLN A 27 17.13 -8.70 -4.97
N SER A 28 17.06 -7.49 -4.49
CA SER A 28 16.21 -7.20 -3.30
C SER A 28 14.72 -7.29 -3.64
N GLY A 29 13.93 -7.68 -2.69
CA GLY A 29 12.47 -7.80 -2.92
C GLY A 29 11.86 -6.45 -3.27
N MET A 30 10.82 -6.44 -4.06
CA MET A 30 10.15 -5.16 -4.43
C MET A 30 8.65 -5.37 -4.47
N ALA A 31 7.91 -4.51 -3.82
CA ALA A 31 6.42 -4.65 -3.81
C ALA A 31 5.79 -3.30 -4.09
N LYS A 32 4.67 -3.31 -4.78
CA LYS A 32 3.97 -2.03 -5.12
C LYS A 32 2.56 -2.07 -4.54
N PHE A 33 2.03 -0.92 -4.20
CA PHE A 33 0.66 -0.85 -3.62
C PHE A 33 -0.19 0.08 -4.49
N TYR A 34 -1.43 -0.28 -4.71
CA TYR A 34 -2.33 0.55 -5.56
C TYR A 34 -3.47 1.09 -4.69
N PHE A 35 -3.62 2.39 -4.66
CA PHE A 35 -4.70 3.01 -3.85
C PHE A 35 -5.72 3.65 -4.79
N LEU A 36 -6.95 3.19 -4.73
CA LEU A 36 -8.00 3.76 -5.63
C LEU A 36 -8.88 4.74 -4.86
N GLU A 37 -8.73 6.01 -5.16
CA GLU A 37 -9.53 7.06 -4.48
C GLU A 37 -9.52 6.85 -2.96
N PRO A 38 -8.37 6.91 -2.35
CA PRO A 38 -8.24 6.75 -0.87
C PRO A 38 -8.90 7.93 -0.13
N THR A 39 -9.72 8.68 -0.84
CA THR A 39 -10.43 9.83 -0.22
C THR A 39 -9.43 10.75 0.50
N ILE A 40 -8.18 10.68 0.13
CA ILE A 40 -7.16 11.55 0.79
C ILE A 40 -6.93 12.80 -0.07
N LEU A 41 -7.39 12.79 -1.29
CA LEU A 41 -7.21 13.97 -2.19
C LEU A 41 -8.00 15.16 -1.64
N ALA A 42 -9.18 14.89 -1.16
CA ALA A 42 -10.02 16.00 -0.61
C ALA A 42 -9.53 16.38 0.78
N LYS A 43 -8.71 15.56 1.37
CA LYS A 43 -8.18 15.88 2.73
C LYS A 43 -6.77 16.46 2.61
N GLU A 44 -5.84 15.67 2.11
CA GLU A 44 -4.43 16.16 1.97
C GLU A 44 -4.01 16.11 0.50
N SER A 45 -3.31 17.14 0.06
CA SER A 45 -2.87 17.20 -1.36
C SER A 45 -1.77 16.16 -1.63
N THR A 46 -1.70 15.69 -2.84
CA THR A 46 -0.66 14.68 -3.22
C THR A 46 0.74 15.27 -2.96
N ASP A 47 0.92 16.52 -3.30
CA ASP A 47 2.26 17.15 -3.10
C ASP A 47 2.50 17.36 -1.60
N ASP A 48 1.47 17.28 -0.80
CA ASP A 48 1.65 17.47 0.67
C ASP A 48 1.90 16.11 1.32
N ILE A 49 1.78 15.05 0.57
CA ILE A 49 2.01 13.70 1.14
C ILE A 49 3.47 13.32 0.94
N THR A 50 4.21 13.19 2.02
CA THR A 50 5.65 12.82 1.91
C THR A 50 5.94 11.64 2.85
N GLY A 51 6.50 10.59 2.31
CA GLY A 51 6.84 9.41 3.13
C GLY A 51 5.61 8.53 3.36
N MET A 52 5.83 7.27 3.65
CA MET A 52 4.69 6.34 3.91
C MET A 52 4.99 5.54 5.18
N TYR A 53 4.07 5.53 6.11
CA TYR A 53 4.29 4.78 7.39
C TYR A 53 3.38 3.55 7.42
N LEU A 54 3.96 2.39 7.28
CA LEU A 54 3.17 1.13 7.30
C LEU A 54 3.28 0.50 8.69
N ILE A 55 2.16 0.16 9.29
CA ILE A 55 2.17 -0.45 10.65
C ILE A 55 1.44 -1.79 10.62
N ASP A 56 2.08 -2.82 11.11
CA ASP A 56 1.44 -4.18 11.13
C ASP A 56 0.86 -4.45 12.53
N ASP A 57 1.13 -5.61 13.06
CA ASP A 57 0.60 -5.98 14.41
C ASP A 57 1.17 -5.03 15.47
N GLU A 58 2.44 -4.74 15.42
CA GLU A 58 3.07 -3.84 16.44
C GLU A 58 4.22 -3.07 15.79
N GLY A 59 5.11 -3.77 15.13
CA GLY A 59 6.26 -3.10 14.47
C GLY A 59 5.79 -2.11 13.41
N GLU A 60 6.69 -1.29 12.92
CA GLU A 60 6.31 -0.28 11.89
C GLU A 60 7.41 -0.16 10.83
N ILE A 61 7.04 0.26 9.65
CA ILE A 61 8.04 0.42 8.54
C ILE A 61 7.87 1.80 7.90
N ILE A 62 8.97 2.47 7.62
CA ILE A 62 8.89 3.82 7.01
C ILE A 62 9.73 3.85 5.72
N THR A 63 9.16 4.38 4.66
CA THR A 63 9.91 4.43 3.38
C THR A 63 9.56 5.73 2.64
N ARG A 64 10.48 6.22 1.85
CA ARG A 64 10.24 7.49 1.09
C ARG A 64 9.95 7.14 -0.38
N GLU A 65 9.89 5.88 -0.68
CA GLU A 65 9.62 5.47 -2.09
C GLU A 65 8.11 5.53 -2.35
N VAL A 66 7.60 6.72 -2.59
CA VAL A 66 6.13 6.88 -2.85
C VAL A 66 5.92 7.61 -4.18
N LYS A 67 5.00 7.13 -4.99
CA LYS A 67 4.73 7.79 -6.30
C LYS A 67 3.22 8.01 -6.46
N GLY A 68 2.84 9.17 -6.95
CA GLY A 68 1.39 9.47 -7.13
C GLY A 68 0.96 9.22 -8.58
N LYS A 69 -0.22 8.69 -8.78
CA LYS A 69 -0.71 8.43 -10.15
C LYS A 69 -1.68 9.56 -10.57
N PHE A 70 -1.21 10.40 -11.46
CA PHE A 70 -2.05 11.54 -11.93
C PHE A 70 -2.63 11.21 -13.30
N ILE A 71 -3.85 11.64 -13.55
CA ILE A 71 -4.50 11.39 -14.87
C ILE A 71 -4.87 12.73 -15.53
N ASN A 72 -4.57 12.88 -16.80
CA ASN A 72 -4.86 14.16 -17.51
C ASN A 72 -6.20 14.75 -17.04
N GLY A 73 -6.15 15.60 -16.06
CA GLY A 73 -7.40 16.21 -15.53
C GLY A 73 -7.23 16.50 -14.05
N ARG A 74 -6.98 15.48 -13.26
CA ARG A 74 -6.81 15.70 -11.80
C ARG A 74 -6.42 14.37 -11.12
N PRO A 75 -5.73 14.42 -10.00
CA PRO A 75 -5.32 13.19 -9.26
C PRO A 75 -6.47 12.19 -9.14
N THR A 76 -6.17 10.92 -9.32
CA THR A 76 -7.22 9.87 -9.22
C THR A 76 -6.74 8.72 -8.34
N ALA A 77 -5.46 8.47 -8.31
CA ALA A 77 -4.97 7.34 -7.46
C ALA A 77 -3.53 7.59 -7.02
N ILE A 78 -3.08 6.85 -6.02
CA ILE A 78 -1.69 7.00 -5.52
C ILE A 78 -1.02 5.63 -5.47
N GLU A 79 0.28 5.61 -5.64
CA GLU A 79 1.04 4.32 -5.62
C GLU A 79 2.18 4.40 -4.62
N ALA A 80 2.56 3.28 -4.06
CA ALA A 80 3.67 3.27 -3.07
C ALA A 80 4.52 2.01 -3.29
N THR A 81 5.81 2.12 -3.10
CA THR A 81 6.71 0.94 -3.31
C THR A 81 7.51 0.67 -2.03
N VAL A 82 7.57 -0.57 -1.62
CA VAL A 82 8.33 -0.93 -0.38
C VAL A 82 9.56 -1.75 -0.77
N ILE A 83 10.70 -1.37 -0.27
CA ILE A 83 11.96 -2.10 -0.60
C ILE A 83 12.31 -3.07 0.53
N LEU A 84 12.45 -4.33 0.20
CA LEU A 84 12.80 -5.35 1.24
C LEU A 84 14.30 -5.65 1.15
N ASN A 85 15.09 -4.84 1.78
CA ASN A 85 16.57 -5.04 1.77
C ASN A 85 16.96 -5.90 2.97
N SER A 86 15.98 -6.42 3.68
CA SER A 86 16.28 -7.26 4.88
C SER A 86 15.37 -8.50 4.86
N GLN A 87 15.91 -9.62 5.23
CA GLN A 87 15.12 -10.89 5.24
C GLN A 87 13.98 -10.81 6.27
N PRO A 88 14.23 -10.26 7.43
CA PRO A 88 13.19 -10.15 8.50
C PRO A 88 11.95 -9.39 8.00
N GLU A 89 12.16 -8.40 7.18
CA GLU A 89 11.02 -7.60 6.63
C GLU A 89 10.21 -8.46 5.66
N TRP A 90 10.86 -9.34 4.97
CA TRP A 90 10.14 -10.21 3.98
C TRP A 90 9.08 -11.03 4.72
N ASP A 91 9.43 -11.64 5.81
CA ASP A 91 8.46 -12.46 6.56
C ASP A 91 7.34 -11.57 7.10
N ARG A 92 7.70 -10.44 7.65
CA ARG A 92 6.68 -9.51 8.22
C ARG A 92 5.83 -8.95 7.07
N PHE A 93 6.45 -8.63 5.98
CA PHE A 93 5.69 -8.05 4.82
C PHE A 93 4.65 -9.06 4.35
N MET A 94 5.02 -10.30 4.23
CA MET A 94 4.06 -11.33 3.76
C MET A 94 2.90 -11.48 4.75
N ARG A 95 3.20 -11.47 6.02
CA ARG A 95 2.13 -11.61 7.05
C ARG A 95 1.20 -10.40 7.01
N PHE A 96 1.75 -9.22 6.91
CA PHE A 96 0.91 -7.99 6.89
C PHE A 96 0.00 -7.99 5.65
N MET A 97 0.58 -8.23 4.50
CA MET A 97 -0.23 -8.24 3.25
C MET A 97 -1.18 -9.43 3.24
N GLU A 98 -0.70 -10.57 3.67
CA GLU A 98 -1.56 -11.79 3.68
C GLU A 98 -2.69 -11.62 4.69
N ARG A 99 -2.39 -11.23 5.89
CA ARG A 99 -3.44 -11.06 6.92
C ARG A 99 -4.38 -9.91 6.55
N TYR A 100 -3.83 -8.82 6.11
CA TYR A 100 -4.65 -7.64 5.74
C TYR A 100 -5.62 -8.00 4.60
N GLY A 101 -5.10 -8.54 3.54
CA GLY A 101 -5.97 -8.90 2.38
C GLY A 101 -6.75 -10.19 2.68
N ALA A 102 -6.17 -11.11 3.42
CA ALA A 102 -6.90 -12.37 3.74
C ALA A 102 -8.31 -12.01 4.23
N GLU A 103 -8.38 -11.13 5.18
CA GLU A 103 -9.72 -10.71 5.70
C GLU A 103 -10.43 -9.86 4.63
N ASN A 104 -9.68 -9.05 3.93
CA ASN A 104 -10.26 -8.18 2.85
C ASN A 104 -11.38 -7.30 3.41
N GLY A 105 -11.65 -6.22 2.73
CA GLY A 105 -12.71 -5.29 3.17
C GLY A 105 -12.15 -4.34 4.24
N LEU A 106 -10.86 -4.32 4.40
CA LEU A 106 -10.25 -3.45 5.43
C LEU A 106 -10.20 -2.00 4.95
N GLY A 107 -10.49 -1.09 5.84
CA GLY A 107 -10.47 0.36 5.49
C GLY A 107 -10.25 1.19 6.77
N PHE A 108 -11.08 1.01 7.76
CA PHE A 108 -10.92 1.78 9.04
C PHE A 108 -10.22 0.93 10.09
N SER A 109 -9.07 1.39 10.54
CA SER A 109 -8.29 0.65 11.58
C SER A 109 -8.52 1.29 12.95
N LYS A 110 -7.48 1.84 13.54
CA LYS A 110 -7.61 2.47 14.89
C LYS A 110 -6.99 3.88 14.85
N SER A 111 -6.16 4.15 13.88
CA SER A 111 -5.52 5.51 13.80
C SER A 111 -6.57 6.58 13.53
N GLU A 112 -6.27 7.81 13.88
CA GLU A 112 -7.22 8.94 13.66
C GLU A 112 -8.45 8.76 14.55
N LEU A 113 -8.96 7.56 14.62
CA LEU A 113 -10.14 7.28 15.46
C LEU A 113 -9.79 7.52 16.93
N GLU A 114 -8.63 7.09 17.34
CA GLU A 114 -8.22 7.28 18.76
C GLU A 114 -8.07 8.78 19.07
N HIS A 115 -8.67 9.21 20.16
CA HIS A 115 -8.59 10.65 20.55
C HIS A 115 -7.56 10.80 21.68
N HIS A 116 -7.14 9.70 22.25
CA HIS A 116 -6.14 9.75 23.35
C HIS A 116 -6.47 10.85 24.37
N HIS A 117 -5.55 11.13 25.25
CA HIS A 117 -5.75 12.17 26.29
C HIS A 117 -7.08 11.94 27.02
N HIS A 118 -7.34 10.72 27.42
CA HIS A 118 -8.59 10.41 28.15
C HIS A 118 -8.56 11.08 29.54
N HIS A 119 -7.43 11.04 30.19
CA HIS A 119 -7.33 11.65 31.55
C HIS A 119 -7.28 13.18 31.45
N HIS A 120 -7.28 13.83 32.59
CA HIS A 120 -7.25 15.33 32.62
C HIS A 120 -8.43 15.90 31.84
N MET A 1 -5.80 -3.62 12.93
CA MET A 1 -6.54 -3.71 11.64
C MET A 1 -5.54 -3.85 10.49
N ALA A 2 -4.31 -3.46 10.73
CA ALA A 2 -3.24 -3.58 9.68
C ALA A 2 -3.66 -2.86 8.41
N GLU A 3 -3.10 -1.71 8.17
CA GLU A 3 -3.46 -0.95 6.94
C GLU A 3 -2.33 0.00 6.53
N ILE A 4 -2.41 0.50 5.32
CA ILE A 4 -1.37 1.43 4.79
C ILE A 4 -1.93 2.85 4.74
N GLN A 5 -1.23 3.79 5.31
CA GLN A 5 -1.72 5.20 5.29
C GLN A 5 -0.52 6.14 5.31
N PHE A 6 -0.52 7.11 4.43
CA PHE A 6 0.60 8.09 4.37
C PHE A 6 0.63 8.87 5.68
N SER A 7 -0.51 9.30 6.14
CA SER A 7 -0.59 10.07 7.43
C SER A 7 -1.45 9.30 8.44
N LYS A 8 -0.86 8.96 9.56
CA LYS A 8 -1.58 8.19 10.60
C LYS A 8 -2.72 9.02 11.21
N GLY A 9 -3.86 8.40 11.40
CA GLY A 9 -5.03 9.10 11.99
C GLY A 9 -6.03 9.42 10.87
N VAL A 10 -5.61 9.30 9.64
CA VAL A 10 -6.52 9.58 8.49
C VAL A 10 -6.41 8.46 7.45
N ALA A 11 -7.36 8.43 6.56
CA ALA A 11 -7.38 7.38 5.49
C ALA A 11 -7.36 6.00 6.13
N GLU A 12 -8.26 5.75 7.04
CA GLU A 12 -8.31 4.42 7.72
C GLU A 12 -8.92 3.38 6.79
N THR A 13 -8.92 2.15 7.22
CA THR A 13 -9.49 1.03 6.39
C THR A 13 -8.83 1.01 5.01
N VAL A 14 -9.41 1.71 4.08
CA VAL A 14 -8.86 1.77 2.70
C VAL A 14 -8.77 0.35 2.11
N VAL A 15 -8.79 0.26 0.81
CA VAL A 15 -8.68 -1.06 0.13
C VAL A 15 -7.66 -0.97 -1.01
N PRO A 16 -6.40 -0.78 -0.68
CA PRO A 16 -5.31 -0.68 -1.68
C PRO A 16 -4.86 -2.05 -2.18
N GLU A 17 -4.47 -2.14 -3.42
CA GLU A 17 -4.03 -3.45 -3.98
C GLU A 17 -2.54 -3.63 -3.74
N VAL A 18 -2.11 -4.84 -3.55
CA VAL A 18 -0.65 -5.11 -3.31
C VAL A 18 -0.11 -5.99 -4.44
N ARG A 19 1.00 -5.59 -4.99
CA ARG A 19 1.63 -6.37 -6.11
C ARG A 19 3.11 -6.53 -5.83
N LEU A 20 3.67 -7.65 -6.21
CA LEU A 20 5.12 -7.90 -5.97
C LEU A 20 5.90 -7.75 -7.27
N SER A 21 7.08 -7.22 -7.19
CA SER A 21 7.92 -7.03 -8.40
C SER A 21 9.40 -7.07 -8.03
N LYS A 22 10.25 -7.26 -9.00
CA LYS A 22 11.72 -7.33 -8.73
C LYS A 22 12.42 -6.17 -9.43
N SER A 23 13.32 -5.52 -8.73
CA SER A 23 14.06 -4.37 -9.32
C SER A 23 14.93 -4.84 -10.49
N LYS A 24 14.92 -4.11 -11.57
CA LYS A 24 15.75 -4.50 -12.75
C LYS A 24 17.18 -3.98 -12.55
N ASN A 25 17.36 -3.10 -11.61
CA ASN A 25 18.72 -2.55 -11.35
C ASN A 25 19.39 -3.39 -10.25
N GLY A 26 18.75 -4.46 -9.86
CA GLY A 26 19.33 -5.34 -8.80
C GLY A 26 19.05 -4.73 -7.41
N GLN A 27 18.15 -3.79 -7.34
CA GLN A 27 17.83 -3.16 -6.04
C GLN A 27 17.00 -4.13 -5.19
N SER A 28 17.35 -5.39 -5.23
CA SER A 28 16.62 -6.41 -4.45
C SER A 28 15.14 -6.45 -4.84
N GLY A 29 14.39 -7.30 -4.19
CA GLY A 29 12.94 -7.42 -4.50
C GLY A 29 12.21 -6.16 -4.05
N MET A 30 11.07 -5.91 -4.63
CA MET A 30 10.30 -4.69 -4.24
C MET A 30 8.80 -4.96 -4.36
N ALA A 31 8.00 -4.21 -3.63
CA ALA A 31 6.52 -4.37 -3.68
C ALA A 31 5.89 -3.07 -4.17
N LYS A 32 4.86 -3.18 -4.97
CA LYS A 32 4.18 -1.97 -5.51
C LYS A 32 2.78 -1.84 -4.91
N PHE A 33 2.44 -0.66 -4.47
CA PHE A 33 1.09 -0.43 -3.86
C PHE A 33 0.26 0.48 -4.77
N TYR A 34 -1.02 0.23 -4.83
CA TYR A 34 -1.93 1.06 -5.70
C TYR A 34 -3.14 1.49 -4.88
N PHE A 35 -3.40 2.77 -4.82
CA PHE A 35 -4.56 3.29 -4.05
C PHE A 35 -5.61 3.84 -5.02
N LEU A 36 -6.79 3.29 -4.98
CA LEU A 36 -7.87 3.74 -5.91
C LEU A 36 -8.75 4.79 -5.22
N GLU A 37 -8.79 5.97 -5.81
CA GLU A 37 -9.61 7.08 -5.26
C GLU A 37 -9.56 7.11 -3.73
N PRO A 38 -8.37 7.20 -3.17
CA PRO A 38 -8.19 7.25 -1.70
C PRO A 38 -8.70 8.57 -1.11
N THR A 39 -9.16 8.52 0.11
CA THR A 39 -9.70 9.75 0.78
C THR A 39 -8.57 10.72 1.11
N ILE A 40 -7.35 10.25 1.11
CA ILE A 40 -6.21 11.15 1.44
C ILE A 40 -6.10 12.27 0.39
N LEU A 41 -7.01 12.30 -0.55
CA LEU A 41 -6.97 13.35 -1.60
C LEU A 41 -7.89 14.50 -1.18
N ALA A 42 -8.79 14.23 -0.27
CA ALA A 42 -9.72 15.29 0.20
C ALA A 42 -9.18 15.92 1.49
N LYS A 43 -8.30 15.22 2.16
CA LYS A 43 -7.71 15.76 3.42
C LYS A 43 -6.37 16.45 3.12
N GLU A 44 -5.36 15.66 2.88
CA GLU A 44 -4.01 16.26 2.58
C GLU A 44 -3.74 16.20 1.08
N SER A 45 -3.11 17.23 0.56
CA SER A 45 -2.81 17.28 -0.90
C SER A 45 -1.76 16.23 -1.26
N THR A 46 -1.73 15.84 -2.50
CA THR A 46 -0.75 14.82 -2.96
C THR A 46 0.67 15.38 -2.84
N ASP A 47 0.84 16.65 -3.03
CA ASP A 47 2.19 17.28 -2.94
C ASP A 47 2.63 17.29 -1.47
N ASP A 48 1.71 17.12 -0.57
CA ASP A 48 2.06 17.13 0.88
C ASP A 48 2.50 15.74 1.31
N ILE A 49 2.37 14.77 0.44
CA ILE A 49 2.78 13.37 0.79
C ILE A 49 4.24 13.14 0.40
N THR A 50 5.04 12.68 1.32
CA THR A 50 6.48 12.42 1.02
C THR A 50 6.97 11.29 1.92
N GLY A 51 6.10 10.35 2.23
CA GLY A 51 6.52 9.22 3.10
C GLY A 51 5.36 8.25 3.30
N MET A 52 5.64 6.97 3.32
CA MET A 52 4.57 5.94 3.49
C MET A 52 4.77 5.22 4.83
N TYR A 53 3.71 5.07 5.58
CA TYR A 53 3.80 4.37 6.90
C TYR A 53 3.03 3.05 6.82
N LEU A 54 3.72 1.97 7.06
CA LEU A 54 3.06 0.63 7.01
C LEU A 54 2.72 0.19 8.43
N ILE A 55 1.49 -0.14 8.68
CA ILE A 55 1.06 -0.57 10.04
C ILE A 55 0.80 -2.08 10.03
N ASP A 56 1.44 -2.79 10.92
CA ASP A 56 1.26 -4.27 11.01
C ASP A 56 0.86 -4.61 12.45
N ASP A 57 0.42 -3.62 13.20
CA ASP A 57 0.00 -3.87 14.61
C ASP A 57 1.20 -4.32 15.46
N GLU A 58 1.77 -5.44 15.13
CA GLU A 58 2.95 -5.96 15.90
C GLU A 58 4.17 -5.11 15.58
N GLY A 59 4.02 -4.14 14.71
CA GLY A 59 5.17 -3.27 14.36
C GLY A 59 4.80 -2.41 13.15
N GLU A 60 5.65 -1.49 12.79
CA GLU A 60 5.36 -0.63 11.61
C GLU A 60 6.66 -0.31 10.86
N ILE A 61 6.57 -0.13 9.58
CA ILE A 61 7.78 0.18 8.76
C ILE A 61 7.54 1.48 8.00
N ILE A 62 8.51 2.36 8.01
CA ILE A 62 8.37 3.67 7.31
C ILE A 62 9.26 3.66 6.07
N THR A 63 8.69 3.96 4.95
CA THR A 63 9.46 3.97 3.68
C THR A 63 9.06 5.20 2.86
N ARG A 64 9.90 5.57 1.93
CA ARG A 64 9.62 6.74 1.05
C ARG A 64 9.15 6.26 -0.32
N GLU A 65 9.92 6.57 -1.33
CA GLU A 65 9.57 6.16 -2.73
C GLU A 65 8.06 6.20 -2.93
N VAL A 66 7.52 7.38 -3.10
CA VAL A 66 6.05 7.53 -3.30
C VAL A 66 5.79 8.30 -4.59
N LYS A 67 4.92 7.80 -5.41
CA LYS A 67 4.60 8.47 -6.71
C LYS A 67 3.10 8.65 -6.84
N GLY A 68 2.68 9.78 -7.33
CA GLY A 68 1.23 10.06 -7.49
C GLY A 68 0.83 9.93 -8.96
N LYS A 69 -0.25 9.23 -9.22
CA LYS A 69 -0.72 9.06 -10.62
C LYS A 69 -1.87 10.05 -10.87
N PHE A 70 -1.59 11.06 -11.66
CA PHE A 70 -2.62 12.10 -11.94
C PHE A 70 -3.22 11.86 -13.34
N ILE A 71 -4.48 12.15 -13.47
CA ILE A 71 -5.17 11.99 -14.78
C ILE A 71 -5.78 13.33 -15.19
N ASN A 72 -5.62 13.72 -16.43
CA ASN A 72 -6.15 15.02 -16.90
C ASN A 72 -7.52 15.33 -16.26
N GLY A 73 -7.50 16.07 -15.19
CA GLY A 73 -8.76 16.42 -14.48
C GLY A 73 -8.48 16.61 -12.99
N ARG A 74 -8.02 15.60 -12.32
CA ARG A 74 -7.71 15.71 -10.87
C ARG A 74 -7.16 14.38 -10.34
N PRO A 75 -6.32 14.42 -9.32
CA PRO A 75 -5.74 13.18 -8.71
C PRO A 75 -6.75 12.04 -8.67
N THR A 76 -6.45 10.96 -9.34
CA THR A 76 -7.39 9.80 -9.36
C THR A 76 -6.79 8.63 -8.58
N ALA A 77 -5.49 8.46 -8.61
CA ALA A 77 -4.89 7.31 -7.86
C ALA A 77 -3.45 7.60 -7.48
N ILE A 78 -2.93 6.87 -6.53
CA ILE A 78 -1.53 7.06 -6.07
C ILE A 78 -0.80 5.72 -6.09
N GLU A 79 0.49 5.75 -6.26
CA GLU A 79 1.29 4.49 -6.31
C GLU A 79 2.59 4.67 -5.52
N ALA A 80 3.12 3.60 -5.00
CA ALA A 80 4.38 3.69 -4.21
C ALA A 80 5.14 2.37 -4.34
N THR A 81 6.44 2.42 -4.19
CA THR A 81 7.28 1.18 -4.30
C THR A 81 8.09 1.00 -3.03
N VAL A 82 8.06 -0.19 -2.49
CA VAL A 82 8.83 -0.48 -1.23
C VAL A 82 9.96 -1.47 -1.55
N ILE A 83 11.14 -1.17 -1.10
CA ILE A 83 12.30 -2.06 -1.38
C ILE A 83 12.52 -3.00 -0.19
N LEU A 84 12.49 -4.28 -0.44
CA LEU A 84 12.70 -5.29 0.64
C LEU A 84 14.04 -5.99 0.44
N ASN A 85 14.98 -5.68 1.30
CA ASN A 85 16.34 -6.31 1.21
C ASN A 85 16.55 -7.26 2.38
N SER A 86 16.38 -6.78 3.59
CA SER A 86 16.59 -7.64 4.79
C SER A 86 15.57 -8.78 4.83
N GLN A 87 15.98 -9.91 5.32
CA GLN A 87 15.06 -11.07 5.41
C GLN A 87 13.94 -10.80 6.42
N PRO A 88 14.26 -10.24 7.56
CA PRO A 88 13.25 -9.95 8.62
C PRO A 88 12.08 -9.13 8.05
N GLU A 89 12.37 -8.23 7.16
CA GLU A 89 11.31 -7.38 6.56
C GLU A 89 10.32 -8.27 5.79
N TRP A 90 10.81 -9.23 5.07
CA TRP A 90 9.91 -10.13 4.29
C TRP A 90 9.00 -10.91 5.24
N ASP A 91 9.52 -11.32 6.36
CA ASP A 91 8.68 -12.09 7.33
C ASP A 91 7.51 -11.21 7.78
N ARG A 92 7.80 -10.00 8.15
CA ARG A 92 6.73 -9.06 8.59
C ARG A 92 5.85 -8.68 7.39
N PHE A 93 6.47 -8.44 6.27
CA PHE A 93 5.71 -8.05 5.05
C PHE A 93 4.75 -9.18 4.65
N MET A 94 5.22 -10.39 4.65
CA MET A 94 4.35 -11.54 4.27
C MET A 94 3.20 -11.68 5.27
N ARG A 95 3.49 -11.49 6.53
CA ARG A 95 2.43 -11.60 7.57
C ARG A 95 1.33 -10.57 7.32
N PHE A 96 1.71 -9.38 6.96
CA PHE A 96 0.71 -8.31 6.71
C PHE A 96 -0.23 -8.73 5.57
N MET A 97 0.31 -9.28 4.52
CA MET A 97 -0.53 -9.72 3.38
C MET A 97 -1.48 -10.83 3.84
N GLU A 98 -1.00 -11.73 4.63
CA GLU A 98 -1.86 -12.85 5.13
C GLU A 98 -2.94 -12.28 6.06
N ARG A 99 -2.55 -11.45 6.98
CA ARG A 99 -3.55 -10.85 7.91
C ARG A 99 -4.52 -9.95 7.16
N TYR A 100 -4.02 -9.16 6.27
CA TYR A 100 -4.89 -8.23 5.49
C TYR A 100 -5.84 -9.06 4.60
N GLY A 101 -5.33 -10.08 3.99
CA GLY A 101 -6.18 -10.93 3.09
C GLY A 101 -7.36 -11.49 3.89
N ALA A 102 -7.12 -11.90 5.10
CA ALA A 102 -8.22 -12.46 5.95
C ALA A 102 -9.26 -11.37 6.21
N GLU A 103 -8.81 -10.16 6.46
CA GLU A 103 -9.77 -9.05 6.72
C GLU A 103 -10.52 -8.69 5.44
N ASN A 104 -9.83 -8.71 4.32
CA ASN A 104 -10.48 -8.38 3.01
C ASN A 104 -10.26 -9.52 2.03
N GLY A 105 -9.23 -9.43 1.22
CA GLY A 105 -8.93 -10.52 0.24
C GLY A 105 -8.26 -9.91 -1.01
N LEU A 106 -6.96 -9.93 -1.06
CA LEU A 106 -6.23 -9.35 -2.23
C LEU A 106 -5.71 -10.49 -3.11
N GLY A 107 -5.98 -10.41 -4.39
CA GLY A 107 -5.53 -11.46 -5.34
C GLY A 107 -4.21 -11.03 -5.99
N PHE A 108 -4.27 -10.04 -6.86
CA PHE A 108 -3.04 -9.55 -7.54
C PHE A 108 -3.36 -8.33 -8.40
N SER A 109 -2.99 -8.36 -9.65
CA SER A 109 -3.24 -7.21 -10.56
C SER A 109 -4.72 -7.11 -10.91
N LYS A 110 -5.19 -5.91 -11.13
CA LYS A 110 -6.63 -5.69 -11.48
C LYS A 110 -6.94 -6.35 -12.83
N SER A 111 -6.04 -6.26 -13.76
CA SER A 111 -6.27 -6.87 -15.11
C SER A 111 -6.34 -8.39 -14.96
N GLU A 112 -5.81 -8.91 -13.89
CA GLU A 112 -5.84 -10.38 -13.66
C GLU A 112 -7.13 -10.76 -12.93
N LEU A 113 -7.89 -9.77 -12.52
CA LEU A 113 -9.17 -10.02 -11.79
C LEU A 113 -10.35 -9.41 -12.57
N GLU A 114 -11.19 -8.70 -11.88
CA GLU A 114 -12.38 -8.05 -12.52
C GLU A 114 -13.21 -9.12 -13.23
N HIS A 115 -13.12 -10.33 -12.76
CA HIS A 115 -13.89 -11.44 -13.39
C HIS A 115 -15.35 -11.37 -12.96
N HIS A 116 -16.21 -12.04 -13.69
CA HIS A 116 -17.66 -12.03 -13.35
C HIS A 116 -17.88 -12.75 -12.01
N HIS A 117 -17.14 -13.80 -11.77
CA HIS A 117 -17.31 -14.54 -10.49
C HIS A 117 -16.85 -13.69 -9.32
N HIS A 118 -17.70 -13.51 -8.34
CA HIS A 118 -17.34 -12.70 -7.15
C HIS A 118 -16.23 -13.40 -6.36
N HIS A 119 -16.33 -14.70 -6.23
CA HIS A 119 -15.29 -15.46 -5.47
C HIS A 119 -14.97 -16.77 -6.18
N HIS A 120 -13.74 -17.19 -6.15
CA HIS A 120 -13.35 -18.46 -6.81
C HIS A 120 -11.91 -18.80 -6.42
N MET A 1 -6.77 -2.08 13.26
CA MET A 1 -5.60 -2.98 13.21
C MET A 1 -5.03 -3.04 11.78
N ALA A 2 -4.03 -3.86 11.62
CA ALA A 2 -3.33 -4.09 10.31
C ALA A 2 -3.86 -3.30 9.10
N GLU A 3 -3.27 -2.17 8.81
CA GLU A 3 -3.68 -1.37 7.62
C GLU A 3 -2.53 -0.45 7.16
N ILE A 4 -2.64 0.10 5.98
CA ILE A 4 -1.57 1.00 5.45
C ILE A 4 -2.09 2.44 5.46
N GLN A 5 -1.32 3.36 6.00
CA GLN A 5 -1.76 4.79 6.07
C GLN A 5 -0.64 5.69 5.54
N PHE A 6 -1.02 6.72 4.84
CA PHE A 6 -0.02 7.68 4.28
C PHE A 6 0.62 8.49 5.41
N SER A 7 -0.12 9.44 5.93
CA SER A 7 0.43 10.30 7.03
C SER A 7 0.03 9.75 8.40
N LYS A 8 0.98 9.73 9.31
CA LYS A 8 0.71 9.20 10.67
C LYS A 8 -0.28 10.10 11.41
N GLY A 9 -1.20 9.50 12.12
CA GLY A 9 -2.22 10.28 12.88
C GLY A 9 -3.47 10.43 12.03
N VAL A 10 -3.38 10.11 10.76
CA VAL A 10 -4.57 10.24 9.86
C VAL A 10 -5.27 8.89 9.71
N ALA A 11 -6.47 8.80 10.22
CA ALA A 11 -7.24 7.52 10.14
C ALA A 11 -7.82 7.36 8.73
N GLU A 12 -7.78 6.16 8.21
CA GLU A 12 -8.35 5.90 6.87
C GLU A 12 -8.33 4.39 6.58
N THR A 13 -9.40 3.88 6.05
CA THR A 13 -9.48 2.41 5.75
C THR A 13 -9.02 2.16 4.31
N VAL A 14 -9.80 2.57 3.34
CA VAL A 14 -9.44 2.36 1.90
C VAL A 14 -9.15 0.89 1.62
N VAL A 15 -9.17 0.50 0.37
CA VAL A 15 -8.90 -0.93 0.00
C VAL A 15 -7.90 -0.97 -1.17
N PRO A 16 -6.63 -0.86 -0.89
CA PRO A 16 -5.55 -0.86 -1.92
C PRO A 16 -5.19 -2.28 -2.37
N GLU A 17 -4.81 -2.42 -3.61
CA GLU A 17 -4.44 -3.76 -4.15
C GLU A 17 -2.93 -3.96 -4.01
N VAL A 18 -2.52 -5.16 -3.68
CA VAL A 18 -1.07 -5.44 -3.51
C VAL A 18 -0.50 -6.08 -4.77
N ARG A 19 0.56 -5.53 -5.28
CA ARG A 19 1.21 -6.07 -6.51
C ARG A 19 2.68 -6.29 -6.24
N LEU A 20 3.24 -7.34 -6.80
CA LEU A 20 4.68 -7.66 -6.57
C LEU A 20 5.53 -7.10 -7.71
N SER A 21 6.65 -6.53 -7.35
CA SER A 21 7.57 -5.95 -8.37
C SER A 21 9.00 -6.40 -8.05
N LYS A 22 9.78 -6.64 -9.08
CA LYS A 22 11.20 -7.07 -8.88
C LYS A 22 12.15 -6.12 -9.58
N SER A 23 13.27 -5.85 -8.96
CA SER A 23 14.27 -4.91 -9.55
C SER A 23 14.93 -5.54 -10.79
N LYS A 24 15.68 -4.75 -11.51
CA LYS A 24 16.37 -5.27 -12.72
C LYS A 24 17.34 -6.38 -12.31
N ASN A 25 18.07 -6.19 -11.25
CA ASN A 25 19.03 -7.24 -10.79
C ASN A 25 18.25 -8.49 -10.34
N GLY A 26 17.15 -8.29 -9.66
CA GLY A 26 16.34 -9.44 -9.17
C GLY A 26 16.85 -9.88 -7.79
N GLN A 27 17.89 -9.26 -7.32
CA GLN A 27 18.43 -9.61 -5.97
C GLN A 27 17.84 -8.67 -4.91
N SER A 28 17.10 -7.68 -5.34
CA SER A 28 16.50 -6.70 -4.37
C SER A 28 14.98 -6.88 -4.34
N GLY A 29 14.46 -7.15 -3.16
CA GLY A 29 12.99 -7.33 -3.00
C GLY A 29 12.26 -6.01 -3.17
N MET A 30 11.10 -6.04 -3.77
CA MET A 30 10.33 -4.78 -3.97
C MET A 30 8.85 -5.10 -4.12
N ALA A 31 8.00 -4.24 -3.60
CA ALA A 31 6.53 -4.46 -3.72
C ALA A 31 5.85 -3.12 -3.98
N LYS A 32 4.80 -3.12 -4.76
CA LYS A 32 4.07 -1.85 -5.09
C LYS A 32 2.65 -1.91 -4.56
N PHE A 33 2.11 -0.76 -4.20
CA PHE A 33 0.72 -0.70 -3.67
C PHE A 33 -0.10 0.27 -4.52
N TYR A 34 -1.36 -0.03 -4.73
CA TYR A 34 -2.23 0.84 -5.56
C TYR A 34 -3.36 1.41 -4.70
N PHE A 35 -3.41 2.72 -4.57
CA PHE A 35 -4.46 3.38 -3.75
C PHE A 35 -5.43 4.13 -4.66
N LEU A 36 -6.67 3.74 -4.63
CA LEU A 36 -7.70 4.41 -5.50
C LEU A 36 -8.62 5.28 -4.63
N GLU A 37 -8.69 6.55 -4.95
CA GLU A 37 -9.56 7.49 -4.20
C GLU A 37 -9.37 7.31 -2.69
N PRO A 38 -8.15 7.36 -2.23
CA PRO A 38 -7.82 7.24 -0.78
C PRO A 38 -8.43 8.40 0.03
N THR A 39 -9.25 9.19 -0.62
CA THR A 39 -9.93 10.34 0.05
C THR A 39 -8.88 11.20 0.77
N ILE A 40 -7.64 11.08 0.40
CA ILE A 40 -6.58 11.90 1.07
C ILE A 40 -6.28 13.15 0.20
N LEU A 41 -6.74 13.14 -1.03
CA LEU A 41 -6.50 14.31 -1.93
C LEU A 41 -7.24 15.53 -1.39
N ALA A 42 -8.43 15.34 -0.89
CA ALA A 42 -9.21 16.47 -0.35
C ALA A 42 -8.72 16.82 1.06
N LYS A 43 -7.93 15.96 1.64
CA LYS A 43 -7.39 16.21 3.01
C LYS A 43 -5.90 16.60 2.89
N GLU A 44 -5.30 16.33 1.77
CA GLU A 44 -3.87 16.69 1.57
C GLU A 44 -3.48 16.46 0.11
N SER A 45 -2.71 17.36 -0.44
CA SER A 45 -2.30 17.22 -1.88
C SER A 45 -1.22 16.14 -2.03
N THR A 46 -1.07 15.61 -3.22
CA THR A 46 -0.06 14.54 -3.47
C THR A 46 1.36 15.10 -3.28
N ASP A 47 1.56 16.36 -3.54
CA ASP A 47 2.92 16.95 -3.38
C ASP A 47 3.33 16.91 -1.90
N ASP A 48 2.41 17.18 -1.02
CA ASP A 48 2.74 17.15 0.44
C ASP A 48 2.91 15.71 0.90
N ILE A 49 2.45 14.77 0.12
CA ILE A 49 2.59 13.33 0.50
C ILE A 49 3.87 12.76 -0.12
N THR A 50 4.76 12.31 0.71
CA THR A 50 6.04 11.74 0.22
C THR A 50 6.51 10.67 1.22
N GLY A 51 5.59 9.87 1.70
CA GLY A 51 5.97 8.81 2.68
C GLY A 51 4.76 7.95 3.04
N MET A 52 4.97 6.67 3.15
CA MET A 52 3.86 5.73 3.49
C MET A 52 4.30 4.83 4.63
N TYR A 53 3.51 4.75 5.67
CA TYR A 53 3.88 3.89 6.85
C TYR A 53 2.95 2.69 6.94
N LEU A 54 3.52 1.52 6.99
CA LEU A 54 2.71 0.27 7.08
C LEU A 54 2.61 -0.17 8.53
N ILE A 55 1.41 -0.32 9.03
CA ILE A 55 1.23 -0.73 10.46
C ILE A 55 0.91 -2.22 10.52
N ASP A 56 1.68 -2.94 11.30
CA ASP A 56 1.47 -4.41 11.44
C ASP A 56 0.91 -4.71 12.84
N ASP A 57 1.22 -5.87 13.37
CA ASP A 57 0.73 -6.23 14.74
C ASP A 57 1.32 -5.27 15.77
N GLU A 58 2.52 -4.83 15.56
CA GLU A 58 3.16 -3.89 16.52
C GLU A 58 4.26 -3.11 15.79
N GLY A 59 5.04 -3.79 15.00
CA GLY A 59 6.14 -3.12 14.25
C GLY A 59 5.60 -2.39 13.01
N GLU A 60 6.43 -1.60 12.38
CA GLU A 60 5.97 -0.86 11.18
C GLU A 60 7.15 -0.64 10.22
N ILE A 61 6.85 -0.44 8.97
CA ILE A 61 7.92 -0.22 7.94
C ILE A 61 7.84 1.22 7.43
N ILE A 62 8.97 1.87 7.34
CA ILE A 62 8.97 3.29 6.86
C ILE A 62 9.37 3.34 5.40
N THR A 63 8.53 3.93 4.58
CA THR A 63 8.82 4.02 3.12
C THR A 63 8.75 5.49 2.69
N ARG A 64 9.78 5.97 2.04
CA ARG A 64 9.79 7.39 1.57
C ARG A 64 9.64 7.39 0.05
N GLU A 65 9.61 6.23 -0.54
CA GLU A 65 9.47 6.12 -2.02
C GLU A 65 7.98 6.08 -2.39
N VAL A 66 7.33 7.21 -2.38
CA VAL A 66 5.87 7.25 -2.71
C VAL A 66 5.66 8.16 -3.92
N LYS A 67 4.90 7.68 -4.88
CA LYS A 67 4.64 8.49 -6.11
C LYS A 67 3.15 8.59 -6.35
N GLY A 68 2.70 9.73 -6.81
CA GLY A 68 1.26 9.95 -7.06
C GLY A 68 0.90 9.60 -8.51
N LYS A 69 -0.25 9.01 -8.71
CA LYS A 69 -0.70 8.65 -10.09
C LYS A 69 -1.76 9.65 -10.53
N PHE A 70 -1.42 10.43 -11.52
CA PHE A 70 -2.36 11.47 -12.04
C PHE A 70 -3.08 10.95 -13.28
N ILE A 71 -4.32 11.33 -13.43
CA ILE A 71 -5.14 10.90 -14.60
C ILE A 71 -5.64 12.13 -15.35
N ASN A 72 -5.57 12.10 -16.65
CA ASN A 72 -6.03 13.27 -17.48
C ASN A 72 -7.29 13.89 -16.87
N GLY A 73 -7.11 14.87 -16.03
CA GLY A 73 -8.27 15.54 -15.38
C GLY A 73 -7.86 16.04 -14.00
N ARG A 74 -7.48 15.14 -13.13
CA ARG A 74 -7.06 15.57 -11.76
C ARG A 74 -6.61 14.34 -10.94
N PRO A 75 -5.76 14.52 -9.96
CA PRO A 75 -5.28 13.39 -9.10
C PRO A 75 -6.43 12.50 -8.61
N THR A 76 -6.26 11.21 -8.69
CA THR A 76 -7.32 10.27 -8.26
C THR A 76 -6.68 9.01 -7.69
N ALA A 77 -5.48 8.67 -8.08
CA ALA A 77 -4.83 7.43 -7.56
C ALA A 77 -3.40 7.72 -7.11
N ILE A 78 -2.94 6.95 -6.15
CA ILE A 78 -1.55 7.14 -5.62
C ILE A 78 -0.86 5.79 -5.51
N GLU A 79 0.37 5.71 -5.93
CA GLU A 79 1.13 4.42 -5.88
C GLU A 79 2.33 4.55 -4.95
N ALA A 80 2.74 3.45 -4.36
CA ALA A 80 3.90 3.50 -3.41
C ALA A 80 4.71 2.21 -3.57
N THR A 81 6.02 2.30 -3.43
CA THR A 81 6.89 1.10 -3.56
C THR A 81 7.63 0.83 -2.25
N VAL A 82 7.55 -0.38 -1.75
CA VAL A 82 8.23 -0.73 -0.47
C VAL A 82 9.42 -1.65 -0.75
N ILE A 83 10.56 -1.31 -0.21
CA ILE A 83 11.77 -2.14 -0.43
C ILE A 83 11.83 -3.27 0.60
N LEU A 84 11.95 -4.48 0.15
CA LEU A 84 12.02 -5.66 1.08
C LEU A 84 13.44 -6.23 1.04
N ASN A 85 14.42 -5.38 0.93
CA ASN A 85 15.83 -5.84 0.89
C ASN A 85 16.19 -6.52 2.21
N SER A 86 15.74 -5.98 3.32
CA SER A 86 16.06 -6.58 4.64
C SER A 86 15.21 -7.84 4.89
N GLN A 87 15.71 -8.75 5.69
CA GLN A 87 14.96 -10.00 5.98
C GLN A 87 13.72 -9.69 6.85
N PRO A 88 13.88 -8.95 7.92
CA PRO A 88 12.75 -8.63 8.83
C PRO A 88 11.55 -8.04 8.05
N GLU A 89 11.84 -7.25 7.07
CA GLU A 89 10.75 -6.63 6.25
C GLU A 89 9.98 -7.72 5.50
N TRP A 90 10.67 -8.69 4.98
CA TRP A 90 9.99 -9.79 4.24
C TRP A 90 9.03 -10.53 5.17
N ASP A 91 9.47 -10.84 6.35
CA ASP A 91 8.60 -11.58 7.31
C ASP A 91 7.36 -10.74 7.61
N ARG A 92 7.54 -9.48 7.88
CA ARG A 92 6.39 -8.59 8.17
C ARG A 92 5.54 -8.42 6.91
N PHE A 93 6.19 -8.29 5.77
CA PHE A 93 5.44 -8.11 4.50
C PHE A 93 4.58 -9.35 4.21
N MET A 94 5.14 -10.51 4.32
CA MET A 94 4.37 -11.76 4.07
C MET A 94 3.27 -11.93 5.13
N ARG A 95 3.61 -11.67 6.36
CA ARG A 95 2.60 -11.82 7.46
C ARG A 95 1.50 -10.76 7.31
N PHE A 96 1.89 -9.55 7.04
CA PHE A 96 0.88 -8.45 6.88
C PHE A 96 -0.03 -8.78 5.69
N MET A 97 0.55 -9.15 4.59
CA MET A 97 -0.26 -9.49 3.39
C MET A 97 -1.08 -10.75 3.67
N GLU A 98 -0.50 -11.70 4.36
CA GLU A 98 -1.22 -12.96 4.68
C GLU A 98 -2.41 -12.66 5.60
N ARG A 99 -2.15 -11.97 6.68
CA ARG A 99 -3.25 -11.63 7.63
C ARG A 99 -4.21 -10.64 6.97
N TYR A 100 -3.67 -9.70 6.24
CA TYR A 100 -4.53 -8.68 5.57
C TYR A 100 -5.44 -9.36 4.53
N GLY A 101 -4.88 -10.20 3.72
CA GLY A 101 -5.69 -10.90 2.68
C GLY A 101 -6.67 -11.85 3.35
N ALA A 102 -6.27 -12.46 4.43
CA ALA A 102 -7.17 -13.42 5.14
C ALA A 102 -8.44 -12.70 5.61
N GLU A 103 -8.30 -11.54 6.19
CA GLU A 103 -9.49 -10.79 6.68
C GLU A 103 -10.05 -9.94 5.55
N ASN A 104 -9.25 -9.08 4.98
CA ASN A 104 -9.73 -8.20 3.87
C ASN A 104 -9.61 -8.94 2.54
N GLY A 105 -8.46 -8.89 1.93
CA GLY A 105 -8.25 -9.58 0.62
C GLY A 105 -9.42 -9.30 -0.32
N LEU A 106 -9.32 -8.26 -1.10
CA LEU A 106 -10.43 -7.92 -2.05
C LEU A 106 -9.86 -7.49 -3.40
N GLY A 107 -10.66 -6.80 -4.18
CA GLY A 107 -10.20 -6.35 -5.53
C GLY A 107 -10.66 -4.91 -5.79
N PHE A 108 -11.81 -4.77 -6.39
CA PHE A 108 -12.34 -3.39 -6.70
C PHE A 108 -13.37 -2.99 -5.64
N SER A 109 -13.37 -3.67 -4.52
CA SER A 109 -14.36 -3.36 -3.45
C SER A 109 -14.09 -1.97 -2.85
N LYS A 110 -15.14 -1.29 -2.47
CA LYS A 110 -15.02 0.07 -1.87
C LYS A 110 -13.93 0.88 -2.59
N SER A 111 -13.77 0.65 -3.86
CA SER A 111 -12.73 1.39 -4.66
C SER A 111 -13.38 1.98 -5.91
N GLU A 112 -13.60 1.15 -6.91
CA GLU A 112 -14.22 1.65 -8.17
C GLU A 112 -15.75 1.65 -8.02
N LEU A 113 -16.23 1.07 -6.96
CA LEU A 113 -17.70 1.03 -6.73
C LEU A 113 -18.08 2.18 -5.77
N GLU A 114 -17.88 1.98 -4.49
CA GLU A 114 -18.21 3.04 -3.49
C GLU A 114 -19.58 3.66 -3.81
N HIS A 115 -20.34 3.04 -4.66
CA HIS A 115 -21.70 3.56 -5.02
C HIS A 115 -22.76 2.73 -4.31
N HIS A 116 -22.34 1.70 -3.60
CA HIS A 116 -23.31 0.82 -2.90
C HIS A 116 -23.99 1.57 -1.75
N HIS A 117 -25.20 1.19 -1.43
CA HIS A 117 -25.95 1.84 -0.33
C HIS A 117 -25.89 3.37 -0.48
N HIS A 118 -26.93 3.94 -1.01
CA HIS A 118 -26.98 5.42 -1.18
C HIS A 118 -26.91 6.09 0.19
N HIS A 119 -27.60 5.55 1.16
CA HIS A 119 -27.59 6.16 2.51
C HIS A 119 -26.24 5.93 3.20
N HIS A 120 -25.82 6.86 4.00
CA HIS A 120 -24.53 6.73 4.72
C HIS A 120 -23.41 6.40 3.73
N MET A 1 -4.64 -3.35 13.48
CA MET A 1 -4.85 -4.33 12.38
C MET A 1 -3.95 -3.99 11.19
N ALA A 2 -4.03 -4.76 10.13
CA ALA A 2 -3.18 -4.47 8.94
C ALA A 2 -3.85 -3.40 8.07
N GLU A 3 -3.28 -2.23 8.03
CA GLU A 3 -3.89 -1.14 7.19
C GLU A 3 -2.80 -0.14 6.79
N ILE A 4 -3.04 0.61 5.74
CA ILE A 4 -2.03 1.62 5.27
C ILE A 4 -2.56 3.02 5.54
N GLN A 5 -1.77 3.88 6.14
CA GLN A 5 -2.25 5.27 6.43
C GLN A 5 -1.13 6.27 6.11
N PHE A 6 -1.40 7.21 5.23
CA PHE A 6 -0.37 8.22 4.87
C PHE A 6 -0.07 9.10 6.07
N SER A 7 -1.09 9.46 6.82
CA SER A 7 -0.89 10.36 8.01
C SER A 7 -1.50 9.73 9.26
N LYS A 8 -0.98 10.07 10.40
CA LYS A 8 -1.50 9.49 11.68
C LYS A 8 -2.88 10.07 12.01
N GLY A 9 -3.79 9.23 12.46
CA GLY A 9 -5.16 9.71 12.79
C GLY A 9 -6.08 9.54 11.58
N VAL A 10 -5.54 9.09 10.48
CA VAL A 10 -6.38 8.90 9.27
C VAL A 10 -7.32 7.70 9.47
N ALA A 11 -6.79 6.59 9.89
CA ALA A 11 -7.63 5.37 10.12
C ALA A 11 -8.34 4.97 8.82
N GLU A 12 -8.49 3.69 8.61
CA GLU A 12 -9.19 3.20 7.37
C GLU A 12 -8.46 3.71 6.13
N THR A 13 -8.82 4.88 5.65
CA THR A 13 -8.17 5.45 4.43
C THR A 13 -8.82 4.84 3.19
N VAL A 14 -8.46 3.63 2.83
CA VAL A 14 -9.08 3.01 1.63
C VAL A 14 -8.62 1.54 1.53
N VAL A 15 -9.08 0.85 0.52
CA VAL A 15 -8.68 -0.58 0.32
C VAL A 15 -7.87 -0.69 -0.99
N PRO A 16 -6.58 -0.47 -0.94
CA PRO A 16 -5.70 -0.53 -2.15
C PRO A 16 -5.36 -1.97 -2.56
N GLU A 17 -5.05 -2.17 -3.82
CA GLU A 17 -4.71 -3.55 -4.28
C GLU A 17 -3.25 -3.85 -3.95
N VAL A 18 -2.90 -5.11 -3.82
CA VAL A 18 -1.50 -5.48 -3.48
C VAL A 18 -0.87 -6.17 -4.70
N ARG A 19 0.29 -5.71 -5.10
CA ARG A 19 0.99 -6.33 -6.28
C ARG A 19 2.46 -6.52 -5.92
N LEU A 20 3.00 -7.67 -6.20
CA LEU A 20 4.43 -7.94 -5.87
C LEU A 20 5.28 -7.72 -7.12
N SER A 21 6.39 -7.05 -6.98
CA SER A 21 7.29 -6.78 -8.15
C SER A 21 8.69 -7.31 -7.83
N LYS A 22 9.41 -7.73 -8.84
CA LYS A 22 10.79 -8.27 -8.61
C LYS A 22 11.78 -7.59 -9.57
N SER A 23 12.97 -7.33 -9.11
CA SER A 23 13.99 -6.67 -9.97
C SER A 23 14.55 -7.68 -10.98
N LYS A 24 15.50 -7.25 -11.77
CA LYS A 24 16.10 -8.16 -12.79
C LYS A 24 16.76 -9.36 -12.10
N ASN A 25 16.53 -10.54 -12.61
CA ASN A 25 17.13 -11.76 -12.02
C ASN A 25 16.73 -11.84 -10.54
N GLY A 26 15.73 -11.10 -10.15
CA GLY A 26 15.29 -11.13 -8.73
C GLY A 26 16.33 -10.43 -7.86
N GLN A 27 17.16 -9.63 -8.47
CA GLN A 27 18.21 -8.91 -7.70
C GLN A 27 17.62 -8.28 -6.44
N SER A 28 17.01 -7.13 -6.57
CA SER A 28 16.43 -6.44 -5.37
C SER A 28 14.93 -6.71 -5.27
N GLY A 29 14.51 -7.24 -4.17
CA GLY A 29 13.06 -7.55 -3.99
C GLY A 29 12.28 -6.27 -3.63
N MET A 30 11.07 -6.15 -4.09
CA MET A 30 10.27 -4.94 -3.77
C MET A 30 8.79 -5.24 -4.00
N ALA A 31 7.91 -4.38 -3.53
CA ALA A 31 6.45 -4.60 -3.73
C ALA A 31 5.79 -3.26 -4.06
N LYS A 32 4.80 -3.28 -4.92
CA LYS A 32 4.11 -2.00 -5.32
C LYS A 32 2.69 -2.01 -4.78
N PHE A 33 2.19 -0.84 -4.41
CA PHE A 33 0.80 -0.74 -3.88
C PHE A 33 0.00 0.22 -4.77
N TYR A 34 -1.17 -0.17 -5.17
CA TYR A 34 -2.02 0.70 -6.04
C TYR A 34 -3.15 1.30 -5.21
N PHE A 35 -3.31 2.60 -5.25
CA PHE A 35 -4.39 3.27 -4.45
C PHE A 35 -5.43 3.85 -5.41
N LEU A 36 -6.63 3.34 -5.36
CA LEU A 36 -7.71 3.85 -6.27
C LEU A 36 -8.55 4.90 -5.55
N GLU A 37 -8.62 6.09 -6.10
CA GLU A 37 -9.44 7.18 -5.49
C GLU A 37 -9.31 7.16 -3.95
N PRO A 38 -8.11 7.27 -3.45
CA PRO A 38 -7.86 7.28 -1.97
C PRO A 38 -8.50 8.51 -1.28
N THR A 39 -8.95 8.34 -0.07
CA THR A 39 -9.59 9.45 0.68
C THR A 39 -8.55 10.51 1.05
N ILE A 40 -7.30 10.14 1.14
CA ILE A 40 -6.25 11.13 1.53
C ILE A 40 -6.22 12.27 0.51
N LEU A 41 -7.07 12.25 -0.47
CA LEU A 41 -7.09 13.33 -1.49
C LEU A 41 -8.07 14.42 -1.04
N ALA A 42 -8.81 14.17 0.02
CA ALA A 42 -9.79 15.18 0.52
C ALA A 42 -9.18 15.94 1.69
N LYS A 43 -8.27 15.33 2.41
CA LYS A 43 -7.64 16.01 3.58
C LYS A 43 -6.31 16.65 3.16
N GLU A 44 -5.29 15.85 2.99
CA GLU A 44 -3.95 16.42 2.60
C GLU A 44 -3.73 16.26 1.09
N SER A 45 -2.95 17.13 0.52
CA SER A 45 -2.69 17.06 -0.94
C SER A 45 -1.71 15.92 -1.23
N THR A 46 -1.64 15.50 -2.48
CA THR A 46 -0.71 14.39 -2.84
C THR A 46 0.73 14.86 -2.67
N ASP A 47 1.00 16.12 -2.89
CA ASP A 47 2.38 16.64 -2.74
C ASP A 47 2.76 16.65 -1.26
N ASP A 48 1.80 16.60 -0.39
CA ASP A 48 2.11 16.62 1.06
C ASP A 48 2.56 15.23 1.51
N ILE A 49 2.49 14.27 0.63
CA ILE A 49 2.91 12.88 1.01
C ILE A 49 4.37 12.66 0.60
N THR A 50 5.21 12.41 1.57
CA THR A 50 6.67 12.18 1.29
C THR A 50 7.01 10.73 1.65
N GLY A 51 6.05 9.98 2.11
CA GLY A 51 6.32 8.56 2.48
C GLY A 51 5.02 7.85 2.83
N MET A 52 5.10 6.57 3.14
CA MET A 52 3.87 5.79 3.50
C MET A 52 4.13 5.04 4.80
N TYR A 53 3.18 5.02 5.71
CA TYR A 53 3.38 4.30 7.00
C TYR A 53 2.59 2.99 7.02
N LEU A 54 3.26 1.89 7.23
CA LEU A 54 2.57 0.57 7.27
C LEU A 54 2.34 0.18 8.73
N ILE A 55 1.12 -0.13 9.08
CA ILE A 55 0.80 -0.50 10.50
C ILE A 55 0.52 -2.00 10.59
N ASP A 56 1.17 -2.68 11.49
CA ASP A 56 0.93 -4.15 11.64
C ASP A 56 1.18 -4.56 13.09
N ASP A 57 0.18 -5.11 13.75
CA ASP A 57 0.34 -5.53 15.17
C ASP A 57 0.70 -4.32 16.04
N GLU A 58 1.95 -3.94 16.07
CA GLU A 58 2.36 -2.78 16.90
C GLU A 58 3.50 -2.04 16.19
N GLY A 59 4.39 -2.77 15.57
CA GLY A 59 5.52 -2.14 14.86
C GLY A 59 5.05 -1.50 13.55
N GLU A 60 5.90 -0.77 12.89
CA GLU A 60 5.50 -0.12 11.60
C GLU A 60 6.74 0.06 10.72
N ILE A 61 6.54 0.15 9.43
CA ILE A 61 7.71 0.34 8.49
C ILE A 61 7.59 1.70 7.82
N ILE A 62 8.67 2.42 7.73
CA ILE A 62 8.63 3.78 7.10
C ILE A 62 9.19 3.70 5.69
N THR A 63 8.44 4.14 4.71
CA THR A 63 8.92 4.10 3.29
C THR A 63 8.87 5.51 2.70
N ARG A 64 9.97 5.98 2.18
CA ARG A 64 10.01 7.35 1.58
C ARG A 64 9.82 7.23 0.06
N GLU A 65 9.83 6.03 -0.45
CA GLU A 65 9.67 5.84 -1.91
C GLU A 65 8.19 5.85 -2.28
N VAL A 66 7.62 7.01 -2.46
CA VAL A 66 6.17 7.10 -2.83
C VAL A 66 6.01 7.93 -4.10
N LYS A 67 5.22 7.47 -5.04
CA LYS A 67 5.01 8.23 -6.31
C LYS A 67 3.51 8.44 -6.53
N GLY A 68 3.14 9.59 -7.03
CA GLY A 68 1.70 9.89 -7.26
C GLY A 68 1.33 9.63 -8.73
N LYS A 69 0.17 9.08 -8.97
CA LYS A 69 -0.27 8.81 -10.37
C LYS A 69 -1.36 9.81 -10.73
N PHE A 70 -1.02 10.83 -11.48
CA PHE A 70 -2.02 11.87 -11.86
C PHE A 70 -2.50 11.64 -13.29
N ILE A 71 -3.74 11.94 -13.57
CA ILE A 71 -4.29 11.76 -14.95
C ILE A 71 -4.79 13.11 -15.46
N ASN A 72 -4.44 13.48 -16.66
CA ASN A 72 -4.87 14.79 -17.23
C ASN A 72 -6.31 15.13 -16.80
N GLY A 73 -6.45 15.86 -15.71
CA GLY A 73 -7.81 16.23 -15.22
C GLY A 73 -7.74 16.47 -13.72
N ARG A 74 -7.37 15.47 -12.96
CA ARG A 74 -7.25 15.65 -11.49
C ARG A 74 -6.73 14.36 -10.85
N PRO A 75 -6.03 14.45 -9.73
CA PRO A 75 -5.49 13.25 -9.04
C PRO A 75 -6.49 12.08 -9.04
N THR A 76 -6.13 10.98 -9.65
CA THR A 76 -7.04 9.80 -9.71
C THR A 76 -6.49 8.66 -8.84
N ALA A 77 -5.19 8.51 -8.75
CA ALA A 77 -4.64 7.39 -7.92
C ALA A 77 -3.21 7.69 -7.49
N ILE A 78 -2.73 6.95 -6.51
CA ILE A 78 -1.33 7.14 -6.01
C ILE A 78 -0.63 5.79 -6.03
N GLU A 79 0.67 5.77 -5.94
CA GLU A 79 1.42 4.48 -5.97
C GLU A 79 2.55 4.52 -4.96
N ALA A 80 2.90 3.41 -4.37
CA ALA A 80 4.00 3.37 -3.38
C ALA A 80 4.81 2.10 -3.58
N THR A 81 6.12 2.17 -3.40
CA THR A 81 6.98 0.96 -3.59
C THR A 81 7.76 0.69 -2.31
N VAL A 82 7.74 -0.53 -1.84
CA VAL A 82 8.48 -0.89 -0.59
C VAL A 82 9.66 -1.78 -0.92
N ILE A 83 10.82 -1.46 -0.45
CA ILE A 83 12.02 -2.29 -0.74
C ILE A 83 12.08 -3.47 0.22
N LEU A 84 12.23 -4.66 -0.31
CA LEU A 84 12.31 -5.88 0.55
C LEU A 84 13.68 -6.53 0.36
N ASN A 85 14.70 -5.73 0.23
CA ASN A 85 16.07 -6.28 0.06
C ASN A 85 16.46 -7.07 1.30
N SER A 86 16.13 -6.58 2.46
CA SER A 86 16.52 -7.29 3.71
C SER A 86 15.58 -8.49 3.94
N GLN A 87 16.07 -9.51 4.60
CA GLN A 87 15.25 -10.73 4.87
C GLN A 87 14.19 -10.43 5.96
N PRO A 88 14.56 -9.71 6.99
CA PRO A 88 13.62 -9.38 8.11
C PRO A 88 12.37 -8.67 7.59
N GLU A 89 12.53 -7.84 6.59
CA GLU A 89 11.37 -7.11 6.02
C GLU A 89 10.40 -8.09 5.36
N TRP A 90 10.93 -9.09 4.68
CA TRP A 90 10.05 -10.08 4.00
C TRP A 90 9.17 -10.79 5.05
N ASP A 91 9.72 -11.14 6.17
CA ASP A 91 8.91 -11.83 7.21
C ASP A 91 7.75 -10.94 7.64
N ARG A 92 8.01 -9.70 7.94
CA ARG A 92 6.92 -8.78 8.36
C ARG A 92 6.01 -8.49 7.16
N PHE A 93 6.59 -8.32 6.01
CA PHE A 93 5.77 -8.04 4.80
C PHE A 93 4.83 -9.22 4.53
N MET A 94 5.34 -10.41 4.61
CA MET A 94 4.50 -11.60 4.38
C MET A 94 3.39 -11.64 5.43
N ARG A 95 3.71 -11.34 6.65
CA ARG A 95 2.68 -11.36 7.72
C ARG A 95 1.65 -10.26 7.43
N PHE A 96 2.11 -9.09 7.08
CA PHE A 96 1.18 -7.97 6.77
C PHE A 96 0.29 -8.36 5.59
N MET A 97 0.88 -8.90 4.56
CA MET A 97 0.09 -9.31 3.37
C MET A 97 -0.92 -10.39 3.77
N GLU A 98 -0.52 -11.32 4.58
CA GLU A 98 -1.46 -12.39 4.99
C GLU A 98 -2.58 -11.79 5.84
N ARG A 99 -2.23 -10.96 6.78
CA ARG A 99 -3.27 -10.32 7.63
C ARG A 99 -4.14 -9.40 6.78
N TYR A 100 -3.53 -8.66 5.89
CA TYR A 100 -4.30 -7.74 5.01
C TYR A 100 -5.26 -8.55 4.14
N GLY A 101 -4.77 -9.59 3.51
CA GLY A 101 -5.65 -10.41 2.64
C GLY A 101 -6.67 -11.15 3.50
N ALA A 102 -6.29 -11.59 4.66
CA ALA A 102 -7.24 -12.32 5.54
C ALA A 102 -8.40 -11.39 5.93
N GLU A 103 -8.10 -10.17 6.27
CA GLU A 103 -9.18 -9.21 6.65
C GLU A 103 -9.97 -8.81 5.40
N ASN A 104 -9.28 -8.56 4.31
CA ASN A 104 -9.97 -8.17 3.06
C ASN A 104 -10.22 -9.41 2.19
N GLY A 105 -9.19 -9.97 1.64
CA GLY A 105 -9.36 -11.19 0.79
C GLY A 105 -9.74 -10.77 -0.64
N LEU A 106 -9.08 -9.79 -1.18
CA LEU A 106 -9.41 -9.33 -2.56
C LEU A 106 -9.14 -10.46 -3.56
N GLY A 107 -8.04 -11.15 -3.41
CA GLY A 107 -7.74 -12.27 -4.35
C GLY A 107 -7.05 -11.73 -5.60
N PHE A 108 -6.68 -10.47 -5.60
CA PHE A 108 -5.97 -9.87 -6.77
C PHE A 108 -4.49 -9.69 -6.42
N SER A 109 -4.04 -10.37 -5.40
CA SER A 109 -2.61 -10.25 -5.01
C SER A 109 -1.72 -10.76 -6.14
N LYS A 110 -1.63 -10.03 -7.22
CA LYS A 110 -0.79 -10.45 -8.39
C LYS A 110 -1.31 -11.79 -8.95
N SER A 111 -1.99 -12.57 -8.16
CA SER A 111 -2.49 -13.87 -8.66
C SER A 111 -3.65 -13.64 -9.63
N GLU A 112 -3.67 -14.36 -10.72
CA GLU A 112 -4.77 -14.22 -11.73
C GLU A 112 -4.42 -13.06 -12.68
N LEU A 113 -3.74 -12.06 -12.18
CA LEU A 113 -3.37 -10.90 -13.05
C LEU A 113 -2.43 -11.37 -14.17
N GLU A 114 -1.47 -12.22 -13.85
CA GLU A 114 -0.52 -12.71 -14.89
C GLU A 114 -0.97 -14.08 -15.38
N HIS A 115 -1.99 -14.62 -14.77
CA HIS A 115 -2.51 -15.96 -15.18
C HIS A 115 -1.40 -17.01 -15.07
N HIS A 116 -1.59 -17.98 -14.22
CA HIS A 116 -0.58 -19.06 -14.06
C HIS A 116 -0.41 -19.81 -15.38
N HIS A 117 -1.49 -20.12 -16.03
CA HIS A 117 -1.43 -20.84 -17.33
C HIS A 117 -0.54 -22.09 -17.18
N HIS A 118 -1.07 -23.11 -16.55
CA HIS A 118 -0.29 -24.38 -16.37
C HIS A 118 -1.27 -25.55 -16.31
N HIS A 119 -2.39 -25.38 -15.65
CA HIS A 119 -3.39 -26.48 -15.55
C HIS A 119 -4.00 -26.73 -16.93
N HIS A 120 -4.27 -25.70 -17.67
CA HIS A 120 -4.87 -25.87 -19.03
C HIS A 120 -4.69 -24.58 -19.82
N MET A 1 -0.30 -5.53 6.42
CA MET A 1 -0.47 -4.06 6.39
C MET A 1 -1.63 -3.67 7.31
N ALA A 2 -2.67 -4.47 7.30
CA ALA A 2 -3.85 -4.20 8.16
C ALA A 2 -4.43 -2.83 7.82
N GLU A 3 -3.76 -1.78 8.21
CA GLU A 3 -4.26 -0.40 7.93
C GLU A 3 -3.11 0.46 7.41
N ILE A 4 -3.39 1.23 6.39
CA ILE A 4 -2.35 2.12 5.80
C ILE A 4 -2.67 3.57 6.19
N GLN A 5 -1.71 4.28 6.71
CA GLN A 5 -1.95 5.70 7.11
C GLN A 5 -0.89 6.60 6.47
N PHE A 6 -1.34 7.72 5.95
CA PHE A 6 -0.41 8.68 5.29
C PHE A 6 -0.23 9.91 6.19
N SER A 7 -1.31 10.55 6.56
CA SER A 7 -1.22 11.76 7.43
C SER A 7 -1.38 11.33 8.90
N LYS A 8 -1.33 10.06 9.15
CA LYS A 8 -1.47 9.53 10.54
C LYS A 8 -2.80 9.98 11.16
N GLY A 9 -3.59 9.04 11.61
CA GLY A 9 -4.91 9.38 12.22
C GLY A 9 -5.97 9.40 11.12
N VAL A 10 -5.63 8.92 9.95
CA VAL A 10 -6.61 8.91 8.82
C VAL A 10 -7.30 7.55 8.73
N ALA A 11 -8.59 7.57 8.56
CA ALA A 11 -9.37 6.31 8.48
C ALA A 11 -9.54 5.88 7.02
N GLU A 12 -10.52 5.06 6.77
CA GLU A 12 -10.78 4.57 5.38
C GLU A 12 -9.53 3.88 4.83
N THR A 13 -8.56 4.66 4.43
CA THR A 13 -7.29 4.07 3.88
C THR A 13 -7.60 3.36 2.58
N VAL A 14 -8.82 3.47 2.13
CA VAL A 14 -9.26 2.83 0.86
C VAL A 14 -8.74 1.38 0.76
N VAL A 15 -9.10 0.70 -0.29
CA VAL A 15 -8.64 -0.71 -0.49
C VAL A 15 -7.74 -0.77 -1.73
N PRO A 16 -6.43 -0.61 -1.57
CA PRO A 16 -5.46 -0.64 -2.69
C PRO A 16 -5.12 -2.06 -3.14
N GLU A 17 -4.91 -2.24 -4.41
CA GLU A 17 -4.57 -3.59 -4.92
C GLU A 17 -3.12 -3.94 -4.56
N VAL A 18 -2.84 -5.19 -4.37
CA VAL A 18 -1.46 -5.61 -4.01
C VAL A 18 -0.75 -6.15 -5.25
N ARG A 19 0.42 -5.63 -5.53
CA ARG A 19 1.19 -6.09 -6.73
C ARG A 19 2.64 -6.36 -6.30
N LEU A 20 3.09 -7.58 -6.46
CA LEU A 20 4.47 -7.94 -6.06
C LEU A 20 5.33 -8.07 -7.32
N SER A 21 6.49 -7.47 -7.31
CA SER A 21 7.40 -7.52 -8.48
C SER A 21 8.78 -7.99 -8.05
N LYS A 22 9.50 -8.62 -8.95
CA LYS A 22 10.87 -9.12 -8.62
C LYS A 22 11.90 -8.40 -9.47
N SER A 23 12.93 -7.91 -8.85
CA SER A 23 13.99 -7.17 -9.60
C SER A 23 14.59 -8.07 -10.70
N LYS A 24 15.57 -8.86 -10.36
CA LYS A 24 16.21 -9.76 -11.36
C LYS A 24 15.81 -11.20 -11.11
N ASN A 25 16.73 -12.02 -10.66
CA ASN A 25 16.42 -13.46 -10.40
C ASN A 25 16.08 -13.65 -8.92
N GLY A 26 15.89 -12.55 -8.22
CA GLY A 26 15.56 -12.63 -6.76
C GLY A 26 16.71 -12.00 -5.96
N GLN A 27 17.49 -11.17 -6.59
CA GLN A 27 18.62 -10.53 -5.87
C GLN A 27 18.12 -9.28 -5.15
N SER A 28 16.88 -8.91 -5.38
CA SER A 28 16.31 -7.72 -4.70
C SER A 28 14.78 -7.79 -4.72
N GLY A 29 14.20 -8.19 -3.62
CA GLY A 29 12.72 -8.30 -3.55
C GLY A 29 12.07 -6.92 -3.62
N MET A 30 10.98 -6.80 -4.32
CA MET A 30 10.29 -5.49 -4.45
C MET A 30 8.78 -5.68 -4.41
N ALA A 31 8.08 -4.70 -3.89
CA ALA A 31 6.59 -4.79 -3.82
C ALA A 31 5.98 -3.46 -4.27
N LYS A 32 4.85 -3.50 -4.92
CA LYS A 32 4.19 -2.26 -5.41
C LYS A 32 2.76 -2.18 -4.90
N PHE A 33 2.31 -1.00 -4.56
CA PHE A 33 0.91 -0.83 -4.04
C PHE A 33 0.18 0.16 -4.94
N TYR A 34 -1.06 -0.12 -5.25
CA TYR A 34 -1.85 0.80 -6.13
C TYR A 34 -3.10 1.28 -5.39
N PHE A 35 -3.26 2.58 -5.31
CA PHE A 35 -4.44 3.17 -4.61
C PHE A 35 -5.37 3.79 -5.65
N LEU A 36 -6.54 3.24 -5.80
CA LEU A 36 -7.51 3.79 -6.80
C LEU A 36 -8.37 4.89 -6.19
N GLU A 37 -8.48 5.99 -6.89
CA GLU A 37 -9.31 7.15 -6.41
C GLU A 37 -9.27 7.26 -4.88
N PRO A 38 -8.14 7.61 -4.34
CA PRO A 38 -7.97 7.76 -2.87
C PRO A 38 -8.90 8.82 -2.27
N THR A 39 -9.44 8.55 -1.12
CA THR A 39 -10.36 9.52 -0.46
C THR A 39 -9.55 10.57 0.30
N ILE A 40 -8.31 10.28 0.59
CA ILE A 40 -7.46 11.26 1.34
C ILE A 40 -7.24 12.51 0.47
N LEU A 41 -7.83 12.54 -0.69
CA LEU A 41 -7.68 13.72 -1.58
C LEU A 41 -8.66 14.82 -1.14
N ALA A 42 -9.61 14.47 -0.31
CA ALA A 42 -10.59 15.48 0.17
C ALA A 42 -10.16 16.01 1.53
N LYS A 43 -9.22 15.35 2.16
CA LYS A 43 -8.75 15.80 3.50
C LYS A 43 -7.34 16.40 3.36
N GLU A 44 -6.48 15.73 2.64
CA GLU A 44 -5.08 16.25 2.46
C GLU A 44 -4.66 16.16 0.99
N SER A 45 -3.84 17.08 0.56
CA SER A 45 -3.38 17.10 -0.85
C SER A 45 -2.32 16.02 -1.09
N THR A 46 -2.15 15.62 -2.32
CA THR A 46 -1.14 14.59 -2.65
C THR A 46 0.27 15.13 -2.35
N ASP A 47 0.45 16.41 -2.51
CA ASP A 47 1.79 17.00 -2.24
C ASP A 47 2.03 17.04 -0.73
N ASP A 48 1.00 16.90 0.05
CA ASP A 48 1.16 16.93 1.53
C ASP A 48 1.44 15.51 2.04
N ILE A 49 1.35 14.54 1.18
CA ILE A 49 1.62 13.13 1.60
C ILE A 49 3.09 12.81 1.42
N THR A 50 3.74 12.42 2.49
CA THR A 50 5.20 12.07 2.42
C THR A 50 5.41 10.66 2.95
N GLY A 51 5.97 9.80 2.14
CA GLY A 51 6.25 8.41 2.57
C GLY A 51 4.94 7.65 2.86
N MET A 52 5.06 6.48 3.42
CA MET A 52 3.86 5.66 3.73
C MET A 52 4.08 4.96 5.08
N TYR A 53 3.09 4.99 5.94
CA TYR A 53 3.24 4.34 7.28
C TYR A 53 2.36 3.08 7.34
N LEU A 54 2.99 1.94 7.34
CA LEU A 54 2.24 0.65 7.41
C LEU A 54 2.11 0.23 8.86
N ILE A 55 0.92 0.27 9.41
CA ILE A 55 0.73 -0.09 10.84
C ILE A 55 0.00 -1.42 10.96
N ASP A 56 0.54 -2.30 11.77
CA ASP A 56 -0.07 -3.64 11.96
C ASP A 56 -0.03 -4.02 13.44
N ASP A 57 -0.15 -5.29 13.73
CA ASP A 57 -0.13 -5.74 15.16
C ASP A 57 1.32 -5.86 15.65
N GLU A 58 1.73 -4.91 16.44
CA GLU A 58 3.11 -4.91 17.00
C GLU A 58 4.15 -4.85 15.87
N GLY A 59 4.51 -3.67 15.47
CA GLY A 59 5.55 -3.49 14.40
C GLY A 59 5.00 -2.60 13.28
N GLU A 60 5.84 -1.79 12.72
CA GLU A 60 5.42 -0.88 11.61
C GLU A 60 6.60 -0.66 10.67
N ILE A 61 6.31 -0.49 9.39
CA ILE A 61 7.41 -0.27 8.40
C ILE A 61 7.25 1.11 7.77
N ILE A 62 8.33 1.84 7.68
CA ILE A 62 8.27 3.22 7.09
C ILE A 62 8.94 3.20 5.72
N THR A 63 8.25 3.68 4.71
CA THR A 63 8.80 3.72 3.34
C THR A 63 8.73 5.13 2.79
N ARG A 64 9.83 5.67 2.36
CA ARG A 64 9.86 7.06 1.81
C ARG A 64 9.79 6.99 0.29
N GLU A 65 9.76 5.81 -0.26
CA GLU A 65 9.69 5.67 -1.73
C GLU A 65 8.23 5.75 -2.18
N VAL A 66 7.66 6.93 -2.19
CA VAL A 66 6.24 7.09 -2.60
C VAL A 66 6.15 8.16 -3.70
N LYS A 67 5.41 7.86 -4.75
CA LYS A 67 5.24 8.84 -5.86
C LYS A 67 3.77 8.91 -6.22
N GLY A 68 3.30 10.10 -6.53
CA GLY A 68 1.85 10.28 -6.87
C GLY A 68 1.64 10.11 -8.36
N LYS A 69 0.55 9.48 -8.73
CA LYS A 69 0.23 9.28 -10.18
C LYS A 69 -0.88 10.23 -10.58
N PHE A 70 -0.61 11.10 -11.52
CA PHE A 70 -1.61 12.10 -11.98
C PHE A 70 -2.11 11.72 -13.37
N ILE A 71 -3.37 11.97 -13.63
CA ILE A 71 -3.96 11.67 -14.96
C ILE A 71 -4.52 12.96 -15.56
N ASN A 72 -4.19 13.23 -16.79
CA ASN A 72 -4.67 14.46 -17.47
C ASN A 72 -4.24 15.70 -16.68
N GLY A 73 -3.31 15.54 -15.78
CA GLY A 73 -2.83 16.70 -14.97
C GLY A 73 -3.55 16.73 -13.62
N ARG A 74 -4.66 16.03 -13.52
CA ARG A 74 -5.42 16.03 -12.24
C ARG A 74 -5.12 14.74 -11.46
N PRO A 75 -5.18 14.80 -10.14
CA PRO A 75 -4.93 13.61 -9.27
C PRO A 75 -5.94 12.49 -9.50
N THR A 76 -5.49 11.26 -9.44
CA THR A 76 -6.42 10.12 -9.66
C THR A 76 -5.96 8.91 -8.83
N ALA A 77 -4.68 8.64 -8.79
CA ALA A 77 -4.21 7.46 -8.02
C ALA A 77 -2.80 7.68 -7.47
N ILE A 78 -2.40 6.86 -6.53
CA ILE A 78 -1.04 6.97 -5.92
C ILE A 78 -0.33 5.62 -6.03
N GLU A 79 0.97 5.63 -6.09
CA GLU A 79 1.71 4.35 -6.20
C GLU A 79 2.89 4.37 -5.24
N ALA A 80 3.21 3.24 -4.69
CA ALA A 80 4.36 3.21 -3.75
C ALA A 80 5.16 1.94 -3.96
N THR A 81 6.41 2.04 -3.63
CA THR A 81 7.36 0.94 -3.83
C THR A 81 8.07 0.63 -2.51
N VAL A 82 8.12 -0.63 -2.15
CA VAL A 82 8.80 -1.03 -0.89
C VAL A 82 9.95 -1.98 -1.23
N ILE A 83 11.11 -1.72 -0.70
CA ILE A 83 12.29 -2.57 -0.99
C ILE A 83 12.34 -3.75 -0.01
N LEU A 84 12.43 -4.95 -0.53
CA LEU A 84 12.49 -6.16 0.33
C LEU A 84 13.81 -6.90 0.06
N ASN A 85 14.87 -6.16 -0.09
CA ASN A 85 16.19 -6.79 -0.37
C ASN A 85 16.60 -7.68 0.82
N SER A 86 16.34 -7.22 2.02
CA SER A 86 16.73 -8.01 3.22
C SER A 86 15.70 -9.13 3.47
N GLN A 87 16.10 -10.15 4.17
CA GLN A 87 15.19 -11.28 4.47
C GLN A 87 14.23 -10.95 5.62
N PRO A 88 14.71 -10.30 6.66
CA PRO A 88 13.85 -9.95 7.83
C PRO A 88 12.64 -9.12 7.39
N GLU A 89 12.82 -8.25 6.44
CA GLU A 89 11.70 -7.41 5.95
C GLU A 89 10.68 -8.28 5.22
N TRP A 90 11.14 -9.24 4.47
CA TRP A 90 10.20 -10.13 3.73
C TRP A 90 9.31 -10.87 4.73
N ASP A 91 9.87 -11.32 5.81
CA ASP A 91 9.07 -12.07 6.82
C ASP A 91 7.95 -11.15 7.33
N ARG A 92 8.26 -9.93 7.62
CA ARG A 92 7.22 -8.98 8.13
C ARG A 92 6.27 -8.65 6.98
N PHE A 93 6.78 -8.50 5.79
CA PHE A 93 5.92 -8.18 4.63
C PHE A 93 4.92 -9.31 4.40
N MET A 94 5.39 -10.53 4.44
CA MET A 94 4.48 -11.69 4.23
C MET A 94 3.43 -11.73 5.34
N ARG A 95 3.86 -11.58 6.57
CA ARG A 95 2.89 -11.61 7.70
C ARG A 95 1.96 -10.39 7.60
N PHE A 96 2.51 -9.26 7.27
CA PHE A 96 1.67 -8.03 7.16
C PHE A 96 0.67 -8.20 6.02
N MET A 97 1.13 -8.67 4.89
CA MET A 97 0.23 -8.87 3.73
C MET A 97 -0.84 -9.91 4.08
N GLU A 98 -0.46 -10.94 4.78
CA GLU A 98 -1.43 -11.99 5.15
C GLU A 98 -2.46 -11.42 6.12
N ARG A 99 -2.02 -10.60 7.04
CA ARG A 99 -2.97 -10.00 8.02
C ARG A 99 -3.93 -9.05 7.30
N TYR A 100 -3.41 -8.28 6.37
CA TYR A 100 -4.27 -7.33 5.63
C TYR A 100 -5.35 -8.11 4.89
N GLY A 101 -4.98 -9.16 4.22
CA GLY A 101 -5.97 -9.97 3.46
C GLY A 101 -6.95 -10.64 4.44
N ALA A 102 -6.43 -11.16 5.52
CA ALA A 102 -7.32 -11.82 6.52
C ALA A 102 -8.29 -10.81 7.12
N GLU A 103 -7.78 -9.69 7.56
CA GLU A 103 -8.66 -8.64 8.16
C GLU A 103 -9.52 -8.01 7.08
N ASN A 104 -8.92 -7.72 5.94
CA ASN A 104 -9.68 -7.07 4.83
C ASN A 104 -9.90 -8.09 3.72
N GLY A 105 -11.14 -8.44 3.47
CA GLY A 105 -11.46 -9.42 2.39
C GLY A 105 -11.78 -8.67 1.09
N LEU A 106 -10.97 -7.69 0.76
CA LEU A 106 -11.18 -6.90 -0.47
C LEU A 106 -12.67 -6.53 -0.64
N GLY A 107 -13.00 -5.31 -0.27
CA GLY A 107 -14.41 -4.85 -0.40
C GLY A 107 -15.22 -5.34 0.81
N PHE A 108 -14.56 -5.97 1.73
CA PHE A 108 -15.27 -6.49 2.94
C PHE A 108 -15.67 -5.34 3.86
N SER A 109 -16.83 -5.41 4.44
CA SER A 109 -17.28 -4.33 5.35
C SER A 109 -16.59 -4.44 6.71
N LYS A 110 -16.07 -3.34 7.20
CA LYS A 110 -15.38 -3.35 8.52
C LYS A 110 -15.04 -1.92 8.91
N SER A 111 -16.04 -1.15 9.29
CA SER A 111 -15.80 0.27 9.69
C SER A 111 -14.91 0.99 8.68
N GLU A 112 -13.63 0.82 8.81
CA GLU A 112 -12.68 1.49 7.87
C GLU A 112 -13.05 1.16 6.43
N LEU A 113 -13.27 -0.09 6.14
CA LEU A 113 -13.63 -0.49 4.76
C LEU A 113 -15.01 0.05 4.38
N GLU A 114 -16.03 -0.76 4.57
CA GLU A 114 -17.42 -0.33 4.24
C GLU A 114 -17.43 0.42 2.91
N HIS A 115 -17.31 1.71 2.96
CA HIS A 115 -17.32 2.54 1.71
C HIS A 115 -18.42 2.05 0.77
N HIS A 116 -19.63 2.49 0.99
CA HIS A 116 -20.76 2.07 0.10
C HIS A 116 -21.85 3.14 0.09
N HIS A 117 -22.75 3.04 -0.84
CA HIS A 117 -23.86 4.04 -0.95
C HIS A 117 -24.90 3.81 0.15
N HIS A 118 -25.83 4.72 0.29
CA HIS A 118 -26.87 4.58 1.34
C HIS A 118 -27.81 3.41 1.03
N HIS A 119 -28.14 2.64 2.04
CA HIS A 119 -29.04 1.47 1.83
C HIS A 119 -30.51 1.92 1.89
N HIS A 120 -31.27 1.55 0.90
CA HIS A 120 -32.71 1.94 0.85
C HIS A 120 -33.44 1.35 2.06
N MET A 1 2.45 -2.88 8.25
CA MET A 1 1.93 -3.32 6.92
C MET A 1 0.51 -3.85 7.09
N ALA A 2 -0.06 -3.66 8.26
CA ALA A 2 -1.45 -4.13 8.51
C ALA A 2 -2.41 -2.94 8.40
N GLU A 3 -1.90 -1.74 8.50
CA GLU A 3 -2.78 -0.54 8.39
C GLU A 3 -2.02 0.58 7.69
N ILE A 4 -2.66 1.23 6.74
CA ILE A 4 -1.99 2.34 5.98
C ILE A 4 -2.64 3.67 6.34
N GLN A 5 -1.85 4.65 6.70
CA GLN A 5 -2.42 5.99 7.06
C GLN A 5 -1.52 7.08 6.49
N PHE A 6 -2.09 7.97 5.72
CA PHE A 6 -1.28 9.07 5.13
C PHE A 6 -1.19 10.23 6.13
N SER A 7 -1.85 10.10 7.25
CA SER A 7 -1.81 11.16 8.27
C SER A 7 -2.11 10.57 9.66
N LYS A 8 -1.53 9.43 9.95
CA LYS A 8 -1.75 8.76 11.28
C LYS A 8 -3.15 9.05 11.81
N GLY A 9 -4.14 8.97 10.96
CA GLY A 9 -5.54 9.25 11.40
C GLY A 9 -6.45 9.25 10.18
N VAL A 10 -6.08 8.53 9.14
CA VAL A 10 -6.93 8.48 7.90
C VAL A 10 -7.79 7.23 7.91
N ALA A 11 -9.06 7.39 7.62
CA ALA A 11 -9.99 6.22 7.62
C ALA A 11 -9.59 5.24 6.52
N GLU A 12 -9.70 3.96 6.78
CA GLU A 12 -9.34 2.93 5.77
C GLU A 12 -10.51 2.66 4.82
N THR A 13 -11.02 1.46 4.84
CA THR A 13 -12.16 1.10 3.94
C THR A 13 -11.74 1.34 2.49
N VAL A 14 -10.54 1.80 2.28
CA VAL A 14 -10.04 2.06 0.91
C VAL A 14 -9.87 0.74 0.14
N VAL A 15 -9.32 -0.25 0.79
CA VAL A 15 -9.10 -1.58 0.14
C VAL A 15 -8.16 -1.42 -1.06
N PRO A 16 -6.95 -0.97 -0.81
CA PRO A 16 -5.93 -0.77 -1.89
C PRO A 16 -5.44 -2.10 -2.47
N GLU A 17 -5.08 -2.10 -3.74
CA GLU A 17 -4.61 -3.36 -4.38
C GLU A 17 -3.12 -3.56 -4.10
N VAL A 18 -2.68 -4.80 -4.12
CA VAL A 18 -1.24 -5.11 -3.85
C VAL A 18 -0.58 -5.65 -5.11
N ARG A 19 0.57 -5.14 -5.45
CA ARG A 19 1.29 -5.61 -6.67
C ARG A 19 2.71 -5.99 -6.28
N LEU A 20 3.23 -7.06 -6.84
CA LEU A 20 4.61 -7.52 -6.51
C LEU A 20 5.52 -7.34 -7.72
N SER A 21 6.75 -6.96 -7.49
CA SER A 21 7.70 -6.76 -8.61
C SER A 21 9.11 -7.07 -8.14
N LYS A 22 9.96 -7.50 -9.04
CA LYS A 22 11.37 -7.83 -8.67
C LYS A 22 12.32 -6.83 -9.34
N SER A 23 13.25 -6.31 -8.60
CA SER A 23 14.21 -5.32 -9.15
C SER A 23 14.71 -5.76 -10.53
N LYS A 24 14.28 -5.09 -11.56
CA LYS A 24 14.71 -5.43 -12.94
C LYS A 24 16.22 -5.18 -13.07
N ASN A 25 16.70 -4.10 -12.51
CA ASN A 25 18.15 -3.79 -12.59
C ASN A 25 18.88 -4.43 -11.41
N GLY A 26 18.18 -5.21 -10.63
CA GLY A 26 18.81 -5.88 -9.47
C GLY A 26 18.87 -4.93 -8.27
N GLN A 27 18.04 -5.17 -7.29
CA GLN A 27 18.05 -4.29 -6.08
C GLN A 27 17.32 -5.02 -4.94
N SER A 28 17.34 -6.33 -4.95
CA SER A 28 16.67 -7.13 -3.88
C SER A 28 15.17 -7.21 -4.13
N GLY A 29 14.44 -7.76 -3.19
CA GLY A 29 12.97 -7.89 -3.34
C GLY A 29 12.31 -6.51 -3.39
N MET A 30 11.25 -6.38 -4.16
CA MET A 30 10.56 -5.07 -4.26
C MET A 30 9.04 -5.28 -4.33
N ALA A 31 8.28 -4.35 -3.83
CA ALA A 31 6.80 -4.48 -3.86
C ALA A 31 6.18 -3.11 -4.12
N LYS A 32 5.06 -3.08 -4.81
CA LYS A 32 4.38 -1.78 -5.13
C LYS A 32 2.94 -1.82 -4.64
N PHE A 33 2.47 -0.71 -4.10
CA PHE A 33 1.06 -0.63 -3.61
C PHE A 33 0.28 0.31 -4.51
N TYR A 34 -0.75 -0.19 -5.15
CA TYR A 34 -1.56 0.67 -6.06
C TYR A 34 -2.77 1.21 -5.30
N PHE A 35 -2.93 2.51 -5.27
CA PHE A 35 -4.09 3.11 -4.54
C PHE A 35 -5.08 3.70 -5.54
N LEU A 36 -6.32 3.30 -5.46
CA LEU A 36 -7.36 3.84 -6.40
C LEU A 36 -8.29 4.77 -5.63
N GLU A 37 -8.38 6.00 -6.06
CA GLU A 37 -9.27 6.99 -5.38
C GLU A 37 -9.14 6.86 -3.86
N PRO A 38 -7.95 6.96 -3.34
CA PRO A 38 -7.68 6.86 -1.87
C PRO A 38 -8.28 8.03 -1.08
N THR A 39 -8.62 7.80 0.17
CA THR A 39 -9.21 8.87 1.00
C THR A 39 -8.09 9.72 1.62
N ILE A 40 -7.69 10.76 0.94
CA ILE A 40 -6.62 11.65 1.46
C ILE A 40 -6.47 12.85 0.54
N LEU A 41 -6.81 12.69 -0.72
CA LEU A 41 -6.71 13.83 -1.68
C LEU A 41 -7.68 14.94 -1.25
N ALA A 42 -8.85 14.57 -0.82
CA ALA A 42 -9.83 15.60 -0.37
C ALA A 42 -9.27 16.33 0.83
N LYS A 43 -8.54 15.64 1.67
CA LYS A 43 -7.96 16.28 2.88
C LYS A 43 -6.58 16.83 2.52
N GLU A 44 -5.62 15.97 2.28
CA GLU A 44 -4.23 16.43 1.94
C GLU A 44 -3.93 16.10 0.48
N SER A 45 -3.37 17.04 -0.24
CA SER A 45 -3.04 16.82 -1.67
C SER A 45 -1.97 15.74 -1.82
N THR A 46 -1.88 15.15 -2.98
CA THR A 46 -0.86 14.09 -3.22
C THR A 46 0.54 14.68 -3.14
N ASP A 47 0.69 15.91 -3.56
CA ASP A 47 2.04 16.56 -3.52
C ASP A 47 2.42 16.82 -2.05
N ASP A 48 1.46 16.84 -1.17
CA ASP A 48 1.76 17.09 0.26
C ASP A 48 2.23 15.80 0.93
N ILE A 49 2.19 14.70 0.23
CA ILE A 49 2.63 13.40 0.82
C ILE A 49 4.05 13.08 0.39
N THR A 50 4.96 13.01 1.34
CA THR A 50 6.39 12.70 1.01
C THR A 50 6.67 11.24 1.36
N GLY A 51 5.73 10.58 1.98
CA GLY A 51 5.95 9.15 2.35
C GLY A 51 4.66 8.53 2.87
N MET A 52 4.72 7.27 3.24
CA MET A 52 3.50 6.56 3.77
C MET A 52 3.86 5.89 5.09
N TYR A 53 2.92 5.83 6.01
CA TYR A 53 3.19 5.20 7.34
C TYR A 53 2.45 3.87 7.46
N LEU A 54 3.17 2.80 7.69
CA LEU A 54 2.54 1.46 7.84
C LEU A 54 2.38 1.14 9.33
N ILE A 55 1.17 1.14 9.83
CA ILE A 55 0.94 0.85 11.28
C ILE A 55 0.36 -0.55 11.45
N ASP A 56 0.42 -1.08 12.64
CA ASP A 56 -0.12 -2.43 12.90
C ASP A 56 -0.33 -2.63 14.40
N ASP A 57 -0.78 -3.77 14.81
CA ASP A 57 -1.00 -4.03 16.25
C ASP A 57 0.35 -4.14 16.95
N GLU A 58 1.41 -4.31 16.20
CA GLU A 58 2.76 -4.41 16.81
C GLU A 58 3.82 -4.33 15.71
N GLY A 59 4.37 -3.18 15.51
CA GLY A 59 5.44 -3.00 14.46
C GLY A 59 4.95 -2.03 13.39
N GLU A 60 5.85 -1.25 12.83
CA GLU A 60 5.46 -0.28 11.78
C GLU A 60 6.64 -0.02 10.86
N ILE A 61 6.39 0.17 9.59
CA ILE A 61 7.49 0.44 8.60
C ILE A 61 7.18 1.76 7.88
N ILE A 62 8.15 2.63 7.79
CA ILE A 62 7.94 3.94 7.11
C ILE A 62 8.56 3.90 5.72
N THR A 63 7.82 4.33 4.72
CA THR A 63 8.34 4.33 3.32
C THR A 63 8.34 5.75 2.78
N ARG A 64 9.47 6.23 2.35
CA ARG A 64 9.57 7.60 1.79
C ARG A 64 9.51 7.50 0.27
N GLU A 65 9.43 6.30 -0.24
CA GLU A 65 9.35 6.11 -1.71
C GLU A 65 7.88 6.13 -2.14
N VAL A 66 7.28 7.29 -2.11
CA VAL A 66 5.83 7.41 -2.50
C VAL A 66 5.70 8.39 -3.66
N LYS A 67 4.96 8.02 -4.67
CA LYS A 67 4.77 8.92 -5.86
C LYS A 67 3.28 9.05 -6.16
N GLY A 68 2.86 10.21 -6.59
CA GLY A 68 1.41 10.42 -6.90
C GLY A 68 1.15 10.08 -8.37
N LYS A 69 0.05 9.41 -8.64
CA LYS A 69 -0.29 9.04 -10.04
C LYS A 69 -1.45 9.93 -10.51
N PHE A 70 -1.29 10.56 -11.64
CA PHE A 70 -2.34 11.46 -12.17
C PHE A 70 -3.11 10.75 -13.30
N ILE A 71 -4.39 10.63 -13.14
CA ILE A 71 -5.23 9.96 -14.18
C ILE A 71 -6.23 10.97 -14.76
N ASN A 72 -6.43 10.91 -16.05
CA ASN A 72 -7.39 11.85 -16.72
C ASN A 72 -6.93 13.30 -16.48
N GLY A 73 -5.65 13.51 -16.39
CA GLY A 73 -5.13 14.89 -16.19
C GLY A 73 -5.50 15.40 -14.79
N ARG A 74 -5.73 14.50 -13.86
CA ARG A 74 -6.10 14.94 -12.49
C ARG A 74 -5.64 13.89 -11.47
N PRO A 75 -5.27 14.30 -10.28
CA PRO A 75 -4.81 13.36 -9.21
C PRO A 75 -5.95 12.47 -8.73
N THR A 76 -5.93 11.21 -9.10
CA THR A 76 -7.03 10.28 -8.69
C THR A 76 -6.43 8.99 -8.12
N ALA A 77 -5.15 8.79 -8.25
CA ALA A 77 -4.54 7.54 -7.72
C ALA A 77 -3.12 7.80 -7.23
N ILE A 78 -2.66 7.01 -6.30
CA ILE A 78 -1.28 7.17 -5.74
C ILE A 78 -0.58 5.81 -5.76
N GLU A 79 0.73 5.81 -5.70
CA GLU A 79 1.48 4.52 -5.72
C GLU A 79 2.67 4.60 -4.76
N ALA A 80 3.04 3.49 -4.19
CA ALA A 80 4.20 3.49 -3.23
C ALA A 80 5.02 2.23 -3.46
N THR A 81 6.32 2.34 -3.36
CA THR A 81 7.22 1.16 -3.57
C THR A 81 8.03 0.89 -2.32
N VAL A 82 8.08 -0.35 -1.89
CA VAL A 82 8.86 -0.71 -0.66
C VAL A 82 10.05 -1.58 -1.06
N ILE A 83 11.23 -1.25 -0.56
CA ILE A 83 12.44 -2.03 -0.92
C ILE A 83 12.71 -3.10 0.14
N LEU A 84 12.76 -4.34 -0.26
CA LEU A 84 13.03 -5.45 0.70
C LEU A 84 14.49 -5.86 0.58
N ASN A 85 15.38 -5.10 1.18
CA ASN A 85 16.83 -5.43 1.10
C ASN A 85 17.22 -6.40 2.21
N SER A 86 16.31 -6.71 3.10
CA SER A 86 16.62 -7.66 4.22
C SER A 86 15.75 -8.91 4.08
N GLN A 87 16.36 -10.06 4.23
CA GLN A 87 15.63 -11.35 4.12
C GLN A 87 14.48 -11.42 5.16
N PRO A 88 14.78 -11.34 6.43
CA PRO A 88 13.73 -11.41 7.49
C PRO A 88 12.57 -10.45 7.20
N GLU A 89 12.80 -9.45 6.41
CA GLU A 89 11.73 -8.48 6.09
C GLU A 89 10.62 -9.17 5.29
N TRP A 90 10.99 -10.06 4.40
CA TRP A 90 9.97 -10.77 3.59
C TRP A 90 9.01 -11.53 4.50
N ASP A 91 9.50 -12.09 5.57
CA ASP A 91 8.62 -12.85 6.49
C ASP A 91 7.55 -11.91 7.04
N ARG A 92 7.94 -10.73 7.44
CA ARG A 92 6.96 -9.76 7.99
C ARG A 92 6.00 -9.30 6.89
N PHE A 93 6.51 -9.08 5.71
CA PHE A 93 5.63 -8.62 4.60
C PHE A 93 4.57 -9.68 4.31
N MET A 94 4.98 -10.91 4.17
CA MET A 94 4.00 -11.99 3.88
C MET A 94 3.12 -12.22 5.11
N ARG A 95 3.71 -12.20 6.28
CA ARG A 95 2.92 -12.43 7.52
C ARG A 95 1.88 -11.31 7.69
N PHE A 96 2.31 -10.08 7.56
CA PHE A 96 1.36 -8.94 7.71
C PHE A 96 0.36 -8.97 6.55
N MET A 97 0.84 -9.25 5.37
CA MET A 97 -0.07 -9.30 4.19
C MET A 97 -1.05 -10.45 4.36
N GLU A 98 -0.63 -11.52 4.97
CA GLU A 98 -1.55 -12.68 5.16
C GLU A 98 -2.75 -12.27 6.00
N ARG A 99 -2.52 -11.74 7.17
CA ARG A 99 -3.66 -11.33 8.04
C ARG A 99 -4.44 -10.18 7.38
N TYR A 100 -3.75 -9.19 6.90
CA TYR A 100 -4.43 -8.04 6.25
C TYR A 100 -5.17 -8.53 5.01
N GLY A 101 -4.53 -9.34 4.23
CA GLY A 101 -5.17 -9.87 2.98
C GLY A 101 -6.38 -10.72 3.35
N ALA A 102 -6.31 -11.42 4.44
CA ALA A 102 -7.45 -12.30 4.85
C ALA A 102 -8.69 -11.43 5.08
N GLU A 103 -8.52 -10.30 5.71
CA GLU A 103 -9.70 -9.42 5.97
C GLU A 103 -10.16 -8.79 4.66
N ASN A 104 -9.30 -8.10 3.96
CA ASN A 104 -9.69 -7.46 2.68
C ASN A 104 -8.45 -7.17 1.83
N GLY A 105 -8.48 -6.12 1.05
CA GLY A 105 -7.32 -5.76 0.21
C GLY A 105 -7.24 -6.67 -1.01
N LEU A 106 -6.09 -6.73 -1.60
CA LEU A 106 -5.88 -7.59 -2.79
C LEU A 106 -6.88 -7.25 -3.88
N GLY A 107 -7.97 -7.96 -3.94
CA GLY A 107 -9.00 -7.70 -4.99
C GLY A 107 -8.71 -8.59 -6.19
N PHE A 108 -7.66 -9.36 -6.13
CA PHE A 108 -7.30 -10.27 -7.26
C PHE A 108 -7.81 -11.68 -6.98
N SER A 109 -8.21 -12.40 -8.00
CA SER A 109 -8.73 -13.79 -7.83
C SER A 109 -7.64 -14.80 -8.24
N LYS A 110 -6.54 -14.32 -8.75
CA LYS A 110 -5.45 -15.25 -9.17
C LYS A 110 -4.23 -14.43 -9.60
N SER A 111 -4.45 -13.25 -10.12
CA SER A 111 -3.32 -12.39 -10.58
C SER A 111 -2.22 -12.39 -9.52
N GLU A 112 -0.98 -12.50 -9.95
CA GLU A 112 0.18 -12.51 -9.00
C GLU A 112 0.02 -13.68 -8.02
N LEU A 113 -0.95 -13.62 -7.15
CA LEU A 113 -1.14 -14.73 -6.16
C LEU A 113 -2.03 -15.81 -6.78
N GLU A 114 -1.50 -16.99 -6.96
CA GLU A 114 -2.28 -18.12 -7.54
C GLU A 114 -1.47 -19.41 -7.38
N HIS A 115 -0.18 -19.28 -7.23
CA HIS A 115 0.70 -20.48 -7.05
C HIS A 115 0.27 -21.59 -8.00
N HIS A 116 -0.18 -22.70 -7.46
CA HIS A 116 -0.63 -23.84 -8.31
C HIS A 116 -1.60 -24.71 -7.51
N HIS A 117 -1.22 -25.07 -6.32
CA HIS A 117 -2.11 -25.92 -5.46
C HIS A 117 -1.98 -25.47 -4.00
N HIS A 118 -2.18 -24.21 -3.76
CA HIS A 118 -2.09 -23.68 -2.37
C HIS A 118 -3.33 -24.12 -1.58
N HIS A 119 -4.42 -24.35 -2.25
CA HIS A 119 -5.68 -24.74 -1.56
C HIS A 119 -5.52 -26.14 -0.95
N HIS A 120 -5.89 -26.29 0.29
CA HIS A 120 -5.78 -27.62 0.98
C HIS A 120 -6.98 -28.49 0.60
N MET A 1 -4.46 -6.11 12.64
CA MET A 1 -4.62 -4.63 12.65
C MET A 1 -3.98 -4.07 11.38
N ALA A 2 -3.65 -4.94 10.47
CA ALA A 2 -3.02 -4.51 9.19
C ALA A 2 -3.77 -3.30 8.62
N GLU A 3 -3.12 -2.17 8.54
CA GLU A 3 -3.79 -0.95 8.01
C GLU A 3 -2.75 -0.01 7.41
N ILE A 4 -3.15 0.74 6.42
CA ILE A 4 -2.22 1.69 5.74
C ILE A 4 -2.63 3.13 6.06
N GLN A 5 -1.69 3.93 6.47
CA GLN A 5 -1.98 5.35 6.81
C GLN A 5 -0.99 6.27 6.10
N PHE A 6 -1.49 7.26 5.41
CA PHE A 6 -0.61 8.21 4.69
C PHE A 6 -0.20 9.35 5.63
N SER A 7 -0.77 9.36 6.81
CA SER A 7 -0.43 10.45 7.78
C SER A 7 -0.73 9.98 9.21
N LYS A 8 -0.69 10.90 10.14
CA LYS A 8 -0.96 10.55 11.56
C LYS A 8 -2.46 10.31 11.81
N GLY A 9 -2.77 9.24 12.49
CA GLY A 9 -4.19 8.92 12.80
C GLY A 9 -5.07 9.15 11.58
N VAL A 10 -4.94 8.32 10.58
CA VAL A 10 -5.78 8.47 9.34
C VAL A 10 -6.83 7.35 9.33
N ALA A 11 -6.40 6.14 9.56
CA ALA A 11 -7.35 4.99 9.56
C ALA A 11 -8.03 4.90 8.20
N GLU A 12 -7.36 4.29 7.26
CA GLU A 12 -7.93 4.15 5.88
C GLU A 12 -8.85 2.95 5.81
N THR A 13 -10.07 3.17 5.40
CA THR A 13 -11.05 2.04 5.28
C THR A 13 -11.07 1.56 3.83
N VAL A 14 -10.52 2.34 2.93
CA VAL A 14 -10.51 1.93 1.49
C VAL A 14 -9.85 0.56 1.34
N VAL A 15 -10.12 -0.11 0.24
CA VAL A 15 -9.53 -1.46 -0.01
C VAL A 15 -8.54 -1.37 -1.19
N PRO A 16 -7.33 -0.94 -0.93
CA PRO A 16 -6.29 -0.80 -1.99
C PRO A 16 -5.76 -2.16 -2.48
N GLU A 17 -5.38 -2.24 -3.73
CA GLU A 17 -4.86 -3.51 -4.28
C GLU A 17 -3.38 -3.66 -3.97
N VAL A 18 -2.90 -4.87 -3.93
CA VAL A 18 -1.46 -5.12 -3.61
C VAL A 18 -0.78 -5.79 -4.81
N ARG A 19 0.34 -5.25 -5.23
CA ARG A 19 1.09 -5.83 -6.39
C ARG A 19 2.55 -6.03 -5.98
N LEU A 20 3.12 -7.14 -6.35
CA LEU A 20 4.55 -7.42 -6.00
C LEU A 20 5.44 -7.14 -7.23
N SER A 21 6.49 -6.41 -7.03
CA SER A 21 7.42 -6.07 -8.15
C SER A 21 8.73 -6.85 -8.00
N LYS A 22 9.35 -7.19 -9.10
CA LYS A 22 10.63 -7.95 -9.05
C LYS A 22 11.64 -7.34 -10.00
N SER A 23 12.88 -7.29 -9.61
CA SER A 23 13.95 -6.71 -10.48
C SER A 23 14.23 -7.66 -11.65
N LYS A 24 13.34 -8.60 -11.88
CA LYS A 24 13.49 -9.57 -12.99
C LYS A 24 14.73 -10.45 -12.78
N ASN A 25 14.53 -11.58 -12.15
CA ASN A 25 15.67 -12.52 -11.89
C ASN A 25 16.78 -11.77 -11.16
N GLY A 26 16.53 -10.56 -10.78
CA GLY A 26 17.55 -9.74 -10.05
C GLY A 26 17.52 -10.07 -8.56
N GLN A 27 18.53 -9.68 -7.85
CA GLN A 27 18.59 -9.95 -6.38
C GLN A 27 18.16 -8.71 -5.60
N SER A 28 16.88 -8.40 -5.60
CA SER A 28 16.40 -7.20 -4.85
C SER A 28 14.88 -7.30 -4.68
N GLY A 29 14.45 -7.70 -3.52
CA GLY A 29 12.99 -7.82 -3.25
C GLY A 29 12.32 -6.45 -3.24
N MET A 30 11.12 -6.38 -3.74
CA MET A 30 10.41 -5.07 -3.76
C MET A 30 8.92 -5.30 -4.04
N ALA A 31 8.10 -4.41 -3.57
CA ALA A 31 6.63 -4.56 -3.79
C ALA A 31 6.00 -3.19 -4.03
N LYS A 32 4.90 -3.17 -4.74
CA LYS A 32 4.22 -1.87 -5.04
C LYS A 32 2.78 -1.93 -4.55
N PHE A 33 2.25 -0.80 -4.13
CA PHE A 33 0.84 -0.75 -3.62
C PHE A 33 0.04 0.23 -4.48
N TYR A 34 -1.17 -0.16 -4.83
CA TYR A 34 -2.02 0.72 -5.67
C TYR A 34 -3.23 1.18 -4.86
N PHE A 35 -3.40 2.47 -4.73
CA PHE A 35 -4.56 3.01 -3.94
C PHE A 35 -5.52 3.69 -4.91
N LEU A 36 -6.71 3.15 -5.05
CA LEU A 36 -7.69 3.76 -5.99
C LEU A 36 -8.64 4.69 -5.22
N GLU A 37 -8.66 5.93 -5.60
CA GLU A 37 -9.55 6.93 -4.94
C GLU A 37 -9.43 6.84 -3.41
N PRO A 38 -8.24 7.07 -2.91
CA PRO A 38 -7.99 7.04 -1.43
C PRO A 38 -8.67 8.25 -0.75
N THR A 39 -9.35 9.05 -1.54
CA THR A 39 -10.07 10.24 -0.99
C THR A 39 -9.09 11.13 -0.21
N ILE A 40 -7.83 10.78 -0.22
CA ILE A 40 -6.83 11.61 0.53
C ILE A 40 -6.59 12.92 -0.22
N LEU A 41 -7.21 13.10 -1.34
CA LEU A 41 -7.03 14.36 -2.13
C LEU A 41 -7.97 15.43 -1.58
N ALA A 42 -8.87 15.05 -0.72
CA ALA A 42 -9.82 16.04 -0.13
C ALA A 42 -9.25 16.57 1.19
N LYS A 43 -8.32 15.87 1.76
CA LYS A 43 -7.70 16.33 3.05
C LYS A 43 -6.32 16.91 2.76
N GLU A 44 -5.53 16.21 1.99
CA GLU A 44 -4.15 16.69 1.67
C GLU A 44 -3.83 16.44 0.20
N SER A 45 -2.96 17.25 -0.35
CA SER A 45 -2.59 17.09 -1.78
C SER A 45 -1.55 15.98 -1.94
N THR A 46 -1.32 15.55 -3.15
CA THR A 46 -0.32 14.48 -3.40
C THR A 46 1.07 14.98 -2.99
N ASP A 47 1.36 16.21 -3.27
CA ASP A 47 2.70 16.78 -2.91
C ASP A 47 2.78 16.96 -1.38
N ASP A 48 1.65 17.03 -0.74
CA ASP A 48 1.65 17.23 0.75
C ASP A 48 1.88 15.88 1.44
N ILE A 49 1.94 14.81 0.70
CA ILE A 49 2.16 13.48 1.33
C ILE A 49 3.66 13.15 1.33
N THR A 50 4.19 12.88 2.50
CA THR A 50 5.64 12.56 2.64
C THR A 50 5.79 11.13 3.14
N GLY A 51 5.88 10.20 2.23
CA GLY A 51 6.05 8.77 2.61
C GLY A 51 4.73 8.18 3.10
N MET A 52 4.72 6.90 3.38
CA MET A 52 3.48 6.23 3.86
C MET A 52 3.79 5.46 5.13
N TYR A 53 2.82 5.33 6.00
CA TYR A 53 3.04 4.60 7.29
C TYR A 53 2.34 3.24 7.23
N LEU A 54 3.11 2.19 7.15
CA LEU A 54 2.55 0.82 7.10
C LEU A 54 2.63 0.18 8.47
N ILE A 55 1.51 -0.10 9.06
CA ILE A 55 1.49 -0.73 10.43
C ILE A 55 0.85 -2.11 10.35
N ASP A 56 1.55 -3.11 10.80
CA ASP A 56 1.02 -4.51 10.77
C ASP A 56 0.55 -4.94 12.16
N ASP A 57 0.31 -6.21 12.33
CA ASP A 57 -0.15 -6.73 13.65
C ASP A 57 1.05 -6.84 14.60
N GLU A 58 2.23 -6.58 14.10
CA GLU A 58 3.46 -6.66 14.97
C GLU A 58 4.00 -5.26 15.24
N GLY A 59 4.94 -4.82 14.43
CA GLY A 59 5.54 -3.47 14.63
C GLY A 59 5.03 -2.49 13.57
N GLU A 60 5.87 -1.55 13.19
CA GLU A 60 5.47 -0.54 12.17
C GLU A 60 6.61 -0.32 11.18
N ILE A 61 6.28 0.12 10.00
CA ILE A 61 7.33 0.35 8.95
C ILE A 61 7.10 1.73 8.30
N ILE A 62 8.16 2.45 8.07
CA ILE A 62 8.04 3.80 7.43
C ILE A 62 8.60 3.74 6.02
N THR A 63 7.84 4.21 5.06
CA THR A 63 8.31 4.19 3.65
C THR A 63 8.36 5.62 3.10
N ARG A 64 9.51 6.03 2.62
CA ARG A 64 9.66 7.39 2.06
C ARG A 64 9.55 7.32 0.54
N GLU A 65 9.60 6.14 -0.01
CA GLU A 65 9.50 5.99 -1.50
C GLU A 65 8.03 5.95 -1.89
N VAL A 66 7.40 7.09 -1.96
CA VAL A 66 5.96 7.15 -2.33
C VAL A 66 5.78 8.08 -3.53
N LYS A 67 5.03 7.63 -4.51
CA LYS A 67 4.80 8.47 -5.74
C LYS A 67 3.31 8.55 -6.04
N GLY A 68 2.88 9.70 -6.50
CA GLY A 68 1.44 9.91 -6.80
C GLY A 68 1.17 9.66 -8.29
N LYS A 69 0.06 9.04 -8.59
CA LYS A 69 -0.30 8.75 -10.01
C LYS A 69 -1.34 9.77 -10.48
N PHE A 70 -1.01 10.50 -11.52
CA PHE A 70 -1.94 11.53 -12.05
C PHE A 70 -2.59 11.04 -13.34
N ILE A 71 -3.89 10.93 -13.33
CA ILE A 71 -4.65 10.46 -14.52
C ILE A 71 -5.53 11.60 -15.05
N ASN A 72 -5.59 11.74 -16.35
CA ASN A 72 -6.41 12.82 -16.98
C ASN A 72 -5.93 14.20 -16.52
N GLY A 73 -4.65 14.33 -16.29
CA GLY A 73 -4.11 15.64 -15.84
C GLY A 73 -4.63 15.98 -14.46
N ARG A 74 -4.95 14.98 -13.68
CA ARG A 74 -5.46 15.25 -12.31
C ARG A 74 -5.18 14.03 -11.41
N PRO A 75 -4.95 14.25 -10.14
CA PRO A 75 -4.66 13.14 -9.17
C PRO A 75 -5.89 12.26 -8.94
N THR A 76 -5.82 11.02 -9.35
CA THR A 76 -6.95 10.07 -9.17
C THR A 76 -6.45 8.81 -8.47
N ALA A 77 -5.15 8.60 -8.44
CA ALA A 77 -4.63 7.38 -7.76
C ALA A 77 -3.23 7.64 -7.21
N ILE A 78 -2.82 6.86 -6.25
CA ILE A 78 -1.46 7.02 -5.64
C ILE A 78 -0.74 5.68 -5.63
N GLU A 79 0.57 5.71 -5.75
CA GLU A 79 1.35 4.44 -5.78
C GLU A 79 2.50 4.54 -4.78
N ALA A 80 2.87 3.41 -4.20
CA ALA A 80 3.99 3.41 -3.20
C ALA A 80 4.85 2.17 -3.43
N THR A 81 6.13 2.30 -3.21
CA THR A 81 7.07 1.15 -3.41
C THR A 81 7.79 0.83 -2.11
N VAL A 82 7.83 -0.42 -1.74
CA VAL A 82 8.51 -0.85 -0.48
C VAL A 82 9.67 -1.78 -0.84
N ILE A 83 10.83 -1.49 -0.32
CA ILE A 83 12.02 -2.34 -0.61
C ILE A 83 12.02 -3.57 0.29
N LEU A 84 12.13 -4.73 -0.30
CA LEU A 84 12.14 -6.00 0.47
C LEU A 84 13.46 -6.72 0.17
N ASN A 85 14.51 -5.98 -0.04
CA ASN A 85 15.84 -6.60 -0.33
C ASN A 85 16.29 -7.43 0.87
N SER A 86 16.06 -6.94 2.05
CA SER A 86 16.49 -7.69 3.27
C SER A 86 15.61 -8.94 3.45
N GLN A 87 16.19 -10.00 3.96
CA GLN A 87 15.42 -11.25 4.17
C GLN A 87 14.42 -11.10 5.33
N PRO A 88 14.87 -10.58 6.44
CA PRO A 88 14.00 -10.38 7.64
C PRO A 88 12.74 -9.57 7.30
N GLU A 89 12.87 -8.64 6.39
CA GLU A 89 11.71 -7.79 5.99
C GLU A 89 10.64 -8.65 5.31
N TRP A 90 11.05 -9.61 4.53
CA TRP A 90 10.06 -10.48 3.83
C TRP A 90 9.19 -11.22 4.85
N ASP A 91 9.79 -11.67 5.92
CA ASP A 91 9.00 -12.41 6.95
C ASP A 91 7.93 -11.49 7.53
N ARG A 92 8.32 -10.32 7.95
CA ARG A 92 7.33 -9.36 8.52
C ARG A 92 6.38 -8.87 7.42
N PHE A 93 6.93 -8.58 6.27
CA PHE A 93 6.08 -8.11 5.13
C PHE A 93 5.08 -9.20 4.74
N MET A 94 5.54 -10.42 4.68
CA MET A 94 4.63 -11.55 4.31
C MET A 94 3.47 -11.61 5.30
N ARG A 95 3.75 -11.45 6.56
CA ARG A 95 2.68 -11.48 7.59
C ARG A 95 1.72 -10.31 7.39
N PHE A 96 2.26 -9.16 7.07
CA PHE A 96 1.38 -7.98 6.84
C PHE A 96 0.45 -8.25 5.66
N MET A 97 0.99 -8.73 4.58
CA MET A 97 0.15 -9.03 3.39
C MET A 97 -0.78 -10.21 3.69
N GLU A 98 -0.28 -11.18 4.41
CA GLU A 98 -1.12 -12.37 4.73
C GLU A 98 -2.30 -11.94 5.62
N ARG A 99 -2.03 -11.18 6.64
CA ARG A 99 -3.11 -10.72 7.54
C ARG A 99 -4.04 -9.76 6.79
N TYR A 100 -3.46 -8.88 6.03
CA TYR A 100 -4.28 -7.90 5.25
C TYR A 100 -5.20 -8.66 4.29
N GLY A 101 -4.64 -9.61 3.59
CA GLY A 101 -5.45 -10.42 2.63
C GLY A 101 -6.52 -11.22 3.38
N ALA A 102 -6.21 -11.60 4.59
CA ALA A 102 -7.19 -12.39 5.39
C ALA A 102 -8.44 -11.55 5.69
N GLU A 103 -8.25 -10.30 5.97
CA GLU A 103 -9.41 -9.40 6.26
C GLU A 103 -9.93 -8.79 4.96
N ASN A 104 -9.13 -8.82 3.91
CA ASN A 104 -9.55 -8.23 2.61
C ASN A 104 -9.95 -9.34 1.64
N GLY A 105 -10.92 -9.08 0.82
CA GLY A 105 -11.39 -10.10 -0.18
C GLY A 105 -10.42 -10.16 -1.36
N LEU A 106 -9.32 -9.47 -1.25
CA LEU A 106 -8.31 -9.46 -2.34
C LEU A 106 -8.94 -9.01 -3.67
N GLY A 107 -8.12 -8.68 -4.62
CA GLY A 107 -8.64 -8.23 -5.93
C GLY A 107 -7.47 -7.80 -6.82
N PHE A 108 -7.42 -8.31 -8.02
CA PHE A 108 -6.32 -7.94 -8.97
C PHE A 108 -4.98 -7.89 -8.22
N SER A 109 -4.91 -8.54 -7.10
CA SER A 109 -3.64 -8.55 -6.31
C SER A 109 -2.53 -9.17 -7.15
N LYS A 110 -2.48 -10.47 -7.20
CA LYS A 110 -1.42 -11.15 -7.98
C LYS A 110 -1.91 -12.52 -8.46
N SER A 111 -2.36 -13.35 -7.55
CA SER A 111 -2.85 -14.71 -7.92
C SER A 111 -4.07 -14.56 -8.83
N GLU A 112 -4.82 -13.52 -8.66
CA GLU A 112 -6.02 -13.30 -9.51
C GLU A 112 -5.66 -12.37 -10.67
N LEU A 113 -4.68 -11.54 -10.47
CA LEU A 113 -4.27 -10.61 -11.56
C LEU A 113 -3.69 -11.41 -12.75
N GLU A 114 -2.88 -12.39 -12.46
CA GLU A 114 -2.27 -13.21 -13.55
C GLU A 114 -3.24 -14.32 -13.97
N HIS A 115 -4.44 -14.30 -13.44
CA HIS A 115 -5.44 -15.36 -13.80
C HIS A 115 -6.79 -14.72 -14.11
N HIS A 116 -7.58 -15.38 -14.92
CA HIS A 116 -8.93 -14.84 -15.30
C HIS A 116 -10.03 -15.64 -14.60
N HIS A 117 -10.86 -14.97 -13.85
CA HIS A 117 -11.98 -15.66 -13.15
C HIS A 117 -12.98 -16.20 -14.17
N HIS A 118 -13.28 -15.42 -15.19
CA HIS A 118 -14.26 -15.86 -16.22
C HIS A 118 -13.53 -16.62 -17.34
N HIS A 119 -13.99 -17.80 -17.64
CA HIS A 119 -13.35 -18.61 -18.72
C HIS A 119 -13.71 -18.04 -20.09
N HIS A 120 -13.31 -16.82 -20.35
CA HIS A 120 -13.61 -16.18 -21.65
C HIS A 120 -15.12 -16.22 -21.94
N MET A 1 -6.56 -4.67 13.62
CA MET A 1 -6.74 -5.05 12.20
C MET A 1 -5.68 -4.35 11.34
N ALA A 2 -5.21 -5.01 10.32
CA ALA A 2 -4.17 -4.40 9.45
C ALA A 2 -4.76 -3.22 8.66
N GLU A 3 -4.00 -2.16 8.54
CA GLU A 3 -4.50 -0.97 7.79
C GLU A 3 -3.32 -0.15 7.26
N ILE A 4 -3.43 0.33 6.05
CA ILE A 4 -2.33 1.13 5.44
C ILE A 4 -2.81 2.57 5.25
N GLN A 5 -2.02 3.51 5.69
CA GLN A 5 -2.41 4.94 5.54
C GLN A 5 -1.16 5.80 5.38
N PHE A 6 -1.26 6.84 4.60
CA PHE A 6 -0.10 7.76 4.39
C PHE A 6 0.29 8.41 5.71
N SER A 7 -0.68 8.89 6.44
CA SER A 7 -0.41 9.56 7.75
C SER A 7 -0.79 8.64 8.91
N LYS A 8 -0.22 8.89 10.05
CA LYS A 8 -0.52 8.04 11.24
C LYS A 8 -1.96 8.26 11.71
N GLY A 9 -2.65 7.18 11.96
CA GLY A 9 -4.07 7.29 12.43
C GLY A 9 -4.83 8.32 11.60
N VAL A 10 -5.39 7.89 10.50
CA VAL A 10 -6.17 8.81 9.62
C VAL A 10 -7.67 8.58 9.85
N ALA A 11 -8.19 7.53 9.28
CA ALA A 11 -9.65 7.23 9.45
C ALA A 11 -10.00 5.93 8.72
N GLU A 12 -10.54 6.04 7.54
CA GLU A 12 -10.95 4.82 6.76
C GLU A 12 -9.75 3.87 6.60
N THR A 13 -10.03 2.59 6.66
CA THR A 13 -8.94 1.57 6.51
C THR A 13 -8.53 1.45 5.04
N VAL A 14 -9.36 1.93 4.14
CA VAL A 14 -9.04 1.86 2.69
C VAL A 14 -8.75 0.41 2.26
N VAL A 15 -8.88 0.12 1.00
CA VAL A 15 -8.63 -1.27 0.50
C VAL A 15 -7.86 -1.23 -0.82
N PRO A 16 -6.58 -0.92 -0.75
CA PRO A 16 -5.71 -0.84 -1.96
C PRO A 16 -5.27 -2.22 -2.47
N GLU A 17 -5.10 -2.35 -3.76
CA GLU A 17 -4.69 -3.66 -4.33
C GLU A 17 -3.21 -3.92 -4.05
N VAL A 18 -2.80 -5.16 -4.16
CA VAL A 18 -1.37 -5.52 -3.90
C VAL A 18 -0.72 -5.99 -5.20
N ARG A 19 0.43 -5.45 -5.50
CA ARG A 19 1.16 -5.84 -6.75
C ARG A 19 2.60 -6.24 -6.42
N LEU A 20 3.09 -7.26 -7.06
CA LEU A 20 4.49 -7.73 -6.80
C LEU A 20 5.42 -7.16 -7.86
N SER A 21 6.55 -6.66 -7.43
CA SER A 21 7.54 -6.07 -8.38
C SER A 21 8.95 -6.58 -8.05
N LYS A 22 9.74 -6.82 -9.06
CA LYS A 22 11.13 -7.33 -8.83
C LYS A 22 12.15 -6.20 -8.95
N SER A 23 13.29 -6.40 -8.39
CA SER A 23 14.36 -5.36 -8.43
C SER A 23 14.86 -5.17 -9.86
N LYS A 24 15.57 -4.11 -10.10
CA LYS A 24 16.11 -3.85 -11.47
C LYS A 24 17.06 -4.98 -11.87
N ASN A 25 17.85 -5.44 -10.95
CA ASN A 25 18.81 -6.54 -11.25
C ASN A 25 18.15 -7.88 -10.94
N GLY A 26 16.98 -7.86 -10.37
CA GLY A 26 16.27 -9.13 -10.02
C GLY A 26 16.98 -9.79 -8.84
N GLN A 27 17.78 -9.03 -8.14
CA GLN A 27 18.51 -9.59 -6.96
C GLN A 27 17.55 -9.73 -5.77
N SER A 28 17.27 -8.64 -5.10
CA SER A 28 16.35 -8.70 -3.93
C SER A 28 14.89 -8.77 -4.40
N GLY A 29 14.23 -7.64 -4.43
CA GLY A 29 12.80 -7.63 -4.88
C GLY A 29 12.04 -6.54 -4.13
N MET A 30 10.81 -6.30 -4.51
CA MET A 30 10.01 -5.25 -3.83
C MET A 30 8.51 -5.50 -4.07
N ALA A 31 7.68 -4.70 -3.46
CA ALA A 31 6.21 -4.86 -3.64
C ALA A 31 5.58 -3.49 -3.86
N LYS A 32 4.57 -3.41 -4.68
CA LYS A 32 3.91 -2.10 -4.98
C LYS A 32 2.45 -2.13 -4.53
N PHE A 33 1.98 -1.03 -4.01
CA PHE A 33 0.56 -0.95 -3.53
C PHE A 33 -0.19 0.09 -4.37
N TYR A 34 -1.32 -0.29 -4.91
CA TYR A 34 -2.11 0.66 -5.75
C TYR A 34 -3.31 1.16 -4.95
N PHE A 35 -3.51 2.45 -4.96
CA PHE A 35 -4.65 3.06 -4.21
C PHE A 35 -5.65 3.63 -5.21
N LEU A 36 -6.90 3.24 -5.10
CA LEU A 36 -7.94 3.75 -6.05
C LEU A 36 -8.76 4.86 -5.40
N GLU A 37 -8.82 5.99 -6.06
CA GLU A 37 -9.61 7.16 -5.55
C GLU A 37 -9.51 7.27 -4.02
N PRO A 38 -8.33 7.39 -3.51
CA PRO A 38 -8.10 7.52 -2.04
C PRO A 38 -8.64 8.84 -1.47
N THR A 39 -9.03 8.81 -0.23
CA THR A 39 -9.59 10.03 0.44
C THR A 39 -8.46 11.00 0.80
N ILE A 40 -7.25 10.53 0.85
CA ILE A 40 -6.12 11.42 1.22
C ILE A 40 -5.97 12.54 0.17
N LEU A 41 -6.83 12.55 -0.81
CA LEU A 41 -6.75 13.61 -1.86
C LEU A 41 -7.58 14.82 -1.42
N ALA A 42 -8.34 14.67 -0.36
CA ALA A 42 -9.18 15.79 0.14
C ALA A 42 -8.55 16.38 1.40
N LYS A 43 -7.81 15.58 2.12
CA LYS A 43 -7.17 16.06 3.38
C LYS A 43 -5.81 16.69 3.05
N GLU A 44 -4.83 15.87 2.76
CA GLU A 44 -3.46 16.41 2.46
C GLU A 44 -3.15 16.26 0.96
N SER A 45 -2.46 17.23 0.41
CA SER A 45 -2.12 17.19 -1.04
C SER A 45 -0.98 16.20 -1.29
N THR A 46 -0.73 15.92 -2.54
CA THR A 46 0.37 14.97 -2.90
C THR A 46 1.72 15.57 -2.50
N ASP A 47 1.83 16.87 -2.54
CA ASP A 47 3.10 17.53 -2.17
C ASP A 47 3.41 17.27 -0.69
N ASP A 48 2.40 17.24 0.13
CA ASP A 48 2.61 16.98 1.58
C ASP A 48 2.88 15.49 1.80
N ILE A 49 2.70 14.69 0.79
CA ILE A 49 2.93 13.22 0.94
C ILE A 49 4.30 12.84 0.34
N THR A 50 5.18 12.32 1.15
CA THR A 50 6.52 11.92 0.66
C THR A 50 6.91 10.61 1.36
N GLY A 51 5.93 9.84 1.76
CA GLY A 51 6.23 8.54 2.45
C GLY A 51 4.94 7.80 2.77
N MET A 52 5.04 6.53 3.08
CA MET A 52 3.82 5.73 3.40
C MET A 52 4.08 4.88 4.64
N TYR A 53 3.14 4.87 5.57
CA TYR A 53 3.31 4.07 6.82
C TYR A 53 2.30 2.93 6.85
N LEU A 54 2.80 1.72 6.93
CA LEU A 54 1.91 0.52 6.96
C LEU A 54 1.69 0.10 8.41
N ILE A 55 0.50 0.27 8.91
CA ILE A 55 0.22 -0.11 10.32
C ILE A 55 -0.46 -1.48 10.36
N ASP A 56 0.08 -2.39 11.12
CA ASP A 56 -0.52 -3.74 11.21
C ASP A 56 0.18 -4.56 12.31
N ASP A 57 -0.59 -5.23 13.11
CA ASP A 57 -0.03 -6.05 14.22
C ASP A 57 0.81 -5.18 15.15
N GLU A 58 0.33 -4.00 15.47
CA GLU A 58 1.06 -3.06 16.38
C GLU A 58 2.33 -2.57 15.68
N GLY A 59 3.01 -3.44 14.98
CA GLY A 59 4.26 -3.06 14.28
C GLY A 59 3.94 -2.14 13.11
N GLU A 60 4.88 -1.32 12.73
CA GLU A 60 4.66 -0.38 11.58
C GLU A 60 5.93 -0.30 10.73
N ILE A 61 5.76 -0.08 9.46
CA ILE A 61 6.93 0.02 8.52
C ILE A 61 6.93 1.41 7.88
N ILE A 62 8.08 2.04 7.86
CA ILE A 62 8.17 3.41 7.25
C ILE A 62 8.80 3.33 5.88
N THR A 63 8.11 3.79 4.87
CA THR A 63 8.63 3.75 3.47
C THR A 63 8.65 5.17 2.89
N ARG A 64 9.78 5.59 2.42
CA ARG A 64 9.89 6.96 1.83
C ARG A 64 9.86 6.85 0.31
N GLU A 65 9.00 6.01 -0.22
CA GLU A 65 8.90 5.85 -1.69
C GLU A 65 7.42 5.89 -2.09
N VAL A 66 6.91 7.06 -2.31
CA VAL A 66 5.46 7.21 -2.70
C VAL A 66 5.38 7.93 -4.04
N LYS A 67 4.60 7.40 -4.94
CA LYS A 67 4.45 8.04 -6.29
C LYS A 67 2.97 8.32 -6.53
N GLY A 68 2.68 9.49 -7.02
CA GLY A 68 1.27 9.90 -7.28
C GLY A 68 0.92 9.62 -8.74
N LYS A 69 -0.22 9.01 -8.97
CA LYS A 69 -0.66 8.70 -10.37
C LYS A 69 -1.77 9.67 -10.74
N PHE A 70 -1.48 10.57 -11.64
CA PHE A 70 -2.49 11.58 -12.07
C PHE A 70 -3.05 11.21 -13.45
N ILE A 71 -4.32 11.38 -13.64
CA ILE A 71 -4.96 11.06 -14.95
C ILE A 71 -5.56 12.32 -15.55
N ASN A 72 -5.19 12.63 -16.76
CA ASN A 72 -5.72 13.85 -17.46
C ASN A 72 -5.41 15.10 -16.63
N GLY A 73 -4.31 15.10 -15.93
CA GLY A 73 -3.94 16.29 -15.12
C GLY A 73 -4.85 16.40 -13.90
N ARG A 74 -5.47 15.31 -13.51
CA ARG A 74 -6.38 15.35 -12.31
C ARG A 74 -6.10 14.13 -11.42
N PRO A 75 -5.71 14.32 -10.17
CA PRO A 75 -5.42 13.20 -9.23
C PRO A 75 -6.56 12.16 -9.20
N THR A 76 -6.22 10.91 -9.18
CA THR A 76 -7.25 9.84 -9.14
C THR A 76 -6.73 8.64 -8.36
N ALA A 77 -5.45 8.36 -8.43
CA ALA A 77 -4.91 7.18 -7.68
C ALA A 77 -3.45 7.45 -7.26
N ILE A 78 -3.00 6.72 -6.27
CA ILE A 78 -1.60 6.89 -5.77
C ILE A 78 -0.93 5.51 -5.66
N GLU A 79 0.33 5.44 -6.00
CA GLU A 79 1.06 4.13 -5.94
C GLU A 79 2.31 4.29 -5.06
N ALA A 80 2.69 3.24 -4.39
CA ALA A 80 3.89 3.30 -3.51
C ALA A 80 4.68 2.00 -3.65
N THR A 81 5.99 2.08 -3.52
CA THR A 81 6.84 0.85 -3.66
C THR A 81 7.59 0.60 -2.36
N VAL A 82 7.54 -0.61 -1.86
CA VAL A 82 8.24 -0.95 -0.60
C VAL A 82 9.47 -1.81 -0.91
N ILE A 83 10.61 -1.38 -0.45
CA ILE A 83 11.87 -2.13 -0.71
C ILE A 83 12.02 -3.25 0.33
N LEU A 84 12.32 -4.43 -0.11
CA LEU A 84 12.49 -5.59 0.83
C LEU A 84 13.90 -6.17 0.65
N ASN A 85 14.88 -5.32 0.64
CA ASN A 85 16.29 -5.80 0.47
C ASN A 85 16.68 -6.66 1.69
N SER A 86 16.29 -6.25 2.85
CA SER A 86 16.64 -7.02 4.08
C SER A 86 15.81 -8.31 4.15
N GLN A 87 16.39 -9.36 4.66
CA GLN A 87 15.65 -10.65 4.76
C GLN A 87 14.61 -10.58 5.89
N PRO A 88 14.98 -10.10 7.04
CA PRO A 88 14.03 -9.99 8.19
C PRO A 88 12.77 -9.20 7.81
N GLU A 89 12.93 -8.24 6.94
CA GLU A 89 11.77 -7.40 6.51
C GLU A 89 10.79 -8.28 5.71
N TRP A 90 11.29 -9.18 4.91
CA TRP A 90 10.40 -10.05 4.11
C TRP A 90 9.49 -10.87 5.04
N ASP A 91 10.03 -11.37 6.11
CA ASP A 91 9.21 -12.18 7.04
C ASP A 91 8.09 -11.31 7.62
N ARG A 92 8.43 -10.13 8.06
CA ARG A 92 7.39 -9.21 8.63
C ARG A 92 6.48 -8.73 7.51
N PHE A 93 7.03 -8.40 6.39
CA PHE A 93 6.22 -7.91 5.23
C PHE A 93 5.23 -9.01 4.83
N MET A 94 5.69 -10.21 4.73
CA MET A 94 4.78 -11.34 4.33
C MET A 94 3.65 -11.46 5.36
N ARG A 95 3.98 -11.36 6.61
CA ARG A 95 2.94 -11.47 7.67
C ARG A 95 1.99 -10.27 7.56
N PHE A 96 2.53 -9.11 7.29
CA PHE A 96 1.67 -7.90 7.17
C PHE A 96 0.72 -8.07 5.97
N MET A 97 1.24 -8.50 4.86
CA MET A 97 0.38 -8.71 3.66
C MET A 97 -0.61 -9.83 3.92
N GLU A 98 -0.19 -10.86 4.59
CA GLU A 98 -1.10 -12.00 4.87
C GLU A 98 -2.29 -11.54 5.72
N ARG A 99 -2.04 -10.71 6.69
CA ARG A 99 -3.16 -10.20 7.54
C ARG A 99 -4.08 -9.31 6.72
N TYR A 100 -3.51 -8.51 5.88
CA TYR A 100 -4.33 -7.59 5.03
C TYR A 100 -5.26 -8.42 4.13
N GLY A 101 -4.73 -9.42 3.50
CA GLY A 101 -5.56 -10.27 2.59
C GLY A 101 -6.63 -11.02 3.40
N ALA A 102 -6.28 -11.48 4.56
CA ALA A 102 -7.26 -12.21 5.41
C ALA A 102 -8.40 -11.29 5.85
N GLU A 103 -8.09 -10.08 6.20
CA GLU A 103 -9.16 -9.14 6.65
C GLU A 103 -9.86 -8.53 5.45
N ASN A 104 -9.12 -7.90 4.56
CA ASN A 104 -9.76 -7.28 3.35
C ASN A 104 -9.73 -8.28 2.19
N GLY A 105 -8.60 -8.40 1.54
CA GLY A 105 -8.48 -9.36 0.39
C GLY A 105 -7.63 -8.72 -0.72
N LEU A 106 -6.83 -9.52 -1.38
CA LEU A 106 -5.98 -8.99 -2.48
C LEU A 106 -6.85 -8.68 -3.71
N GLY A 107 -7.19 -9.69 -4.46
CA GLY A 107 -8.03 -9.48 -5.68
C GLY A 107 -7.43 -8.36 -6.54
N PHE A 108 -6.25 -8.59 -7.07
CA PHE A 108 -5.60 -7.55 -7.92
C PHE A 108 -6.48 -7.22 -9.13
N SER A 109 -6.73 -5.95 -9.32
CA SER A 109 -7.59 -5.51 -10.47
C SER A 109 -6.83 -5.59 -11.78
N LYS A 110 -7.54 -5.84 -12.85
CA LYS A 110 -6.90 -5.95 -14.19
C LYS A 110 -6.45 -4.58 -14.72
N SER A 111 -5.71 -4.59 -15.79
CA SER A 111 -5.20 -3.33 -16.41
C SER A 111 -4.01 -2.82 -15.59
N GLU A 112 -3.74 -3.44 -14.48
CA GLU A 112 -2.59 -3.01 -13.63
C GLU A 112 -1.44 -4.02 -13.79
N LEU A 113 -1.76 -5.25 -14.10
CA LEU A 113 -0.70 -6.29 -14.27
C LEU A 113 -0.05 -6.14 -15.64
N GLU A 114 -0.85 -5.92 -16.64
CA GLU A 114 -0.30 -5.79 -18.01
C GLU A 114 0.58 -4.53 -18.11
N HIS A 115 1.86 -4.72 -18.21
CA HIS A 115 2.79 -3.56 -18.32
C HIS A 115 4.21 -4.08 -18.59
N HIS A 116 4.51 -4.35 -19.82
CA HIS A 116 5.87 -4.86 -20.19
C HIS A 116 6.16 -4.48 -21.65
N HIS A 117 5.25 -4.78 -22.53
CA HIS A 117 5.48 -4.46 -23.97
C HIS A 117 4.15 -4.19 -24.68
N HIS A 118 4.20 -3.67 -25.88
CA HIS A 118 2.95 -3.37 -26.64
C HIS A 118 3.23 -3.46 -28.15
N HIS A 119 2.21 -3.67 -28.93
CA HIS A 119 2.41 -3.78 -30.40
C HIS A 119 1.11 -3.38 -31.12
N HIS A 120 1.22 -3.06 -32.39
CA HIS A 120 0.03 -2.65 -33.18
C HIS A 120 -0.60 -3.89 -33.83
N MET A 1 -5.20 -6.35 12.79
CA MET A 1 -5.91 -5.53 11.77
C MET A 1 -4.89 -4.65 11.04
N ALA A 2 -4.20 -5.21 10.10
CA ALA A 2 -3.17 -4.44 9.35
C ALA A 2 -3.83 -3.37 8.47
N GLU A 3 -3.21 -2.23 8.36
CA GLU A 3 -3.78 -1.14 7.52
C GLU A 3 -2.66 -0.21 7.04
N ILE A 4 -2.92 0.54 6.01
CA ILE A 4 -1.89 1.48 5.47
C ILE A 4 -2.31 2.91 5.78
N GLN A 5 -1.42 3.70 6.35
CA GLN A 5 -1.76 5.11 6.69
C GLN A 5 -0.68 6.05 6.15
N PHE A 6 -1.10 7.06 5.44
CA PHE A 6 -0.13 8.04 4.86
C PHE A 6 0.18 9.11 5.92
N SER A 7 -0.51 9.06 7.03
CA SER A 7 -0.28 10.06 8.11
C SER A 7 -0.83 9.54 9.42
N LYS A 8 -2.12 9.33 9.51
CA LYS A 8 -2.74 8.83 10.78
C LYS A 8 -3.88 7.87 10.46
N GLY A 9 -4.75 7.64 11.41
CA GLY A 9 -5.91 6.71 11.18
C GLY A 9 -6.78 7.25 10.04
N VAL A 10 -6.35 8.31 9.41
CA VAL A 10 -7.16 8.89 8.30
C VAL A 10 -7.16 7.94 7.09
N ALA A 11 -8.31 7.75 6.52
CA ALA A 11 -8.44 6.86 5.33
C ALA A 11 -8.09 5.42 5.71
N GLU A 12 -9.08 4.65 6.07
CA GLU A 12 -8.85 3.22 6.45
C GLU A 12 -9.85 2.34 5.69
N THR A 13 -10.94 2.91 5.25
CA THR A 13 -11.94 2.11 4.49
C THR A 13 -11.42 1.88 3.07
N VAL A 14 -10.27 2.40 2.77
CA VAL A 14 -9.70 2.23 1.40
C VAL A 14 -9.29 0.77 1.17
N VAL A 15 -9.60 0.24 0.02
CA VAL A 15 -9.24 -1.18 -0.29
C VAL A 15 -8.34 -1.21 -1.53
N PRO A 16 -7.06 -0.93 -1.35
CA PRO A 16 -6.08 -0.91 -2.46
C PRO A 16 -5.64 -2.31 -2.90
N GLU A 17 -5.24 -2.46 -4.13
CA GLU A 17 -4.81 -3.80 -4.62
C GLU A 17 -3.30 -3.99 -4.37
N VAL A 18 -2.92 -5.16 -3.95
CA VAL A 18 -1.47 -5.41 -3.66
C VAL A 18 -0.78 -5.91 -4.93
N ARG A 19 0.35 -5.34 -5.25
CA ARG A 19 1.10 -5.75 -6.47
C ARG A 19 2.53 -6.08 -6.10
N LEU A 20 3.10 -7.07 -6.76
CA LEU A 20 4.50 -7.48 -6.47
C LEU A 20 5.40 -7.08 -7.63
N SER A 21 6.51 -6.46 -7.33
CA SER A 21 7.46 -6.01 -8.39
C SER A 21 8.82 -6.66 -8.18
N LYS A 22 9.56 -6.84 -9.24
CA LYS A 22 10.90 -7.48 -9.13
C LYS A 22 11.93 -6.67 -9.91
N SER A 23 13.18 -6.74 -9.51
CA SER A 23 14.25 -5.98 -10.21
C SER A 23 14.41 -6.53 -11.63
N LYS A 24 13.62 -7.50 -11.99
CA LYS A 24 13.70 -8.11 -13.36
C LYS A 24 15.16 -8.26 -13.79
N ASN A 25 16.06 -8.28 -12.84
CA ASN A 25 17.50 -8.43 -13.17
C ASN A 25 18.26 -8.74 -11.88
N GLY A 26 17.58 -9.29 -10.90
CA GLY A 26 18.26 -9.62 -9.63
C GLY A 26 17.26 -10.24 -8.65
N GLN A 27 17.73 -10.67 -7.50
CA GLN A 27 16.82 -11.29 -6.49
C GLN A 27 16.24 -10.20 -5.59
N SER A 28 16.73 -8.99 -5.69
CA SER A 28 16.22 -7.89 -4.84
C SER A 28 14.69 -7.93 -4.74
N GLY A 29 14.18 -8.14 -3.56
CA GLY A 29 12.70 -8.21 -3.36
C GLY A 29 12.09 -6.82 -3.44
N MET A 30 10.94 -6.70 -4.05
CA MET A 30 10.28 -5.37 -4.16
C MET A 30 8.76 -5.57 -4.27
N ALA A 31 8.00 -4.61 -3.81
CA ALA A 31 6.52 -4.71 -3.89
C ALA A 31 5.93 -3.33 -4.20
N LYS A 32 4.84 -3.29 -4.91
CA LYS A 32 4.19 -1.98 -5.25
C LYS A 32 2.72 -2.01 -4.83
N PHE A 33 2.22 -0.87 -4.41
CA PHE A 33 0.79 -0.79 -3.98
C PHE A 33 0.04 0.16 -4.90
N TYR A 34 -1.18 -0.20 -5.24
CA TYR A 34 -2.00 0.67 -6.14
C TYR A 34 -3.26 1.12 -5.40
N PHE A 35 -3.49 2.40 -5.36
CA PHE A 35 -4.69 2.94 -4.66
C PHE A 35 -5.66 3.51 -5.69
N LEU A 36 -6.87 3.00 -5.71
CA LEU A 36 -7.88 3.47 -6.69
C LEU A 36 -8.76 4.54 -6.05
N GLU A 37 -8.82 5.70 -6.64
CA GLU A 37 -9.66 6.82 -6.12
C GLU A 37 -9.64 6.85 -4.59
N PRO A 38 -8.48 6.96 -4.00
CA PRO A 38 -8.35 7.02 -2.51
C PRO A 38 -8.91 8.33 -1.94
N THR A 39 -9.42 8.28 -0.74
CA THR A 39 -10.01 9.50 -0.12
C THR A 39 -8.90 10.43 0.36
N ILE A 40 -7.69 9.95 0.41
CA ILE A 40 -6.57 10.81 0.90
C ILE A 40 -6.35 11.98 -0.07
N LEU A 41 -7.11 12.03 -1.14
CA LEU A 41 -6.95 13.13 -2.13
C LEU A 41 -7.86 14.29 -1.74
N ALA A 42 -8.77 14.05 -0.84
CA ALA A 42 -9.71 15.12 -0.39
C ALA A 42 -9.28 15.63 0.98
N LYS A 43 -8.54 14.83 1.70
CA LYS A 43 -8.09 15.25 3.06
C LYS A 43 -6.77 16.02 2.95
N GLU A 44 -5.68 15.33 2.73
CA GLU A 44 -4.36 16.02 2.64
C GLU A 44 -3.88 16.09 1.19
N SER A 45 -2.97 16.97 0.91
CA SER A 45 -2.45 17.14 -0.47
C SER A 45 -1.49 16.01 -0.83
N THR A 46 -1.18 15.86 -2.09
CA THR A 46 -0.25 14.80 -2.54
C THR A 46 1.15 15.07 -1.99
N ASP A 47 1.50 16.32 -1.83
CA ASP A 47 2.85 16.65 -1.30
C ASP A 47 2.95 16.27 0.18
N ASP A 48 1.83 16.07 0.83
CA ASP A 48 1.86 15.68 2.27
C ASP A 48 1.80 14.16 2.39
N ILE A 49 1.61 13.47 1.29
CA ILE A 49 1.54 11.99 1.34
C ILE A 49 2.96 11.42 1.28
N THR A 50 3.92 12.27 1.04
CA THR A 50 5.34 11.80 0.95
C THR A 50 5.64 10.72 2.00
N GLY A 51 6.08 9.59 1.56
CA GLY A 51 6.41 8.48 2.50
C GLY A 51 5.15 7.67 2.83
N MET A 52 5.34 6.46 3.31
CA MET A 52 4.19 5.58 3.68
C MET A 52 4.48 4.93 5.03
N TYR A 53 3.47 4.77 5.85
CA TYR A 53 3.65 4.14 7.19
C TYR A 53 2.84 2.84 7.26
N LEU A 54 3.51 1.72 7.28
CA LEU A 54 2.78 0.41 7.37
C LEU A 54 2.54 0.07 8.82
N ILE A 55 1.32 -0.31 9.16
CA ILE A 55 0.98 -0.65 10.57
C ILE A 55 0.46 -2.08 10.66
N ASP A 56 0.95 -2.83 11.61
CA ASP A 56 0.50 -4.24 11.78
C ASP A 56 0.21 -4.48 13.27
N ASP A 57 -0.44 -3.54 13.90
CA ASP A 57 -0.75 -3.68 15.35
C ASP A 57 0.48 -4.19 16.10
N GLU A 58 1.63 -4.08 15.49
CA GLU A 58 2.88 -4.54 16.17
C GLU A 58 4.08 -4.08 15.33
N GLY A 59 4.50 -2.86 15.53
CA GLY A 59 5.68 -2.32 14.78
C GLY A 59 5.23 -1.70 13.47
N GLU A 60 6.03 -0.81 12.92
CA GLU A 60 5.66 -0.15 11.63
C GLU A 60 6.91 0.03 10.78
N ILE A 61 6.74 0.12 9.49
CA ILE A 61 7.90 0.30 8.56
C ILE A 61 7.85 1.68 7.93
N ILE A 62 8.95 2.38 7.93
CA ILE A 62 9.00 3.75 7.34
C ILE A 62 9.67 3.68 5.99
N THR A 63 8.99 4.09 4.95
CA THR A 63 9.59 4.05 3.58
C THR A 63 9.43 5.42 2.92
N ARG A 64 10.52 5.99 2.48
CA ARG A 64 10.46 7.33 1.82
C ARG A 64 10.47 7.13 0.31
N GLU A 65 9.60 6.28 -0.19
CA GLU A 65 9.54 6.03 -1.66
C GLU A 65 8.08 5.93 -2.08
N VAL A 66 7.44 7.05 -2.28
CA VAL A 66 5.99 7.06 -2.69
C VAL A 66 5.82 7.94 -3.93
N LYS A 67 5.06 7.47 -4.90
CA LYS A 67 4.83 8.28 -6.14
C LYS A 67 3.34 8.37 -6.42
N GLY A 68 2.88 9.55 -6.75
CA GLY A 68 1.43 9.75 -7.02
C GLY A 68 1.14 9.58 -8.51
N LYS A 69 0.00 9.00 -8.84
CA LYS A 69 -0.38 8.82 -10.27
C LYS A 69 -1.31 9.98 -10.67
N PHE A 70 -0.74 10.94 -11.36
CA PHE A 70 -1.53 12.14 -11.80
C PHE A 70 -2.10 11.92 -13.19
N ILE A 71 -3.19 12.58 -13.48
CA ILE A 71 -3.84 12.44 -14.81
C ILE A 71 -4.25 13.83 -15.31
N ASN A 72 -4.22 14.04 -16.60
CA ASN A 72 -4.61 15.37 -17.15
C ASN A 72 -6.00 15.76 -16.65
N GLY A 73 -6.63 14.93 -15.85
CA GLY A 73 -7.98 15.24 -15.31
C GLY A 73 -7.96 15.06 -13.80
N ARG A 74 -7.17 15.85 -13.12
CA ARG A 74 -7.09 15.79 -11.63
C ARG A 74 -6.63 14.38 -11.18
N PRO A 75 -5.71 14.30 -10.24
CA PRO A 75 -5.22 12.98 -9.73
C PRO A 75 -6.37 11.99 -9.49
N THR A 76 -6.15 10.75 -9.83
CA THR A 76 -7.21 9.72 -9.66
C THR A 76 -6.61 8.52 -8.93
N ALA A 77 -5.31 8.39 -8.88
CA ALA A 77 -4.73 7.21 -8.16
C ALA A 77 -3.37 7.54 -7.58
N ILE A 78 -2.88 6.68 -6.72
CA ILE A 78 -1.53 6.90 -6.10
C ILE A 78 -0.75 5.59 -6.13
N GLU A 79 0.56 5.66 -6.12
CA GLU A 79 1.38 4.42 -6.16
C GLU A 79 2.49 4.49 -5.12
N ALA A 80 2.92 3.35 -4.64
CA ALA A 80 4.02 3.33 -3.62
C ALA A 80 4.93 2.14 -3.91
N THR A 81 6.21 2.28 -3.67
CA THR A 81 7.18 1.16 -3.93
C THR A 81 7.97 0.87 -2.65
N VAL A 82 8.00 -0.37 -2.24
CA VAL A 82 8.76 -0.75 -1.00
C VAL A 82 9.76 -1.86 -1.34
N ILE A 83 10.99 -1.67 -0.97
CA ILE A 83 12.04 -2.69 -1.27
C ILE A 83 12.07 -3.72 -0.13
N LEU A 84 11.98 -4.98 -0.48
CA LEU A 84 12.01 -6.06 0.56
C LEU A 84 13.35 -6.81 0.44
N ASN A 85 14.40 -6.09 0.15
CA ASN A 85 15.75 -6.71 0.02
C ASN A 85 16.15 -7.30 1.36
N SER A 86 15.86 -6.60 2.44
CA SER A 86 16.25 -7.10 3.78
C SER A 86 15.46 -8.36 4.14
N GLN A 87 16.02 -9.18 4.98
CA GLN A 87 15.32 -10.44 5.40
C GLN A 87 14.14 -10.12 6.32
N PRO A 88 14.37 -9.45 7.43
CA PRO A 88 13.25 -9.12 8.39
C PRO A 88 12.11 -8.39 7.68
N GLU A 89 12.43 -7.59 6.71
CA GLU A 89 11.37 -6.84 5.98
C GLU A 89 10.48 -7.82 5.20
N TRP A 90 11.08 -8.82 4.61
CA TRP A 90 10.27 -9.81 3.83
C TRP A 90 9.33 -10.56 4.77
N ASP A 91 9.80 -10.99 5.89
CA ASP A 91 8.93 -11.75 6.83
C ASP A 91 7.78 -10.85 7.29
N ARG A 92 8.10 -9.64 7.66
CA ARG A 92 7.05 -8.70 8.12
C ARG A 92 6.11 -8.37 6.96
N PHE A 93 6.65 -8.24 5.79
CA PHE A 93 5.82 -7.92 4.60
C PHE A 93 4.82 -9.04 4.37
N MET A 94 5.26 -10.26 4.46
CA MET A 94 4.35 -11.42 4.23
C MET A 94 3.23 -11.39 5.27
N ARG A 95 3.55 -11.02 6.48
CA ARG A 95 2.51 -10.96 7.54
C ARG A 95 1.45 -9.91 7.17
N PHE A 96 1.87 -8.81 6.60
CA PHE A 96 0.91 -7.76 6.19
C PHE A 96 -0.07 -8.33 5.15
N MET A 97 0.46 -9.04 4.19
CA MET A 97 -0.43 -9.61 3.13
C MET A 97 -1.38 -10.62 3.76
N GLU A 98 -0.91 -11.42 4.67
CA GLU A 98 -1.79 -12.43 5.31
C GLU A 98 -2.78 -11.73 6.24
N ARG A 99 -2.29 -10.83 7.04
CA ARG A 99 -3.19 -10.11 8.00
C ARG A 99 -4.16 -9.21 7.24
N TYR A 100 -3.69 -8.52 6.23
CA TYR A 100 -4.57 -7.63 5.44
C TYR A 100 -5.70 -8.45 4.83
N GLY A 101 -5.38 -9.55 4.22
CA GLY A 101 -6.42 -10.42 3.61
C GLY A 101 -7.27 -11.05 4.72
N ALA A 102 -6.69 -11.25 5.86
CA ALA A 102 -7.44 -11.89 6.99
C ALA A 102 -8.62 -11.00 7.39
N GLU A 103 -8.38 -9.74 7.60
CA GLU A 103 -9.48 -8.82 8.02
C GLU A 103 -10.42 -8.59 6.83
N ASN A 104 -9.87 -8.26 5.68
CA ASN A 104 -10.72 -8.00 4.48
C ASN A 104 -9.83 -7.57 3.31
N GLY A 105 -10.44 -7.06 2.27
CA GLY A 105 -9.67 -6.60 1.08
C GLY A 105 -9.24 -7.80 0.23
N LEU A 106 -8.63 -8.77 0.85
CA LEU A 106 -8.19 -10.00 0.11
C LEU A 106 -7.52 -9.56 -1.20
N GLY A 107 -7.05 -8.34 -1.25
CA GLY A 107 -6.37 -7.84 -2.49
C GLY A 107 -5.37 -8.87 -2.99
N PHE A 108 -5.68 -9.54 -4.07
CA PHE A 108 -4.74 -10.56 -4.62
C PHE A 108 -3.85 -9.94 -5.69
N SER A 109 -2.56 -10.19 -5.62
CA SER A 109 -1.62 -9.62 -6.61
C SER A 109 -1.55 -10.53 -7.83
N LYS A 110 -2.02 -10.06 -8.95
CA LYS A 110 -2.00 -10.89 -10.19
C LYS A 110 -0.57 -11.08 -10.69
N SER A 111 -0.14 -12.30 -10.84
CA SER A 111 1.24 -12.56 -11.33
C SER A 111 1.61 -14.02 -11.01
N GLU A 112 1.83 -14.32 -9.76
CA GLU A 112 2.21 -15.71 -9.36
C GLU A 112 0.97 -16.43 -8.81
N LEU A 113 0.02 -15.69 -8.30
CA LEU A 113 -1.20 -16.33 -7.73
C LEU A 113 -1.97 -17.04 -8.85
N GLU A 114 -2.07 -16.44 -10.00
CA GLU A 114 -2.81 -17.07 -11.13
C GLU A 114 -1.85 -17.86 -12.02
N HIS A 115 -2.08 -19.13 -12.14
CA HIS A 115 -1.20 -19.99 -12.98
C HIS A 115 -1.97 -21.23 -13.42
N HIS A 116 -2.49 -21.98 -12.48
CA HIS A 116 -3.25 -23.21 -12.83
C HIS A 116 -4.63 -22.86 -13.37
N HIS A 117 -5.05 -23.53 -14.41
CA HIS A 117 -6.39 -23.27 -15.00
C HIS A 117 -6.95 -24.54 -15.64
N HIS A 118 -8.25 -24.70 -15.64
CA HIS A 118 -8.86 -25.92 -16.26
C HIS A 118 -10.30 -25.63 -16.69
N HIS A 119 -10.84 -26.50 -17.52
CA HIS A 119 -12.24 -26.30 -18.00
C HIS A 119 -12.39 -24.90 -18.60
N HIS A 120 -11.30 -24.22 -18.80
CA HIS A 120 -11.35 -22.85 -19.38
C HIS A 120 -12.25 -22.85 -20.63
N MET A 1 -5.14 -4.72 14.31
CA MET A 1 -5.90 -4.41 13.06
C MET A 1 -4.98 -3.69 12.08
N ALA A 2 -4.55 -4.38 11.05
CA ALA A 2 -3.64 -3.74 10.06
C ALA A 2 -4.39 -2.67 9.25
N GLU A 3 -3.75 -1.56 9.01
CA GLU A 3 -4.40 -0.48 8.22
C GLU A 3 -3.34 0.39 7.57
N ILE A 4 -3.64 0.94 6.42
CA ILE A 4 -2.65 1.81 5.72
C ILE A 4 -3.10 3.26 5.78
N GLN A 5 -2.24 4.14 6.21
CA GLN A 5 -2.64 5.58 6.32
C GLN A 5 -1.43 6.47 6.01
N PHE A 6 -1.68 7.68 5.57
CA PHE A 6 -0.57 8.63 5.24
C PHE A 6 -0.57 9.76 6.27
N SER A 7 -1.73 10.21 6.68
CA SER A 7 -1.80 11.32 7.68
C SER A 7 -1.83 10.74 9.10
N LYS A 8 -1.32 9.54 9.26
CA LYS A 8 -1.30 8.91 10.61
C LYS A 8 -2.70 8.98 11.23
N GLY A 9 -3.72 8.90 10.42
CA GLY A 9 -5.11 8.94 10.95
C GLY A 9 -6.05 9.38 9.82
N VAL A 10 -5.83 8.87 8.64
CA VAL A 10 -6.70 9.24 7.49
C VAL A 10 -8.16 8.92 7.81
N ALA A 11 -8.58 7.71 7.54
CA ALA A 11 -9.98 7.31 7.81
C ALA A 11 -10.20 5.86 7.37
N GLU A 12 -10.87 5.65 6.29
CA GLU A 12 -11.15 4.28 5.80
C GLU A 12 -9.85 3.54 5.50
N THR A 13 -9.83 2.25 5.73
CA THR A 13 -8.60 1.45 5.48
C THR A 13 -8.45 1.24 3.96
N VAL A 14 -9.48 1.56 3.21
CA VAL A 14 -9.43 1.40 1.73
C VAL A 14 -9.03 -0.03 1.35
N VAL A 15 -9.24 -0.39 0.10
CA VAL A 15 -8.87 -1.76 -0.38
C VAL A 15 -7.93 -1.64 -1.58
N PRO A 16 -6.69 -1.31 -1.34
CA PRO A 16 -5.67 -1.15 -2.42
C PRO A 16 -5.18 -2.50 -2.96
N GLU A 17 -4.77 -2.52 -4.19
CA GLU A 17 -4.27 -3.80 -4.78
C GLU A 17 -2.81 -4.02 -4.39
N VAL A 18 -2.39 -5.25 -4.33
CA VAL A 18 -0.97 -5.56 -3.95
C VAL A 18 -0.27 -6.20 -5.15
N ARG A 19 0.89 -5.70 -5.49
CA ARG A 19 1.66 -6.26 -6.65
C ARG A 19 3.11 -6.48 -6.21
N LEU A 20 3.71 -7.56 -6.65
CA LEU A 20 5.12 -7.85 -6.27
C LEU A 20 6.02 -7.65 -7.48
N SER A 21 7.09 -6.92 -7.33
CA SER A 21 8.03 -6.67 -8.47
C SER A 21 9.44 -7.04 -8.03
N LYS A 22 10.14 -7.79 -8.86
CA LYS A 22 11.54 -8.19 -8.51
C LYS A 22 12.48 -7.82 -9.66
N SER A 23 13.61 -7.27 -9.33
CA SER A 23 14.58 -6.86 -10.38
C SER A 23 15.05 -8.08 -11.19
N LYS A 24 16.34 -8.24 -11.34
CA LYS A 24 16.86 -9.39 -12.13
C LYS A 24 16.68 -10.68 -11.33
N ASN A 25 15.79 -10.68 -10.37
CA ASN A 25 15.56 -11.89 -9.55
C ASN A 25 16.87 -12.33 -8.88
N GLY A 26 17.68 -11.39 -8.51
CA GLY A 26 18.97 -11.74 -7.85
C GLY A 26 19.64 -10.46 -7.36
N GLN A 27 18.87 -9.44 -7.09
CA GLN A 27 19.44 -8.15 -6.61
C GLN A 27 18.63 -7.61 -5.43
N SER A 28 17.94 -6.51 -5.61
CA SER A 28 17.12 -5.91 -4.52
C SER A 28 15.63 -6.17 -4.78
N GLY A 29 14.99 -6.85 -3.87
CA GLY A 29 13.54 -7.14 -4.04
C GLY A 29 12.69 -5.92 -3.67
N MET A 30 11.53 -5.80 -4.26
CA MET A 30 10.65 -4.63 -3.93
C MET A 30 9.20 -5.01 -4.20
N ALA A 31 8.28 -4.20 -3.74
CA ALA A 31 6.83 -4.49 -3.95
C ALA A 31 6.10 -3.19 -4.28
N LYS A 32 5.10 -3.27 -5.13
CA LYS A 32 4.34 -2.04 -5.53
C LYS A 32 2.91 -2.12 -4.97
N PHE A 33 2.37 -1.01 -4.55
CA PHE A 33 0.98 -0.98 -4.01
C PHE A 33 0.18 0.07 -4.78
N TYR A 34 -1.01 -0.29 -5.22
CA TYR A 34 -1.84 0.68 -5.99
C TYR A 34 -2.98 1.18 -5.10
N PHE A 35 -3.12 2.48 -4.96
CA PHE A 35 -4.21 3.04 -4.12
C PHE A 35 -5.25 3.70 -5.01
N LEU A 36 -6.45 3.20 -5.02
CA LEU A 36 -7.52 3.79 -5.88
C LEU A 36 -8.43 4.68 -5.03
N GLU A 37 -8.47 5.95 -5.32
CA GLU A 37 -9.35 6.88 -4.55
C GLU A 37 -9.24 6.59 -3.05
N PRO A 38 -8.06 6.70 -2.51
CA PRO A 38 -7.85 6.48 -1.05
C PRO A 38 -8.51 7.60 -0.24
N THR A 39 -9.35 8.36 -0.89
CA THR A 39 -10.06 9.48 -0.20
C THR A 39 -9.06 10.33 0.58
N ILE A 40 -7.85 10.44 0.11
CA ILE A 40 -6.82 11.26 0.82
C ILE A 40 -6.72 12.64 0.14
N LEU A 41 -7.14 12.73 -1.10
CA LEU A 41 -7.07 14.04 -1.81
C LEU A 41 -8.04 15.03 -1.15
N ALA A 42 -9.20 14.58 -0.77
CA ALA A 42 -10.18 15.49 -0.13
C ALA A 42 -9.64 15.96 1.22
N LYS A 43 -8.73 15.24 1.80
CA LYS A 43 -8.15 15.64 3.12
C LYS A 43 -6.81 16.35 2.91
N GLU A 44 -5.92 15.73 2.17
CA GLU A 44 -4.57 16.36 1.95
C GLU A 44 -4.16 16.20 0.47
N SER A 45 -3.42 17.14 -0.03
CA SER A 45 -2.99 17.08 -1.45
C SER A 45 -1.91 16.00 -1.62
N THR A 46 -1.66 15.59 -2.83
CA THR A 46 -0.62 14.55 -3.08
C THR A 46 0.76 15.11 -2.74
N ASP A 47 0.95 16.39 -2.90
CA ASP A 47 2.26 17.01 -2.59
C ASP A 47 2.49 16.99 -1.07
N ASP A 48 1.46 16.77 -0.30
CA ASP A 48 1.62 16.73 1.18
C ASP A 48 2.03 15.32 1.60
N ILE A 49 2.02 14.40 0.68
CA ILE A 49 2.41 12.99 1.02
C ILE A 49 3.85 12.75 0.54
N THR A 50 4.73 12.49 1.46
CA THR A 50 6.15 12.24 1.12
C THR A 50 6.57 10.89 1.72
N GLY A 51 5.61 10.09 2.13
CA GLY A 51 5.94 8.78 2.72
C GLY A 51 4.66 8.01 3.04
N MET A 52 4.75 6.71 3.19
CA MET A 52 3.55 5.88 3.52
C MET A 52 3.77 5.20 4.87
N TYR A 53 2.80 5.28 5.73
CA TYR A 53 2.93 4.66 7.08
C TYR A 53 2.11 3.36 7.14
N LEU A 54 2.78 2.24 7.25
CA LEU A 54 2.08 0.94 7.33
C LEU A 54 1.93 0.56 8.79
N ILE A 55 0.73 0.26 9.21
CA ILE A 55 0.49 -0.12 10.64
C ILE A 55 0.01 -1.55 10.74
N ASP A 56 0.64 -2.34 11.56
CA ASP A 56 0.22 -3.77 11.70
C ASP A 56 0.64 -4.30 13.06
N ASP A 57 -0.31 -4.70 13.86
CA ASP A 57 -0.01 -5.25 15.22
C ASP A 57 1.11 -4.44 15.89
N GLU A 58 0.89 -3.17 16.09
CA GLU A 58 1.92 -2.29 16.74
C GLU A 58 3.11 -2.12 15.80
N GLY A 59 3.51 -3.16 15.14
CA GLY A 59 4.66 -3.06 14.21
C GLY A 59 4.29 -2.18 13.02
N GLU A 60 5.18 -1.33 12.59
CA GLU A 60 4.88 -0.44 11.44
C GLU A 60 6.15 -0.19 10.63
N ILE A 61 6.00 0.00 9.33
CA ILE A 61 7.17 0.25 8.45
C ILE A 61 6.96 1.59 7.73
N ILE A 62 7.95 2.44 7.74
CA ILE A 62 7.82 3.78 7.09
C ILE A 62 8.66 3.80 5.81
N THR A 63 8.07 4.21 4.72
CA THR A 63 8.83 4.26 3.43
C THR A 63 8.66 5.64 2.80
N ARG A 64 9.75 6.28 2.46
CA ARG A 64 9.68 7.63 1.84
C ARG A 64 9.59 7.48 0.32
N GLU A 65 9.49 6.27 -0.16
CA GLU A 65 9.42 6.04 -1.63
C GLU A 65 7.95 6.01 -2.05
N VAL A 66 7.34 7.18 -2.18
CA VAL A 66 5.90 7.24 -2.59
C VAL A 66 5.77 8.05 -3.88
N LYS A 67 5.02 7.54 -4.83
CA LYS A 67 4.83 8.25 -6.13
C LYS A 67 3.33 8.46 -6.35
N GLY A 68 2.96 9.63 -6.79
CA GLY A 68 1.52 9.93 -7.02
C GLY A 68 1.17 9.80 -8.50
N LYS A 69 0.16 9.04 -8.82
CA LYS A 69 -0.25 8.88 -10.25
C LYS A 69 -1.40 9.84 -10.54
N PHE A 70 -1.26 10.64 -11.57
CA PHE A 70 -2.33 11.63 -11.91
C PHE A 70 -3.14 11.12 -13.10
N ILE A 71 -4.44 11.28 -13.04
CA ILE A 71 -5.32 10.83 -14.15
C ILE A 71 -5.98 12.04 -14.80
N ASN A 72 -5.96 12.10 -16.10
CA ASN A 72 -6.58 13.26 -16.81
C ASN A 72 -5.94 14.56 -16.33
N GLY A 73 -4.69 14.51 -15.98
CA GLY A 73 -3.98 15.74 -15.52
C GLY A 73 -4.36 16.05 -14.07
N ARG A 74 -5.35 15.39 -13.54
CA ARG A 74 -5.78 15.66 -12.12
C ARG A 74 -5.48 14.42 -11.26
N PRO A 75 -5.17 14.61 -9.99
CA PRO A 75 -4.88 13.49 -9.05
C PRO A 75 -6.08 12.56 -8.87
N THR A 76 -5.83 11.28 -8.77
CA THR A 76 -6.95 10.31 -8.59
C THR A 76 -6.40 9.02 -7.96
N ALA A 77 -5.15 8.69 -8.22
CA ALA A 77 -4.59 7.42 -7.64
C ALA A 77 -3.15 7.62 -7.21
N ILE A 78 -2.70 6.85 -6.25
CA ILE A 78 -1.29 6.98 -5.76
C ILE A 78 -0.64 5.60 -5.74
N GLU A 79 0.66 5.57 -5.86
CA GLU A 79 1.40 4.27 -5.84
C GLU A 79 2.60 4.39 -4.90
N ALA A 80 3.02 3.29 -4.33
CA ALA A 80 4.18 3.34 -3.39
C ALA A 80 5.08 2.12 -3.64
N THR A 81 6.35 2.26 -3.40
CA THR A 81 7.30 1.12 -3.61
C THR A 81 8.07 0.87 -2.31
N VAL A 82 8.11 -0.36 -1.87
CA VAL A 82 8.85 -0.67 -0.60
C VAL A 82 10.06 -1.54 -0.94
N ILE A 83 11.20 -1.16 -0.41
CA ILE A 83 12.45 -1.94 -0.69
C ILE A 83 12.76 -2.86 0.49
N LEU A 84 12.84 -4.14 0.22
CA LEU A 84 13.13 -5.12 1.31
C LEU A 84 14.62 -5.47 1.29
N ASN A 85 15.01 -6.27 0.35
CA ASN A 85 16.44 -6.67 0.22
C ASN A 85 16.92 -7.31 1.52
N SER A 86 16.04 -7.98 2.22
CA SER A 86 16.45 -8.63 3.50
C SER A 86 15.53 -9.83 3.77
N GLN A 87 16.09 -10.91 4.25
CA GLN A 87 15.28 -12.12 4.56
C GLN A 87 14.23 -11.81 5.65
N PRO A 88 14.65 -11.36 6.81
CA PRO A 88 13.70 -11.05 7.92
C PRO A 88 12.61 -10.07 7.47
N GLU A 89 12.95 -9.15 6.63
CA GLU A 89 11.94 -8.17 6.15
C GLU A 89 10.93 -8.89 5.25
N TRP A 90 11.39 -9.80 4.43
CA TRP A 90 10.45 -10.55 3.55
C TRP A 90 9.45 -11.32 4.40
N ASP A 91 9.92 -12.00 5.40
CA ASP A 91 9.00 -12.77 6.27
C ASP A 91 8.02 -11.81 6.95
N ARG A 92 8.52 -10.71 7.42
CA ARG A 92 7.64 -9.72 8.11
C ARG A 92 6.64 -9.15 7.10
N PHE A 93 7.08 -8.83 5.92
CA PHE A 93 6.17 -8.28 4.89
C PHE A 93 5.10 -9.31 4.51
N MET A 94 5.50 -10.53 4.34
CA MET A 94 4.52 -11.59 3.95
C MET A 94 3.42 -11.67 5.01
N ARG A 95 3.80 -11.63 6.25
CA ARG A 95 2.78 -11.69 7.34
C ARG A 95 1.90 -10.43 7.31
N PHE A 96 2.49 -9.30 7.02
CA PHE A 96 1.71 -8.04 6.99
C PHE A 96 0.65 -8.09 5.88
N MET A 97 1.03 -8.53 4.72
CA MET A 97 0.08 -8.59 3.58
C MET A 97 -1.03 -9.55 3.92
N GLU A 98 -0.64 -10.60 4.53
CA GLU A 98 -1.60 -11.67 4.87
C GLU A 98 -2.61 -11.13 5.91
N ARG A 99 -2.14 -10.46 6.92
CA ARG A 99 -3.09 -9.92 7.94
C ARG A 99 -4.00 -8.88 7.28
N TYR A 100 -3.45 -8.05 6.45
CA TYR A 100 -4.26 -7.03 5.75
C TYR A 100 -5.28 -7.71 4.86
N GLY A 101 -4.85 -8.70 4.12
CA GLY A 101 -5.80 -9.42 3.20
C GLY A 101 -6.88 -10.13 4.03
N ALA A 102 -6.53 -10.61 5.19
CA ALA A 102 -7.54 -11.29 6.04
C ALA A 102 -8.62 -10.30 6.45
N GLU A 103 -8.24 -9.09 6.74
CA GLU A 103 -9.24 -8.06 7.16
C GLU A 103 -10.14 -7.69 5.99
N ASN A 104 -9.60 -7.66 4.79
CA ASN A 104 -10.44 -7.32 3.60
C ASN A 104 -10.03 -8.22 2.42
N GLY A 105 -10.57 -9.41 2.38
CA GLY A 105 -10.21 -10.35 1.27
C GLY A 105 -10.36 -9.65 -0.08
N LEU A 106 -9.27 -9.26 -0.67
CA LEU A 106 -9.33 -8.56 -1.98
C LEU A 106 -9.59 -9.56 -3.11
N GLY A 107 -10.24 -9.11 -4.16
CA GLY A 107 -10.53 -10.02 -5.31
C GLY A 107 -9.30 -10.07 -6.22
N PHE A 108 -8.31 -9.27 -5.93
CA PHE A 108 -7.08 -9.27 -6.78
C PHE A 108 -5.86 -8.98 -5.88
N SER A 109 -5.17 -10.00 -5.47
CA SER A 109 -3.98 -9.81 -4.61
C SER A 109 -3.18 -11.11 -4.54
N LYS A 110 -2.16 -11.23 -5.35
CA LYS A 110 -1.31 -12.45 -5.37
C LYS A 110 -2.15 -13.73 -5.53
N SER A 111 -1.49 -14.83 -5.79
CA SER A 111 -2.18 -16.13 -5.97
C SER A 111 -3.14 -16.05 -7.15
N GLU A 112 -3.16 -17.08 -7.96
CA GLU A 112 -4.06 -17.09 -9.15
C GLU A 112 -3.75 -15.85 -10.01
N LEU A 113 -2.76 -15.11 -9.63
CA LEU A 113 -2.36 -13.90 -10.42
C LEU A 113 -1.22 -14.29 -11.37
N GLU A 114 -0.29 -15.02 -10.89
CA GLU A 114 0.86 -15.43 -11.74
C GLU A 114 0.44 -16.53 -12.72
N HIS A 115 1.07 -16.59 -13.85
CA HIS A 115 0.71 -17.63 -14.87
C HIS A 115 1.98 -18.22 -15.47
N HIS A 116 1.95 -19.47 -15.80
CA HIS A 116 3.16 -20.14 -16.39
C HIS A 116 2.73 -20.96 -17.61
N HIS A 117 3.53 -20.94 -18.65
CA HIS A 117 3.20 -21.71 -19.89
C HIS A 117 1.80 -21.34 -20.40
N HIS A 118 1.52 -21.68 -21.63
CA HIS A 118 0.19 -21.37 -22.22
C HIS A 118 -0.80 -22.48 -21.84
N HIS A 119 -0.30 -23.51 -21.22
CA HIS A 119 -1.18 -24.64 -20.80
C HIS A 119 -2.03 -25.15 -21.97
N HIS A 120 -2.93 -26.05 -21.70
CA HIS A 120 -3.79 -26.61 -22.78
C HIS A 120 -4.72 -25.50 -23.31
N MET A 1 -4.26 -2.71 13.91
CA MET A 1 -5.19 -3.68 13.27
C MET A 1 -4.75 -3.90 11.82
N ALA A 2 -3.46 -3.94 11.60
CA ALA A 2 -2.92 -4.15 10.23
C ALA A 2 -3.66 -3.27 9.24
N GLU A 3 -3.19 -2.06 9.05
CA GLU A 3 -3.85 -1.13 8.09
C GLU A 3 -2.81 -0.22 7.43
N ILE A 4 -3.18 0.35 6.32
CA ILE A 4 -2.25 1.25 5.57
C ILE A 4 -2.74 2.69 5.69
N GLN A 5 -1.86 3.57 6.09
CA GLN A 5 -2.24 5.00 6.23
C GLN A 5 -1.02 5.88 5.95
N PHE A 6 -1.28 7.05 5.43
CA PHE A 6 -0.19 8.01 5.09
C PHE A 6 -0.03 9.00 6.25
N SER A 7 -1.02 9.81 6.49
CA SER A 7 -0.95 10.81 7.59
C SER A 7 -1.15 10.11 8.93
N LYS A 8 -0.81 10.79 9.99
CA LYS A 8 -0.94 10.20 11.36
C LYS A 8 -2.38 10.35 11.85
N GLY A 9 -3.31 10.35 10.93
CA GLY A 9 -4.74 10.48 11.31
C GLY A 9 -5.62 9.96 10.18
N VAL A 10 -5.30 10.33 8.96
CA VAL A 10 -6.08 9.88 7.77
C VAL A 10 -7.55 9.71 8.13
N ALA A 11 -8.15 8.64 7.67
CA ALA A 11 -9.57 8.35 7.99
C ALA A 11 -9.87 6.87 7.76
N GLU A 12 -11.01 6.59 7.21
CA GLU A 12 -11.40 5.16 6.95
C GLU A 12 -10.42 4.51 5.98
N THR A 13 -10.16 3.24 6.20
CA THR A 13 -9.21 2.49 5.33
C THR A 13 -9.81 2.30 3.93
N VAL A 14 -8.99 2.45 2.93
CA VAL A 14 -9.45 2.30 1.52
C VAL A 14 -9.37 0.83 1.08
N VAL A 15 -9.06 0.61 -0.19
CA VAL A 15 -8.96 -0.77 -0.71
C VAL A 15 -7.87 -0.84 -1.79
N PRO A 16 -6.64 -0.64 -1.39
CA PRO A 16 -5.47 -0.67 -2.30
C PRO A 16 -5.08 -2.09 -2.71
N GLU A 17 -4.54 -2.23 -3.90
CA GLU A 17 -4.13 -3.58 -4.39
C GLU A 17 -2.63 -3.77 -4.16
N VAL A 18 -2.26 -4.99 -3.88
CA VAL A 18 -0.82 -5.31 -3.61
C VAL A 18 -0.20 -6.01 -4.81
N ARG A 19 0.94 -5.54 -5.22
CA ARG A 19 1.66 -6.13 -6.39
C ARG A 19 3.14 -6.30 -6.04
N LEU A 20 3.73 -7.37 -6.47
CA LEU A 20 5.17 -7.63 -6.19
C LEU A 20 6.01 -7.35 -7.43
N SER A 21 6.99 -6.51 -7.28
CA SER A 21 7.89 -6.16 -8.42
C SER A 21 9.13 -7.04 -8.40
N LYS A 22 9.83 -7.07 -9.49
CA LYS A 22 11.07 -7.91 -9.58
C LYS A 22 12.30 -7.00 -9.58
N SER A 23 13.32 -7.40 -8.88
CA SER A 23 14.57 -6.60 -8.83
C SER A 23 15.72 -7.52 -8.40
N LYS A 24 15.59 -8.81 -8.64
CA LYS A 24 16.66 -9.76 -8.25
C LYS A 24 17.95 -9.43 -9.01
N ASN A 25 17.84 -9.18 -10.29
CA ASN A 25 19.05 -8.86 -11.09
C ASN A 25 19.26 -7.34 -11.08
N GLY A 26 18.39 -6.63 -10.44
CA GLY A 26 18.50 -5.14 -10.37
C GLY A 26 19.26 -4.74 -9.10
N GLN A 27 18.68 -5.00 -7.96
CA GLN A 27 19.34 -4.63 -6.67
C GLN A 27 18.98 -5.69 -5.63
N SER A 28 17.74 -6.11 -5.59
CA SER A 28 17.30 -7.14 -4.60
C SER A 28 15.83 -7.51 -4.86
N GLY A 29 14.93 -6.75 -4.29
CA GLY A 29 13.48 -7.03 -4.47
C GLY A 29 12.64 -5.97 -3.76
N MET A 30 11.45 -5.75 -4.25
CA MET A 30 10.55 -4.74 -3.61
C MET A 30 9.10 -5.04 -3.96
N ALA A 31 8.20 -4.25 -3.40
CA ALA A 31 6.75 -4.44 -3.65
C ALA A 31 6.11 -3.10 -3.99
N LYS A 32 5.09 -3.13 -4.80
CA LYS A 32 4.39 -1.87 -5.21
C LYS A 32 2.99 -1.84 -4.61
N PHE A 33 2.51 -0.66 -4.33
CA PHE A 33 1.15 -0.50 -3.75
C PHE A 33 0.35 0.48 -4.59
N TYR A 34 -0.89 0.14 -4.85
CA TYR A 34 -1.78 1.00 -5.67
C TYR A 34 -3.01 1.40 -4.87
N PHE A 35 -3.26 2.68 -4.79
CA PHE A 35 -4.43 3.20 -4.03
C PHE A 35 -5.46 3.76 -5.00
N LEU A 36 -6.64 3.21 -4.97
CA LEU A 36 -7.73 3.66 -5.88
C LEU A 36 -8.53 4.79 -5.22
N GLU A 37 -8.65 5.88 -5.93
CA GLU A 37 -9.41 7.07 -5.43
C GLU A 37 -9.20 7.25 -3.92
N PRO A 38 -8.01 7.60 -3.52
CA PRO A 38 -7.68 7.83 -2.09
C PRO A 38 -8.56 8.91 -1.46
N THR A 39 -8.89 8.74 -0.21
CA THR A 39 -9.77 9.72 0.49
C THR A 39 -8.94 10.89 1.01
N ILE A 40 -7.65 10.73 1.10
CA ILE A 40 -6.77 11.82 1.62
C ILE A 40 -6.71 12.96 0.60
N LEU A 41 -7.40 12.82 -0.50
CA LEU A 41 -7.40 13.89 -1.54
C LEU A 41 -8.39 14.98 -1.15
N ALA A 42 -9.21 14.71 -0.17
CA ALA A 42 -10.21 15.73 0.28
C ALA A 42 -9.60 16.57 1.41
N LYS A 43 -8.51 16.11 1.96
CA LYS A 43 -7.86 16.86 3.08
C LYS A 43 -6.63 17.61 2.53
N GLU A 44 -5.70 16.90 1.96
CA GLU A 44 -4.47 17.55 1.41
C GLU A 44 -4.03 16.85 0.11
N SER A 45 -3.25 17.53 -0.67
CA SER A 45 -2.77 16.97 -1.96
C SER A 45 -1.90 15.73 -1.72
N THR A 46 -1.20 15.30 -2.73
CA THR A 46 -0.32 14.10 -2.63
C THR A 46 1.13 14.53 -2.39
N ASP A 47 1.46 15.74 -2.74
CA ASP A 47 2.87 16.22 -2.55
C ASP A 47 3.19 16.25 -1.06
N ASP A 48 2.23 16.62 -0.26
CA ASP A 48 2.45 16.70 1.20
C ASP A 48 2.80 15.32 1.74
N ILE A 49 2.14 14.30 1.25
CA ILE A 49 2.41 12.92 1.73
C ILE A 49 3.89 12.60 1.59
N THR A 50 4.27 12.10 0.43
CA THR A 50 5.70 11.73 0.18
C THR A 50 6.09 10.55 1.09
N GLY A 51 5.68 10.61 2.32
CA GLY A 51 6.00 9.53 3.30
C GLY A 51 4.84 8.55 3.41
N MET A 52 5.15 7.30 3.58
CA MET A 52 4.09 6.25 3.71
C MET A 52 4.30 5.45 4.99
N TYR A 53 3.29 5.39 5.82
CA TYR A 53 3.39 4.65 7.11
C TYR A 53 2.58 3.36 7.05
N LEU A 54 3.26 2.24 7.04
CA LEU A 54 2.57 0.91 6.99
C LEU A 54 2.48 0.36 8.41
N ILE A 55 1.28 0.10 8.86
CA ILE A 55 1.08 -0.45 10.25
C ILE A 55 0.78 -1.94 10.20
N ASP A 56 1.49 -2.69 11.01
CA ASP A 56 1.29 -4.17 11.06
C ASP A 56 1.19 -4.62 12.52
N ASP A 57 1.49 -5.88 12.75
CA ASP A 57 1.41 -6.46 14.13
C ASP A 57 2.54 -5.92 14.99
N GLU A 58 2.25 -4.90 15.76
CA GLU A 58 3.27 -4.28 16.66
C GLU A 58 4.35 -3.62 15.82
N GLY A 59 4.75 -4.26 14.75
CA GLY A 59 5.82 -3.71 13.88
C GLY A 59 5.22 -2.81 12.80
N GLU A 60 6.05 -1.97 12.24
CA GLU A 60 5.58 -1.05 11.16
C GLU A 60 6.73 -0.72 10.22
N ILE A 61 6.41 -0.49 8.97
CA ILE A 61 7.45 -0.15 7.95
C ILE A 61 7.17 1.23 7.37
N ILE A 62 8.17 2.06 7.34
CA ILE A 62 8.02 3.45 6.82
C ILE A 62 9.01 3.68 5.69
N THR A 63 8.55 4.24 4.60
CA THR A 63 9.44 4.54 3.44
C THR A 63 9.04 5.87 2.81
N ARG A 64 9.99 6.54 2.22
CA ARG A 64 9.73 7.86 1.57
C ARG A 64 9.54 7.64 0.07
N GLU A 65 9.60 6.41 -0.35
CA GLU A 65 9.42 6.09 -1.80
C GLU A 65 7.94 6.13 -2.14
N VAL A 66 7.43 7.32 -2.37
CA VAL A 66 5.99 7.48 -2.71
C VAL A 66 5.85 8.30 -3.99
N LYS A 67 5.02 7.83 -4.88
CA LYS A 67 4.80 8.54 -6.18
C LYS A 67 3.30 8.66 -6.45
N GLY A 68 2.87 9.82 -6.89
CA GLY A 68 1.43 10.05 -7.17
C GLY A 68 1.14 9.93 -8.66
N LYS A 69 0.13 9.17 -9.00
CA LYS A 69 -0.26 8.99 -10.43
C LYS A 69 -1.49 9.83 -10.73
N PHE A 70 -1.35 10.77 -11.63
CA PHE A 70 -2.47 11.67 -12.00
C PHE A 70 -2.97 11.33 -13.40
N ILE A 71 -4.26 11.30 -13.55
CA ILE A 71 -4.89 11.01 -14.88
C ILE A 71 -5.73 12.21 -15.32
N ASN A 72 -5.49 12.65 -16.52
CA ASN A 72 -6.24 13.82 -17.09
C ASN A 72 -6.01 15.05 -16.22
N GLY A 73 -4.86 15.13 -15.59
CA GLY A 73 -4.54 16.30 -14.73
C GLY A 73 -5.45 16.29 -13.51
N ARG A 74 -5.94 15.14 -13.14
CA ARG A 74 -6.84 15.04 -11.96
C ARG A 74 -6.45 13.83 -11.08
N PRO A 75 -5.97 14.07 -9.88
CA PRO A 75 -5.56 12.98 -8.93
C PRO A 75 -6.55 11.82 -8.89
N THR A 76 -6.21 10.73 -9.51
CA THR A 76 -7.12 9.55 -9.54
C THR A 76 -6.56 8.43 -8.66
N ALA A 77 -5.26 8.26 -8.63
CA ALA A 77 -4.67 7.16 -7.80
C ALA A 77 -3.23 7.49 -7.39
N ILE A 78 -2.76 6.82 -6.35
CA ILE A 78 -1.38 7.04 -5.84
C ILE A 78 -0.60 5.72 -5.86
N GLU A 79 0.69 5.81 -6.03
CA GLU A 79 1.55 4.58 -6.07
C GLU A 79 2.73 4.73 -5.12
N ALA A 80 3.18 3.64 -4.57
CA ALA A 80 4.34 3.67 -3.63
C ALA A 80 5.15 2.38 -3.76
N THR A 81 6.42 2.46 -3.46
CA THR A 81 7.33 1.26 -3.58
C THR A 81 7.95 0.95 -2.23
N VAL A 82 7.91 -0.31 -1.86
CA VAL A 82 8.49 -0.74 -0.55
C VAL A 82 9.76 -1.57 -0.81
N ILE A 83 10.81 -1.23 -0.12
CA ILE A 83 12.11 -1.94 -0.27
C ILE A 83 12.17 -3.16 0.64
N LEU A 84 12.42 -4.31 0.07
CA LEU A 84 12.49 -5.57 0.87
C LEU A 84 13.90 -6.15 0.73
N ASN A 85 14.90 -5.31 0.76
CA ASN A 85 16.31 -5.79 0.63
C ASN A 85 16.65 -6.71 1.79
N SER A 86 16.21 -6.38 2.98
CA SER A 86 16.52 -7.23 4.17
C SER A 86 15.58 -8.42 4.24
N GLN A 87 16.02 -9.49 4.85
CA GLN A 87 15.20 -10.72 4.95
C GLN A 87 14.03 -10.51 5.92
N PRO A 88 14.29 -9.94 7.07
CA PRO A 88 13.23 -9.70 8.10
C PRO A 88 12.03 -8.95 7.50
N GLU A 89 12.30 -8.06 6.60
CA GLU A 89 11.21 -7.27 5.94
C GLU A 89 10.30 -8.21 5.16
N TRP A 90 10.88 -9.16 4.48
CA TRP A 90 10.05 -10.12 3.69
C TRP A 90 9.15 -10.94 4.62
N ASP A 91 9.69 -11.36 5.73
CA ASP A 91 8.89 -12.17 6.70
C ASP A 91 7.67 -11.35 7.14
N ARG A 92 7.90 -10.10 7.44
CA ARG A 92 6.78 -9.21 7.88
C ARG A 92 5.80 -9.00 6.73
N PHE A 93 6.31 -8.89 5.53
CA PHE A 93 5.42 -8.67 4.35
C PHE A 93 4.48 -9.86 4.18
N MET A 94 5.00 -11.05 4.26
CA MET A 94 4.16 -12.27 4.10
C MET A 94 3.11 -12.31 5.22
N ARG A 95 3.54 -12.04 6.42
CA ARG A 95 2.59 -12.05 7.57
C ARG A 95 1.59 -10.91 7.42
N PHE A 96 2.06 -9.76 7.00
CA PHE A 96 1.16 -8.59 6.83
C PHE A 96 0.14 -8.89 5.73
N MET A 97 0.60 -9.45 4.63
CA MET A 97 -0.30 -9.76 3.49
C MET A 97 -1.35 -10.77 3.95
N GLU A 98 -0.94 -11.76 4.71
CA GLU A 98 -1.88 -12.79 5.19
C GLU A 98 -2.88 -12.16 6.16
N ARG A 99 -2.38 -11.39 7.09
CA ARG A 99 -3.26 -10.74 8.09
C ARG A 99 -4.16 -9.70 7.39
N TYR A 100 -3.58 -8.92 6.52
CA TYR A 100 -4.35 -7.88 5.80
C TYR A 100 -5.43 -8.55 4.93
N GLY A 101 -5.06 -9.57 4.21
CA GLY A 101 -6.02 -10.28 3.33
C GLY A 101 -7.10 -10.93 4.19
N ALA A 102 -6.73 -11.40 5.36
CA ALA A 102 -7.72 -12.06 6.26
C ALA A 102 -8.80 -11.07 6.65
N GLU A 103 -8.43 -9.84 6.88
CA GLU A 103 -9.42 -8.80 7.27
C GLU A 103 -10.32 -8.48 6.08
N ASN A 104 -9.77 -8.48 4.90
CA ASN A 104 -10.57 -8.17 3.68
C ASN A 104 -9.96 -8.88 2.46
N GLY A 105 -10.43 -10.06 2.18
CA GLY A 105 -9.91 -10.84 1.02
C GLY A 105 -10.22 -10.12 -0.28
N LEU A 106 -9.25 -9.41 -0.79
CA LEU A 106 -9.44 -8.66 -2.07
C LEU A 106 -9.37 -9.61 -3.26
N GLY A 107 -10.10 -9.30 -4.29
CA GLY A 107 -10.12 -10.16 -5.51
C GLY A 107 -8.80 -10.02 -6.25
N PHE A 108 -7.87 -9.29 -5.69
CA PHE A 108 -6.55 -9.10 -6.36
C PHE A 108 -5.42 -9.31 -5.35
N SER A 109 -4.50 -8.38 -5.30
CA SER A 109 -3.34 -8.47 -4.36
C SER A 109 -2.40 -9.58 -4.84
N LYS A 110 -2.87 -10.78 -4.91
CA LYS A 110 -2.02 -11.92 -5.37
C LYS A 110 -2.74 -12.67 -6.50
N SER A 111 -4.04 -12.81 -6.39
CA SER A 111 -4.83 -13.53 -7.43
C SER A 111 -4.95 -12.67 -8.68
N GLU A 112 -5.32 -13.29 -9.77
CA GLU A 112 -5.48 -12.58 -11.07
C GLU A 112 -4.13 -12.07 -11.57
N LEU A 113 -3.46 -11.27 -10.78
CA LEU A 113 -2.13 -10.73 -11.18
C LEU A 113 -1.14 -11.88 -11.35
N GLU A 114 -1.15 -12.81 -10.43
CA GLU A 114 -0.20 -13.96 -10.51
C GLU A 114 -0.74 -15.05 -11.43
N HIS A 115 0.12 -15.90 -11.89
CA HIS A 115 -0.28 -17.00 -12.81
C HIS A 115 -1.21 -17.97 -12.08
N HIS A 116 -2.33 -18.27 -12.69
CA HIS A 116 -3.31 -19.20 -12.06
C HIS A 116 -3.00 -20.65 -12.46
N HIS A 117 -2.79 -21.49 -11.48
CA HIS A 117 -2.46 -22.92 -11.75
C HIS A 117 -3.60 -23.82 -11.26
N HIS A 118 -4.01 -24.76 -12.08
CA HIS A 118 -5.12 -25.68 -11.70
C HIS A 118 -4.65 -26.66 -10.63
N HIS A 119 -5.46 -26.85 -9.62
CA HIS A 119 -5.11 -27.76 -8.52
C HIS A 119 -5.21 -29.21 -8.99
N HIS A 120 -4.38 -30.06 -8.43
CA HIS A 120 -4.38 -31.50 -8.80
C HIS A 120 -4.48 -31.65 -10.31
N MET A 1 -5.28 -4.18 13.47
CA MET A 1 -6.44 -4.17 12.53
C MET A 1 -5.90 -4.06 11.11
N ALA A 2 -4.60 -4.11 10.97
CA ALA A 2 -3.94 -4.02 9.64
C ALA A 2 -4.50 -2.82 8.88
N GLU A 3 -3.78 -1.73 8.88
CA GLU A 3 -4.25 -0.51 8.17
C GLU A 3 -3.07 0.29 7.63
N ILE A 4 -3.33 1.10 6.64
CA ILE A 4 -2.27 1.94 6.02
C ILE A 4 -2.51 3.40 6.38
N GLN A 5 -1.48 4.06 6.83
CA GLN A 5 -1.60 5.51 7.22
C GLN A 5 -0.51 6.32 6.54
N PHE A 6 -0.88 7.43 5.97
CA PHE A 6 0.10 8.31 5.29
C PHE A 6 0.61 9.37 6.26
N SER A 7 -0.23 10.31 6.60
CA SER A 7 0.19 11.41 7.54
C SER A 7 -0.48 11.21 8.91
N LYS A 8 0.33 11.12 9.93
CA LYS A 8 -0.16 10.93 11.31
C LYS A 8 -1.31 9.93 11.37
N GLY A 9 -1.97 9.87 12.50
CA GLY A 9 -3.11 8.93 12.67
C GLY A 9 -4.29 9.39 11.84
N VAL A 10 -4.32 8.99 10.59
CA VAL A 10 -5.43 9.38 9.68
C VAL A 10 -6.13 8.13 9.16
N ALA A 11 -7.44 8.14 9.22
CA ALA A 11 -8.24 6.98 8.75
C ALA A 11 -7.94 6.69 7.29
N GLU A 12 -7.92 5.43 6.93
CA GLU A 12 -7.64 5.05 5.52
C GLU A 12 -8.59 3.93 5.10
N THR A 13 -8.33 2.71 5.53
CA THR A 13 -9.19 1.54 5.17
C THR A 13 -9.68 1.69 3.71
N VAL A 14 -8.90 2.30 2.87
CA VAL A 14 -9.28 2.48 1.44
C VAL A 14 -9.25 1.13 0.72
N VAL A 15 -8.56 0.17 1.27
CA VAL A 15 -8.48 -1.18 0.65
C VAL A 15 -7.78 -1.10 -0.70
N PRO A 16 -6.61 -0.52 -0.73
CA PRO A 16 -5.81 -0.37 -1.99
C PRO A 16 -5.36 -1.73 -2.56
N GLU A 17 -5.21 -1.80 -3.85
CA GLU A 17 -4.78 -3.07 -4.50
C GLU A 17 -3.32 -3.37 -4.17
N VAL A 18 -3.05 -4.58 -3.78
CA VAL A 18 -1.66 -4.99 -3.42
C VAL A 18 -1.07 -5.85 -4.54
N ARG A 19 0.10 -5.49 -4.99
CA ARG A 19 0.77 -6.26 -6.08
C ARG A 19 2.24 -6.48 -5.72
N LEU A 20 2.71 -7.68 -5.95
CA LEU A 20 4.13 -8.03 -5.64
C LEU A 20 4.94 -8.10 -6.93
N SER A 21 6.00 -7.34 -6.99
CA SER A 21 6.88 -7.32 -8.20
C SER A 21 8.35 -7.44 -7.81
N LYS A 22 9.15 -7.96 -8.70
CA LYS A 22 10.61 -8.13 -8.40
C LYS A 22 11.42 -7.08 -9.16
N SER A 23 12.56 -6.75 -8.61
CA SER A 23 13.45 -5.72 -9.23
C SER A 23 13.72 -6.05 -10.70
N LYS A 24 14.43 -5.17 -11.36
CA LYS A 24 14.75 -5.37 -12.80
C LYS A 24 15.63 -6.61 -12.96
N ASN A 25 16.59 -6.78 -12.09
CA ASN A 25 17.50 -7.97 -12.19
C ASN A 25 16.99 -9.03 -11.21
N GLY A 26 15.97 -8.71 -10.46
CA GLY A 26 15.40 -9.68 -9.48
C GLY A 26 16.38 -9.89 -8.33
N GLN A 27 17.30 -8.95 -8.15
CA GLN A 27 18.30 -9.07 -7.06
C GLN A 27 17.73 -8.41 -5.79
N SER A 28 16.57 -7.81 -5.91
CA SER A 28 15.95 -7.15 -4.73
C SER A 28 14.42 -7.28 -4.82
N GLY A 29 13.83 -7.89 -3.83
CA GLY A 29 12.36 -8.08 -3.81
C GLY A 29 11.65 -6.81 -3.35
N MET A 30 10.52 -6.53 -3.94
CA MET A 30 9.76 -5.30 -3.57
C MET A 30 8.27 -5.49 -3.87
N ALA A 31 7.45 -4.62 -3.35
CA ALA A 31 5.97 -4.73 -3.58
C ALA A 31 5.43 -3.36 -3.98
N LYS A 32 4.47 -3.37 -4.87
CA LYS A 32 3.86 -2.10 -5.37
C LYS A 32 2.44 -1.96 -4.85
N PHE A 33 2.05 -0.74 -4.53
CA PHE A 33 0.69 -0.48 -4.02
C PHE A 33 0.00 0.56 -4.91
N TYR A 34 -1.25 0.31 -5.23
CA TYR A 34 -2.02 1.24 -6.10
C TYR A 34 -3.24 1.75 -5.35
N PHE A 35 -3.38 3.04 -5.30
CA PHE A 35 -4.54 3.67 -4.58
C PHE A 35 -5.51 4.25 -5.60
N LEU A 36 -6.72 3.77 -5.60
CA LEU A 36 -7.74 4.26 -6.57
C LEU A 36 -8.67 5.27 -5.88
N GLU A 37 -8.74 6.45 -6.41
CA GLU A 37 -9.60 7.52 -5.84
C GLU A 37 -9.52 7.50 -4.31
N PRO A 38 -8.33 7.62 -3.77
CA PRO A 38 -8.12 7.61 -2.29
C PRO A 38 -8.78 8.81 -1.59
N THR A 39 -9.28 8.58 -0.41
CA THR A 39 -9.95 9.65 0.38
C THR A 39 -8.92 10.68 0.85
N ILE A 40 -7.67 10.29 0.91
CA ILE A 40 -6.62 11.22 1.37
C ILE A 40 -6.56 12.44 0.45
N LEU A 41 -7.41 12.47 -0.55
CA LEU A 41 -7.43 13.63 -1.48
C LEU A 41 -8.39 14.68 -0.93
N ALA A 42 -9.17 14.33 0.04
CA ALA A 42 -10.13 15.29 0.65
C ALA A 42 -9.57 15.82 1.96
N LYS A 43 -8.55 15.18 2.47
CA LYS A 43 -7.93 15.63 3.76
C LYS A 43 -6.64 16.39 3.47
N GLU A 44 -5.78 15.82 2.66
CA GLU A 44 -4.49 16.50 2.33
C GLU A 44 -4.18 16.35 0.84
N SER A 45 -3.40 17.25 0.31
CA SER A 45 -3.05 17.21 -1.14
C SER A 45 -2.05 16.08 -1.41
N THR A 46 -1.98 15.67 -2.64
CA THR A 46 -1.04 14.56 -3.02
C THR A 46 0.41 15.02 -2.82
N ASP A 47 0.66 16.28 -3.06
CA ASP A 47 2.05 16.81 -2.91
C ASP A 47 2.38 16.94 -1.42
N ASP A 48 1.39 16.93 -0.57
CA ASP A 48 1.63 17.06 0.89
C ASP A 48 1.95 15.69 1.50
N ILE A 49 1.92 14.65 0.70
CA ILE A 49 2.19 13.28 1.23
C ILE A 49 3.70 13.00 1.20
N THR A 50 4.25 12.65 2.34
CA THR A 50 5.71 12.34 2.43
C THR A 50 5.91 10.90 2.92
N GLY A 51 6.02 9.99 1.98
CA GLY A 51 6.25 8.56 2.34
C GLY A 51 4.95 7.90 2.79
N MET A 52 5.04 6.66 3.20
CA MET A 52 3.84 5.91 3.66
C MET A 52 4.16 5.17 4.96
N TYR A 53 3.29 5.30 5.92
CA TYR A 53 3.50 4.63 7.25
C TYR A 53 2.55 3.44 7.38
N LEU A 54 3.10 2.26 7.35
CA LEU A 54 2.28 1.03 7.47
C LEU A 54 2.05 0.71 8.94
N ILE A 55 0.83 0.80 9.38
CA ILE A 55 0.49 0.51 10.80
C ILE A 55 -0.33 -0.77 10.88
N ASP A 56 0.09 -1.67 11.75
CA ASP A 56 -0.62 -2.98 11.91
C ASP A 56 -0.80 -3.28 13.40
N ASP A 57 0.23 -3.79 14.02
CA ASP A 57 0.15 -4.14 15.48
C ASP A 57 1.50 -3.86 16.14
N GLU A 58 1.62 -2.73 16.78
CA GLU A 58 2.88 -2.34 17.48
C GLU A 58 4.00 -2.17 16.45
N GLY A 59 4.07 -3.06 15.51
CA GLY A 59 5.13 -2.99 14.47
C GLY A 59 4.67 -2.12 13.30
N GLU A 60 5.54 -1.28 12.82
CA GLU A 60 5.18 -0.39 11.68
C GLU A 60 6.37 -0.23 10.74
N ILE A 61 6.10 -0.15 9.46
CA ILE A 61 7.19 0.03 8.45
C ILE A 61 6.97 1.33 7.68
N ILE A 62 8.01 2.10 7.54
CA ILE A 62 7.90 3.41 6.83
C ILE A 62 8.56 3.31 5.46
N THR A 63 7.87 3.77 4.44
CA THR A 63 8.41 3.73 3.06
C THR A 63 8.56 5.16 2.53
N ARG A 64 9.75 5.50 2.14
CA ARG A 64 10.03 6.86 1.59
C ARG A 64 9.95 6.81 0.07
N GLU A 65 9.66 5.65 -0.46
CA GLU A 65 9.56 5.50 -1.94
C GLU A 65 8.09 5.61 -2.35
N VAL A 66 7.56 6.80 -2.27
CA VAL A 66 6.13 7.03 -2.64
C VAL A 66 6.04 8.12 -3.72
N LYS A 67 5.28 7.86 -4.75
CA LYS A 67 5.11 8.85 -5.85
C LYS A 67 3.62 8.97 -6.22
N GLY A 68 3.21 10.17 -6.52
CA GLY A 68 1.78 10.42 -6.90
C GLY A 68 1.51 9.95 -8.31
N LYS A 69 0.34 9.39 -8.53
CA LYS A 69 -0.02 8.90 -9.88
C LYS A 69 -1.10 9.80 -10.47
N PHE A 70 -0.79 10.41 -11.58
CA PHE A 70 -1.76 11.33 -12.25
C PHE A 70 -2.31 10.68 -13.52
N ILE A 71 -3.60 10.57 -13.60
CA ILE A 71 -4.26 9.96 -14.79
C ILE A 71 -5.07 11.03 -15.52
N ASN A 72 -5.02 11.01 -16.82
CA ASN A 72 -5.75 12.00 -17.66
C ASN A 72 -5.26 13.41 -17.34
N GLY A 73 -4.01 13.54 -16.99
CA GLY A 73 -3.44 14.88 -16.68
C GLY A 73 -4.10 15.46 -15.44
N ARG A 74 -4.50 14.61 -14.53
CA ARG A 74 -5.14 15.10 -13.29
C ARG A 74 -5.04 14.03 -12.20
N PRO A 75 -5.03 14.43 -10.95
CA PRO A 75 -4.96 13.48 -9.80
C PRO A 75 -6.04 12.40 -9.88
N THR A 76 -5.69 11.19 -9.51
CA THR A 76 -6.67 10.08 -9.59
C THR A 76 -6.19 8.92 -8.71
N ALA A 77 -4.90 8.69 -8.64
CA ALA A 77 -4.39 7.56 -7.81
C ALA A 77 -2.96 7.84 -7.36
N ILE A 78 -2.47 7.00 -6.48
CA ILE A 78 -1.07 7.15 -5.95
C ILE A 78 -0.37 5.79 -5.98
N GLU A 79 0.79 5.74 -6.57
CA GLU A 79 1.55 4.47 -6.67
C GLU A 79 2.78 4.54 -5.75
N ALA A 80 3.12 3.43 -5.15
CA ALA A 80 4.30 3.41 -4.23
C ALA A 80 4.95 2.03 -4.26
N THR A 81 6.25 1.98 -4.07
CA THR A 81 6.99 0.68 -4.08
C THR A 81 7.72 0.48 -2.76
N VAL A 82 7.53 -0.66 -2.15
CA VAL A 82 8.22 -0.97 -0.86
C VAL A 82 9.39 -1.92 -1.11
N ILE A 83 10.57 -1.43 -0.91
CA ILE A 83 11.79 -2.27 -1.13
C ILE A 83 12.05 -3.12 0.11
N LEU A 84 12.22 -4.40 -0.11
CA LEU A 84 12.51 -5.35 1.03
C LEU A 84 13.88 -5.99 0.79
N ASN A 85 14.91 -5.19 0.78
CA ASN A 85 16.29 -5.72 0.59
C ASN A 85 16.69 -6.61 1.77
N SER A 86 16.30 -6.23 2.96
CA SER A 86 16.66 -7.04 4.17
C SER A 86 16.02 -8.42 4.08
N GLN A 87 16.69 -9.39 4.64
CA GLN A 87 16.17 -10.79 4.59
C GLN A 87 15.03 -10.97 5.61
N PRO A 88 15.30 -10.80 6.88
CA PRO A 88 14.26 -10.98 7.94
C PRO A 88 13.06 -10.06 7.70
N GLU A 89 13.28 -8.96 7.04
CA GLU A 89 12.18 -8.00 6.77
C GLU A 89 11.18 -8.63 5.79
N TRP A 90 11.64 -9.42 4.87
CA TRP A 90 10.73 -10.06 3.89
C TRP A 90 9.74 -10.98 4.63
N ASP A 91 10.25 -11.75 5.55
CA ASP A 91 9.38 -12.69 6.31
C ASP A 91 8.33 -11.92 7.10
N ARG A 92 8.74 -10.89 7.80
CA ARG A 92 7.77 -10.09 8.60
C ARG A 92 6.78 -9.39 7.68
N PHE A 93 7.26 -8.85 6.59
CA PHE A 93 6.37 -8.13 5.63
C PHE A 93 5.31 -9.09 5.09
N MET A 94 5.72 -10.28 4.75
CA MET A 94 4.77 -11.27 4.18
C MET A 94 3.69 -11.60 5.21
N ARG A 95 4.06 -11.70 6.46
CA ARG A 95 3.09 -12.03 7.54
C ARG A 95 1.99 -10.97 7.59
N PHE A 96 2.38 -9.72 7.55
CA PHE A 96 1.37 -8.62 7.60
C PHE A 96 0.56 -8.61 6.31
N MET A 97 1.20 -8.89 5.21
CA MET A 97 0.50 -8.90 3.89
C MET A 97 -0.55 -10.01 3.89
N GLU A 98 -0.22 -11.13 4.44
CA GLU A 98 -1.18 -12.28 4.47
C GLU A 98 -2.39 -11.92 5.32
N ARG A 99 -2.17 -11.36 6.48
CA ARG A 99 -3.29 -10.99 7.38
C ARG A 99 -4.13 -9.87 6.77
N TYR A 100 -3.47 -8.89 6.18
CA TYR A 100 -4.20 -7.75 5.57
C TYR A 100 -5.10 -8.26 4.43
N GLY A 101 -4.57 -9.10 3.59
CA GLY A 101 -5.36 -9.62 2.44
C GLY A 101 -6.56 -10.43 2.94
N ALA A 102 -6.40 -11.17 4.01
CA ALA A 102 -7.54 -11.98 4.53
C ALA A 102 -8.68 -11.06 4.93
N GLU A 103 -8.36 -10.04 5.69
CA GLU A 103 -9.40 -9.07 6.12
C GLU A 103 -9.83 -8.24 4.92
N ASN A 104 -8.87 -7.81 4.14
CA ASN A 104 -9.17 -6.97 2.94
C ASN A 104 -9.62 -7.87 1.79
N GLY A 105 -8.69 -8.55 1.16
CA GLY A 105 -9.03 -9.44 0.02
C GLY A 105 -8.89 -8.67 -1.28
N LEU A 106 -7.81 -7.96 -1.43
CA LEU A 106 -7.56 -7.17 -2.67
C LEU A 106 -8.83 -6.49 -3.13
N GLY A 107 -8.98 -5.23 -2.81
CA GLY A 107 -10.19 -4.47 -3.19
C GLY A 107 -10.62 -4.84 -4.62
N PHE A 108 -11.62 -5.69 -4.73
CA PHE A 108 -12.12 -6.12 -6.06
C PHE A 108 -12.71 -4.92 -6.81
N SER A 109 -13.47 -4.11 -6.13
CA SER A 109 -14.09 -2.92 -6.78
C SER A 109 -14.56 -1.94 -5.71
N LYS A 110 -13.68 -1.61 -4.79
CA LYS A 110 -14.00 -0.65 -3.68
C LYS A 110 -15.41 -0.89 -3.13
N SER A 111 -15.88 0.02 -2.33
CA SER A 111 -17.24 -0.09 -1.72
C SER A 111 -17.37 -1.41 -0.97
N GLU A 112 -18.31 -1.46 -0.06
CA GLU A 112 -18.57 -2.68 0.74
C GLU A 112 -17.33 -3.06 1.57
N LEU A 113 -16.25 -3.36 0.90
CA LEU A 113 -15.00 -3.74 1.61
C LEU A 113 -14.51 -2.57 2.47
N GLU A 114 -14.58 -1.38 1.95
CA GLU A 114 -14.13 -0.19 2.71
C GLU A 114 -14.86 -0.12 4.06
N HIS A 115 -16.07 0.37 4.04
CA HIS A 115 -16.85 0.51 5.30
C HIS A 115 -17.49 -0.83 5.66
N HIS A 116 -17.44 -1.18 6.92
CA HIS A 116 -18.03 -2.47 7.39
C HIS A 116 -18.57 -2.31 8.81
N HIS A 117 -19.68 -2.93 9.07
CA HIS A 117 -20.31 -2.83 10.43
C HIS A 117 -20.09 -4.13 11.19
N HIS A 118 -19.63 -4.02 12.41
CA HIS A 118 -19.37 -5.22 13.27
C HIS A 118 -20.51 -5.40 14.26
N HIS A 119 -21.01 -6.61 14.38
CA HIS A 119 -22.13 -6.90 15.32
C HIS A 119 -21.61 -7.66 16.54
N HIS A 120 -22.04 -7.24 17.70
CA HIS A 120 -21.60 -7.91 18.96
C HIS A 120 -22.68 -7.71 20.04
N MET A 1 -5.15 -8.65 12.27
CA MET A 1 -5.11 -7.19 12.53
C MET A 1 -4.13 -6.51 11.59
N ALA A 2 -4.53 -5.42 11.01
CA ALA A 2 -3.64 -4.67 10.06
C ALA A 2 -4.32 -3.39 9.59
N GLU A 3 -3.55 -2.37 9.34
CA GLU A 3 -4.11 -1.08 8.88
C GLU A 3 -3.06 -0.30 8.07
N ILE A 4 -3.48 0.25 6.96
CA ILE A 4 -2.57 1.04 6.08
C ILE A 4 -3.08 2.47 5.96
N GLN A 5 -2.22 3.42 6.23
CA GLN A 5 -2.62 4.85 6.14
C GLN A 5 -1.39 5.71 5.84
N PHE A 6 -1.61 6.89 5.33
CA PHE A 6 -0.49 7.81 4.99
C PHE A 6 -0.16 8.69 6.18
N SER A 7 -0.88 8.52 7.27
CA SER A 7 -0.62 9.35 8.48
C SER A 7 -0.90 8.52 9.74
N LYS A 8 -1.59 9.10 10.69
CA LYS A 8 -1.90 8.39 11.95
C LYS A 8 -3.28 8.83 12.48
N GLY A 9 -4.26 8.00 12.27
CA GLY A 9 -5.65 8.30 12.73
C GLY A 9 -6.49 8.71 11.53
N VAL A 10 -5.93 8.66 10.36
CA VAL A 10 -6.67 9.04 9.14
C VAL A 10 -7.25 7.79 8.47
N ALA A 11 -7.38 6.72 9.22
CA ALA A 11 -7.92 5.44 8.68
C ALA A 11 -8.97 5.72 7.59
N GLU A 12 -8.66 5.37 6.38
CA GLU A 12 -9.60 5.60 5.24
C GLU A 12 -10.41 4.33 5.01
N THR A 13 -10.06 3.27 5.68
CA THR A 13 -10.80 1.97 5.52
C THR A 13 -10.86 1.60 4.05
N VAL A 14 -10.07 2.25 3.24
CA VAL A 14 -10.06 1.97 1.77
C VAL A 14 -9.46 0.59 1.50
N VAL A 15 -9.82 0.01 0.38
CA VAL A 15 -9.31 -1.33 0.00
C VAL A 15 -8.45 -1.23 -1.27
N PRO A 16 -7.18 -0.90 -1.12
CA PRO A 16 -6.24 -0.76 -2.26
C PRO A 16 -5.74 -2.11 -2.78
N GLU A 17 -5.37 -2.16 -4.03
CA GLU A 17 -4.88 -3.43 -4.62
C GLU A 17 -3.40 -3.59 -4.34
N VAL A 18 -2.96 -4.82 -4.24
CA VAL A 18 -1.52 -5.12 -3.94
C VAL A 18 -0.95 -6.02 -5.02
N ARG A 19 0.20 -5.66 -5.53
CA ARG A 19 0.85 -6.48 -6.60
C ARG A 19 2.32 -6.72 -6.24
N LEU A 20 2.78 -7.91 -6.48
CA LEU A 20 4.20 -8.27 -6.17
C LEU A 20 5.06 -8.11 -7.41
N SER A 21 6.28 -7.68 -7.21
CA SER A 21 7.22 -7.50 -8.35
C SER A 21 8.66 -7.58 -7.86
N LYS A 22 9.58 -7.63 -8.78
CA LYS A 22 11.04 -7.70 -8.41
C LYS A 22 11.86 -6.85 -9.37
N SER A 23 12.62 -5.93 -8.82
CA SER A 23 13.48 -5.03 -9.63
C SER A 23 12.78 -4.66 -10.93
N LYS A 24 11.47 -4.61 -10.89
CA LYS A 24 10.68 -4.28 -12.11
C LYS A 24 10.99 -5.28 -13.22
N ASN A 25 11.84 -6.23 -12.94
CA ASN A 25 12.20 -7.25 -13.95
C ASN A 25 12.61 -8.55 -13.23
N GLY A 26 13.53 -8.45 -12.31
CA GLY A 26 14.00 -9.67 -11.57
C GLY A 26 15.46 -9.50 -11.16
N GLN A 27 15.69 -9.10 -9.94
CA GLN A 27 17.08 -8.92 -9.44
C GLN A 27 17.03 -8.62 -7.94
N SER A 28 15.96 -8.04 -7.48
CA SER A 28 15.83 -7.71 -6.03
C SER A 28 14.36 -7.72 -5.62
N GLY A 29 14.13 -7.83 -4.34
CA GLY A 29 12.74 -7.86 -3.82
C GLY A 29 12.05 -6.52 -4.03
N MET A 30 10.81 -6.55 -4.39
CA MET A 30 10.05 -5.28 -4.62
C MET A 30 8.56 -5.51 -4.43
N ALA A 31 7.87 -4.48 -4.03
CA ALA A 31 6.39 -4.58 -3.83
C ALA A 31 5.74 -3.28 -4.28
N LYS A 32 4.70 -3.40 -5.08
CA LYS A 32 4.00 -2.18 -5.59
C LYS A 32 2.59 -2.13 -5.02
N PHE A 33 2.21 -0.98 -4.54
CA PHE A 33 0.85 -0.79 -3.96
C PHE A 33 0.09 0.23 -4.79
N TYR A 34 -1.12 -0.08 -5.15
CA TYR A 34 -1.95 0.85 -5.98
C TYR A 34 -3.16 1.31 -5.16
N PHE A 35 -3.27 2.59 -4.92
CA PHE A 35 -4.44 3.09 -4.12
C PHE A 35 -5.40 3.88 -5.03
N LEU A 36 -6.62 3.41 -5.10
CA LEU A 36 -7.67 4.06 -5.93
C LEU A 36 -8.56 4.95 -5.05
N GLU A 37 -8.48 6.23 -5.30
CA GLU A 37 -9.29 7.26 -4.58
C GLU A 37 -9.19 7.12 -3.05
N PRO A 38 -8.09 7.52 -2.46
CA PRO A 38 -7.90 7.48 -0.99
C PRO A 38 -8.53 8.69 -0.30
N THR A 39 -9.37 9.38 -1.03
CA THR A 39 -10.05 10.59 -0.47
C THR A 39 -9.07 11.40 0.39
N ILE A 40 -7.79 11.22 0.15
CA ILE A 40 -6.76 11.97 0.94
C ILE A 40 -6.41 13.25 0.19
N LEU A 41 -7.00 13.47 -0.96
CA LEU A 41 -6.70 14.71 -1.74
C LEU A 41 -7.60 15.83 -1.22
N ALA A 42 -8.53 15.51 -0.37
CA ALA A 42 -9.45 16.54 0.20
C ALA A 42 -8.90 16.99 1.56
N LYS A 43 -8.03 16.21 2.14
CA LYS A 43 -7.45 16.57 3.47
C LYS A 43 -5.99 16.98 3.29
N GLU A 44 -5.31 16.36 2.36
CA GLU A 44 -3.88 16.70 2.11
C GLU A 44 -3.57 16.61 0.61
N SER A 45 -2.77 17.52 0.13
CA SER A 45 -2.41 17.53 -1.31
C SER A 45 -1.34 16.47 -1.59
N THR A 46 -1.12 16.20 -2.84
CA THR A 46 -0.10 15.17 -3.23
C THR A 46 1.27 15.65 -2.79
N ASP A 47 1.49 16.93 -2.82
CA ASP A 47 2.82 17.49 -2.42
C ASP A 47 3.04 17.24 -0.93
N ASP A 48 2.00 17.31 -0.14
CA ASP A 48 2.16 17.09 1.33
C ASP A 48 2.48 15.62 1.59
N ILE A 49 2.20 14.77 0.65
CA ILE A 49 2.48 13.31 0.83
C ILE A 49 3.88 13.00 0.28
N THR A 50 4.71 12.42 1.12
CA THR A 50 6.10 12.08 0.70
C THR A 50 6.49 10.74 1.34
N GLY A 51 5.53 10.04 1.89
CA GLY A 51 5.83 8.73 2.53
C GLY A 51 4.52 8.04 2.94
N MET A 52 4.63 6.84 3.43
CA MET A 52 3.42 6.09 3.87
C MET A 52 3.70 5.39 5.19
N TYR A 53 2.72 5.31 6.03
CA TYR A 53 2.89 4.65 7.36
C TYR A 53 2.13 3.32 7.38
N LEU A 54 2.86 2.25 7.47
CA LEU A 54 2.24 0.89 7.50
C LEU A 54 2.09 0.44 8.96
N ILE A 55 0.87 0.30 9.40
CA ILE A 55 0.61 -0.14 10.80
C ILE A 55 0.31 -1.63 10.83
N ASP A 56 1.22 -2.40 11.35
CA ASP A 56 1.03 -3.87 11.45
C ASP A 56 0.33 -4.22 12.75
N ASP A 57 1.10 -4.41 13.80
CA ASP A 57 0.49 -4.75 15.12
C ASP A 57 1.50 -4.42 16.23
N GLU A 58 2.64 -5.07 16.23
CA GLU A 58 3.68 -4.79 17.29
C GLU A 58 4.79 -3.95 16.67
N GLY A 59 4.54 -3.40 15.52
CA GLY A 59 5.56 -2.55 14.84
C GLY A 59 4.95 -1.88 13.62
N GLU A 60 5.69 -1.01 12.99
CA GLU A 60 5.19 -0.29 11.78
C GLU A 60 6.34 0.00 10.82
N ILE A 61 6.06 0.00 9.55
CA ILE A 61 7.12 0.26 8.52
C ILE A 61 6.79 1.54 7.76
N ILE A 62 7.76 2.40 7.64
CA ILE A 62 7.58 3.70 6.92
C ILE A 62 8.44 3.72 5.68
N THR A 63 7.87 4.08 4.57
CA THR A 63 8.63 4.14 3.28
C THR A 63 8.49 5.52 2.66
N ARG A 64 9.59 6.09 2.27
CA ARG A 64 9.57 7.45 1.64
C ARG A 64 9.48 7.29 0.13
N GLU A 65 9.37 6.06 -0.33
CA GLU A 65 9.27 5.80 -1.80
C GLU A 65 7.80 5.82 -2.20
N VAL A 66 7.20 6.98 -2.22
CA VAL A 66 5.77 7.10 -2.60
C VAL A 66 5.62 8.08 -3.76
N LYS A 67 4.87 7.69 -4.75
CA LYS A 67 4.64 8.57 -5.94
C LYS A 67 3.16 8.60 -6.30
N GLY A 68 2.69 9.74 -6.71
CA GLY A 68 1.26 9.91 -7.07
C GLY A 68 1.03 9.56 -8.55
N LYS A 69 -0.14 9.07 -8.86
CA LYS A 69 -0.48 8.71 -10.27
C LYS A 69 -1.50 9.69 -10.81
N PHE A 70 -1.23 10.20 -11.99
CA PHE A 70 -2.15 11.18 -12.63
C PHE A 70 -3.00 10.47 -13.67
N ILE A 71 -4.30 10.61 -13.55
CA ILE A 71 -5.24 9.97 -14.52
C ILE A 71 -6.14 11.04 -15.14
N ASN A 72 -6.26 10.98 -16.43
CA ASN A 72 -7.10 11.94 -17.19
C ASN A 72 -6.62 13.38 -16.96
N GLY A 73 -5.37 13.55 -16.64
CA GLY A 73 -4.81 14.93 -16.45
C GLY A 73 -5.02 15.40 -15.02
N ARG A 74 -5.02 14.52 -14.05
CA ARG A 74 -5.19 14.96 -12.64
C ARG A 74 -4.89 13.80 -11.66
N PRO A 75 -4.41 14.12 -10.48
CA PRO A 75 -4.07 13.11 -9.43
C PRO A 75 -5.31 12.43 -8.87
N THR A 76 -5.74 11.37 -9.50
CA THR A 76 -6.95 10.62 -9.03
C THR A 76 -6.52 9.32 -8.34
N ALA A 77 -5.29 8.92 -8.51
CA ALA A 77 -4.82 7.65 -7.87
C ALA A 77 -3.40 7.82 -7.37
N ILE A 78 -3.05 7.10 -6.34
CA ILE A 78 -1.69 7.19 -5.75
C ILE A 78 -1.12 5.80 -5.52
N GLU A 79 0.13 5.60 -5.88
CA GLU A 79 0.78 4.27 -5.69
C GLU A 79 2.08 4.42 -4.91
N ALA A 80 2.58 3.33 -4.41
CA ALA A 80 3.85 3.35 -3.63
C ALA A 80 4.65 2.09 -3.91
N THR A 81 5.94 2.20 -3.83
CA THR A 81 6.84 1.02 -4.10
C THR A 81 7.75 0.79 -2.90
N VAL A 82 7.75 -0.41 -2.39
CA VAL A 82 8.61 -0.75 -1.20
C VAL A 82 9.67 -1.76 -1.61
N ILE A 83 10.90 -1.50 -1.22
CA ILE A 83 12.03 -2.41 -1.56
C ILE A 83 12.27 -3.38 -0.41
N LEU A 84 12.24 -4.66 -0.70
CA LEU A 84 12.46 -5.71 0.33
C LEU A 84 13.80 -6.39 0.04
N ASN A 85 14.88 -5.72 0.35
CA ASN A 85 16.24 -6.29 0.12
C ASN A 85 16.75 -6.92 1.41
N SER A 86 15.95 -6.89 2.46
CA SER A 86 16.39 -7.49 3.76
C SER A 86 15.50 -8.67 4.14
N GLN A 87 16.09 -9.67 4.73
CA GLN A 87 15.32 -10.87 5.15
C GLN A 87 14.34 -10.54 6.27
N PRO A 88 14.77 -9.84 7.29
CA PRO A 88 13.88 -9.47 8.43
C PRO A 88 12.60 -8.79 7.94
N GLU A 89 12.74 -7.97 6.93
CA GLU A 89 11.55 -7.26 6.37
C GLU A 89 10.61 -8.27 5.73
N TRP A 90 11.15 -9.24 5.06
CA TRP A 90 10.31 -10.28 4.40
C TRP A 90 9.51 -11.05 5.44
N ASP A 91 10.11 -11.32 6.58
CA ASP A 91 9.41 -12.08 7.64
C ASP A 91 8.16 -11.34 8.07
N ARG A 92 8.30 -10.08 8.39
CA ARG A 92 7.12 -9.28 8.84
C ARG A 92 6.25 -8.91 7.64
N PHE A 93 6.87 -8.60 6.53
CA PHE A 93 6.09 -8.23 5.32
C PHE A 93 5.27 -9.43 4.85
N MET A 94 5.87 -10.58 4.84
CA MET A 94 5.15 -11.81 4.39
C MET A 94 3.96 -12.05 5.31
N ARG A 95 4.18 -11.97 6.59
CA ARG A 95 3.09 -12.20 7.58
C ARG A 95 2.05 -11.08 7.45
N PHE A 96 2.51 -9.87 7.26
CA PHE A 96 1.58 -8.71 7.13
C PHE A 96 0.71 -8.88 5.88
N MET A 97 1.32 -9.28 4.80
CA MET A 97 0.57 -9.46 3.52
C MET A 97 -0.48 -10.54 3.71
N GLU A 98 -0.15 -11.60 4.40
CA GLU A 98 -1.11 -12.71 4.61
C GLU A 98 -2.28 -12.22 5.47
N ARG A 99 -1.99 -11.65 6.60
CA ARG A 99 -3.07 -11.15 7.50
C ARG A 99 -3.80 -9.99 6.82
N TYR A 100 -3.07 -9.09 6.24
CA TYR A 100 -3.70 -7.93 5.54
C TYR A 100 -4.54 -8.43 4.37
N GLY A 101 -3.97 -9.31 3.59
CA GLY A 101 -4.71 -9.85 2.41
C GLY A 101 -5.90 -10.69 2.89
N ALA A 102 -5.73 -11.36 3.99
CA ALA A 102 -6.84 -12.22 4.51
C ALA A 102 -8.09 -11.37 4.72
N GLU A 103 -7.92 -10.21 5.32
CA GLU A 103 -9.09 -9.32 5.57
C GLU A 103 -9.53 -8.71 4.24
N ASN A 104 -8.62 -8.05 3.57
CA ASN A 104 -8.95 -7.42 2.26
C ASN A 104 -7.71 -6.78 1.66
N GLY A 105 -7.90 -5.86 0.74
CA GLY A 105 -6.76 -5.17 0.09
C GLY A 105 -6.37 -5.90 -1.20
N LEU A 106 -7.23 -6.76 -1.66
CA LEU A 106 -6.94 -7.53 -2.90
C LEU A 106 -7.36 -6.70 -4.11
N GLY A 107 -7.80 -5.49 -3.88
CA GLY A 107 -8.22 -4.60 -5.01
C GLY A 107 -9.72 -4.66 -5.20
N PHE A 108 -10.15 -4.73 -6.43
CA PHE A 108 -11.60 -4.80 -6.75
C PHE A 108 -12.36 -3.64 -6.11
N SER A 109 -13.58 -3.44 -6.51
CA SER A 109 -14.42 -2.33 -5.98
C SER A 109 -14.73 -2.56 -4.49
N LYS A 110 -14.68 -1.50 -3.74
CA LYS A 110 -14.95 -1.58 -2.27
C LYS A 110 -16.44 -1.71 -1.99
N SER A 111 -16.79 -2.49 -1.00
CA SER A 111 -18.22 -2.67 -0.64
C SER A 111 -18.36 -3.75 0.42
N GLU A 112 -18.40 -4.99 0.01
CA GLU A 112 -18.56 -6.12 0.99
C GLU A 112 -17.18 -6.52 1.53
N LEU A 113 -16.14 -6.04 0.91
CA LEU A 113 -14.76 -6.38 1.37
C LEU A 113 -14.49 -5.76 2.74
N GLU A 114 -15.04 -4.60 3.00
CA GLU A 114 -14.80 -3.93 4.30
C GLU A 114 -15.35 -4.80 5.44
N HIS A 115 -16.51 -5.36 5.24
CA HIS A 115 -17.12 -6.23 6.29
C HIS A 115 -18.05 -7.25 5.65
N HIS A 116 -19.24 -7.37 6.17
CA HIS A 116 -20.22 -8.34 5.62
C HIS A 116 -21.64 -7.92 6.03
N HIS A 117 -21.89 -7.83 7.31
CA HIS A 117 -23.24 -7.45 7.81
C HIS A 117 -23.44 -5.93 7.69
N HIS A 118 -24.62 -5.52 7.32
CA HIS A 118 -24.92 -4.07 7.17
C HIS A 118 -25.23 -3.48 8.55
N HIS A 119 -25.24 -4.30 9.56
CA HIS A 119 -25.53 -3.82 10.94
C HIS A 119 -24.50 -2.76 11.34
N HIS A 120 -23.26 -2.98 11.00
CA HIS A 120 -22.18 -2.02 11.35
C HIS A 120 -22.57 -0.61 10.88
#